data_1TG6
#
_entry.id   1TG6
#
_cell.length_a   162.570
_cell.length_b   119.002
_cell.length_c   118.650
_cell.angle_alpha   90
_cell.angle_beta   130.159
_cell.angle_gamma   90
#
_symmetry.space_group_name_H-M   'C 1 2 1'
#
loop_
_entity.id
_entity.type
_entity.pdbx_description
1 polymer 'Putative ATP-dependent Clp protease proteolytic subunit'
2 non-polymer '1,4-DIETHYLENE DIOXIDE'
3 non-polymer 1,2-ETHANEDIOL
4 non-polymer GLYCEROL
5 non-polymer N-FORMYLMETHIONINE
6 water water
#
_entity_poly.entity_id   1
_entity_poly.type   'polypeptide(L)'
_entity_poly.pdbx_seq_one_letter_code
;MWPGILVGGARVASCRYPALGPRLAAHFPAQRPPQRTLQNGLALQRCLHATATRALPLIPIVVEQTGRGERAYDIYSRLL
RERIVCVMGPIDDSVASLVIAQLLFLQSESNKKPIHMYINSPGGVVTAGLAIYDTMQYILNPICTWCVGQAASMGSLLLA
AGTPGMRHSLPNSRIMIHQPSGGARGQATDIAIQAEEIMKLKKQLYNIYAKHTKQSLQVIESAMERDRYMSPMEAQEFGI
LDKVLVHPPQDGEDEPTLVQKEPVEAAPAAEPVPAST
;
_entity_poly.pdbx_strand_id   A,B,C,D,E,F,G
#
loop_
_chem_comp.id
_chem_comp.type
_chem_comp.name
_chem_comp.formula
DIO non-polymer '1,4-DIETHYLENE DIOXIDE' 'C4 H8 O2'
EDO non-polymer 1,2-ETHANEDIOL 'C2 H6 O2'
GOL non-polymer GLYCEROL 'C3 H8 O3'
#
# COMPACT_ATOMS: atom_id res chain seq x y z
N PRO A 57 8.94 4.21 -0.05
CA PRO A 57 9.66 5.05 0.84
C PRO A 57 10.93 4.34 1.06
N LEU A 58 11.55 4.41 2.19
CA LEU A 58 12.86 3.77 2.41
C LEU A 58 13.34 2.73 1.42
N ILE A 59 13.90 3.38 0.38
CA ILE A 59 14.39 2.77 -0.79
C ILE A 59 15.77 2.99 -1.51
N PRO A 60 16.73 3.98 -1.35
CA PRO A 60 17.70 4.46 -2.50
C PRO A 60 17.90 3.67 -3.82
N ILE A 61 18.10 4.35 -5.02
CA ILE A 61 18.37 3.71 -6.33
C ILE A 61 19.55 4.38 -7.01
N VAL A 62 20.42 3.50 -7.47
CA VAL A 62 21.68 3.84 -8.10
C VAL A 62 21.64 3.62 -9.61
N VAL A 63 22.70 2.50 -9.39
CA VAL A 63 23.15 2.72 -10.68
C VAL A 63 22.81 1.77 -11.73
N TYR A 73 20.18 -2.09 -9.28
CA TYR A 73 19.54 -0.76 -8.94
C TYR A 73 19.32 -0.46 -7.53
N ASP A 74 18.21 -1.06 -6.85
CA ASP A 74 17.92 -0.91 -5.48
C ASP A 74 19.24 -1.14 -4.77
N ILE A 75 19.55 -0.35 -3.76
CA ILE A 75 20.86 -0.48 -3.09
C ILE A 75 21.28 -1.91 -2.76
N TYR A 76 20.31 -2.74 -2.37
CA TYR A 76 20.59 -4.12 -2.03
C TYR A 76 20.94 -4.95 -3.26
N SER A 77 20.17 -4.73 -4.34
CA SER A 77 20.40 -5.45 -5.59
C SER A 77 21.81 -5.09 -6.05
N ARG A 78 22.21 -3.87 -5.73
CA ARG A 78 23.53 -3.36 -6.08
C ARG A 78 24.61 -4.13 -5.32
N LEU A 79 24.41 -4.29 -4.02
CA LEU A 79 25.37 -5.00 -3.17
C LEU A 79 25.45 -6.46 -3.57
N LEU A 80 24.32 -7.03 -3.99
CA LEU A 80 24.30 -8.42 -4.39
C LEU A 80 25.23 -8.62 -5.59
N ARG A 81 25.34 -7.60 -6.42
CA ARG A 81 26.22 -7.65 -7.58
C ARG A 81 27.64 -7.87 -7.09
N GLU A 82 27.88 -7.46 -5.85
CA GLU A 82 29.19 -7.61 -5.20
C GLU A 82 29.28 -8.92 -4.44
N ARG A 83 28.26 -9.75 -4.59
CA ARG A 83 28.21 -11.05 -3.92
C ARG A 83 28.03 -10.84 -2.41
N ILE A 84 27.20 -9.85 -2.07
CA ILE A 84 26.90 -9.51 -0.68
C ILE A 84 25.43 -9.78 -0.38
N VAL A 85 25.19 -10.62 0.64
CA VAL A 85 23.84 -10.97 1.05
C VAL A 85 23.57 -10.41 2.45
N CYS A 86 22.51 -9.63 2.58
CA CYS A 86 22.15 -9.04 3.86
C CYS A 86 21.06 -9.79 4.62
N VAL A 87 21.39 -10.23 5.83
CA VAL A 87 20.44 -10.94 6.68
C VAL A 87 20.08 -9.90 7.72
N MET A 88 18.94 -9.24 7.53
CA MET A 88 18.51 -8.17 8.42
C MET A 88 17.16 -8.43 9.08
N GLY A 89 17.03 -8.00 10.33
CA GLY A 89 15.78 -8.17 11.04
C GLY A 89 15.47 -9.58 11.48
N PRO A 90 14.28 -9.80 12.06
CA PRO A 90 13.84 -11.11 12.52
C PRO A 90 13.94 -12.15 11.42
N ILE A 91 14.41 -13.34 11.77
CA ILE A 91 14.54 -14.39 10.79
C ILE A 91 13.29 -15.26 10.72
N ASP A 92 12.64 -15.26 9.56
CA ASP A 92 11.45 -16.07 9.36
C ASP A 92 11.52 -16.73 7.98
N ASP A 93 10.51 -17.53 7.64
CA ASP A 93 10.47 -18.22 6.36
C ASP A 93 10.66 -17.28 5.17
N SER A 94 10.08 -16.09 5.24
CA SER A 94 10.22 -15.13 4.15
C SER A 94 11.68 -14.67 4.02
N VAL A 95 12.28 -14.28 5.13
CA VAL A 95 13.68 -13.84 5.09
C VAL A 95 14.57 -14.95 4.56
N ALA A 96 14.35 -16.17 5.05
CA ALA A 96 15.15 -17.32 4.64
C ALA A 96 15.01 -17.63 3.14
N SER A 97 13.81 -17.50 2.60
CA SER A 97 13.59 -17.78 1.18
C SER A 97 14.44 -16.85 0.32
N LEU A 98 14.43 -15.56 0.66
CA LEU A 98 15.22 -14.57 -0.07
C LEU A 98 16.70 -14.89 0.05
N VAL A 99 17.16 -15.03 1.29
CA VAL A 99 18.57 -15.33 1.54
C VAL A 99 19.01 -16.54 0.74
N ILE A 100 18.30 -17.65 0.90
CA ILE A 100 18.63 -18.88 0.20
C ILE A 100 18.63 -18.66 -1.32
N ALA A 101 17.66 -17.91 -1.82
CA ALA A 101 17.57 -17.63 -3.24
C ALA A 101 18.80 -16.86 -3.70
N GLN A 102 19.21 -15.87 -2.91
CA GLN A 102 20.38 -15.07 -3.25
C GLN A 102 21.64 -15.94 -3.21
N LEU A 103 21.74 -16.79 -2.19
CA LEU A 103 22.90 -17.67 -2.08
C LEU A 103 22.97 -18.56 -3.32
N LEU A 104 21.86 -19.21 -3.64
CA LEU A 104 21.82 -20.09 -4.80
C LEU A 104 22.18 -19.33 -6.07
N PHE A 105 21.81 -18.05 -6.13
CA PHE A 105 22.13 -17.23 -7.29
C PHE A 105 23.63 -16.99 -7.41
N LEU A 106 24.24 -16.60 -6.29
CA LEU A 106 25.66 -16.34 -6.30
C LEU A 106 26.49 -17.59 -6.60
N GLN A 107 26.02 -18.74 -6.15
CA GLN A 107 26.76 -19.97 -6.43
C GLN A 107 26.74 -20.27 -7.92
N SER A 108 25.61 -19.98 -8.57
CA SER A 108 25.51 -20.22 -10.01
C SER A 108 26.40 -19.25 -10.77
N GLU A 109 26.49 -18.02 -10.30
CA GLU A 109 27.34 -17.02 -10.94
C GLU A 109 28.78 -17.47 -10.84
N SER A 110 29.09 -18.22 -9.79
CA SER A 110 30.42 -18.75 -9.54
C SER A 110 30.39 -19.56 -8.25
N ASN A 111 30.93 -20.77 -8.30
CA ASN A 111 30.96 -21.64 -7.13
C ASN A 111 32.30 -21.58 -6.42
N LYS A 112 33.20 -20.74 -6.91
CA LYS A 112 34.51 -20.60 -6.30
C LYS A 112 34.66 -19.26 -5.60
N LYS A 113 34.02 -18.22 -6.14
CA LYS A 113 34.10 -16.90 -5.55
C LYS A 113 33.41 -16.86 -4.20
N PRO A 114 34.06 -16.26 -3.19
CA PRO A 114 33.48 -16.17 -1.85
C PRO A 114 32.20 -15.34 -1.81
N ILE A 115 31.39 -15.58 -0.79
CA ILE A 115 30.14 -14.85 -0.61
C ILE A 115 30.21 -14.15 0.73
N HIS A 116 29.66 -12.95 0.79
CA HIS A 116 29.69 -12.15 2.00
C HIS A 116 28.31 -11.96 2.59
N MET A 117 28.12 -12.49 3.80
CA MET A 117 26.85 -12.42 4.50
C MET A 117 26.93 -11.44 5.66
N TYR A 118 26.27 -10.29 5.53
CA TYR A 118 26.25 -9.28 6.58
C TYR A 118 25.05 -9.57 7.46
N ILE A 119 25.32 -9.84 8.75
CA ILE A 119 24.26 -10.19 9.67
C ILE A 119 23.95 -9.19 10.79
N ASN A 120 22.71 -8.73 10.81
CA ASN A 120 22.21 -7.83 11.85
C ASN A 120 20.83 -8.37 12.15
N SER A 121 20.73 -9.24 13.15
CA SER A 121 19.47 -9.87 13.47
C SER A 121 19.30 -10.29 14.91
N PRO A 122 18.08 -10.10 15.45
CA PRO A 122 17.78 -10.47 16.84
C PRO A 122 17.48 -11.97 16.91
N GLY A 123 17.52 -12.63 15.77
CA GLY A 123 17.22 -14.06 15.70
C GLY A 123 15.89 -14.29 14.99
N GLY A 124 15.24 -15.41 15.28
CA GLY A 124 13.95 -15.69 14.65
C GLY A 124 13.50 -17.13 14.72
N VAL A 125 12.77 -17.59 13.71
CA VAL A 125 12.27 -18.95 13.67
C VAL A 125 13.39 -19.97 13.48
N VAL A 126 13.41 -20.99 14.34
CA VAL A 126 14.45 -22.01 14.27
C VAL A 126 14.53 -22.72 12.92
N THR A 127 13.42 -23.28 12.45
CA THR A 127 13.45 -23.98 11.17
C THR A 127 13.89 -23.06 10.04
N ALA A 128 13.53 -21.78 10.12
CA ALA A 128 13.91 -20.83 9.09
C ALA A 128 15.42 -20.61 9.14
N GLY A 129 15.96 -20.46 10.34
CA GLY A 129 17.38 -20.25 10.49
C GLY A 129 18.16 -21.48 10.06
N LEU A 130 17.62 -22.66 10.34
CA LEU A 130 18.29 -23.90 9.96
C LEU A 130 18.29 -24.09 8.45
N ALA A 131 17.30 -23.51 7.78
CA ALA A 131 17.24 -23.61 6.33
C ALA A 131 18.41 -22.83 5.76
N ILE A 132 18.61 -21.63 6.27
CA ILE A 132 19.72 -20.79 5.81
C ILE A 132 21.02 -21.48 6.19
N TYR A 133 21.07 -22.04 7.39
CA TYR A 133 22.28 -22.74 7.82
C TYR A 133 22.65 -23.88 6.87
N ASP A 134 21.70 -24.75 6.56
CA ASP A 134 21.96 -25.88 5.67
C ASP A 134 22.39 -25.46 4.28
N THR A 135 21.84 -24.35 3.79
CA THR A 135 22.20 -23.87 2.46
C THR A 135 23.65 -23.42 2.47
N MET A 136 24.02 -22.67 3.49
CA MET A 136 25.40 -22.18 3.64
C MET A 136 26.38 -23.34 3.57
N GLN A 137 26.08 -24.42 4.27
CA GLN A 137 26.97 -25.59 4.27
C GLN A 137 26.86 -26.37 2.96
N TYR A 138 25.73 -26.23 2.28
CA TYR A 138 25.50 -26.93 1.03
C TYR A 138 26.31 -26.36 -0.14
N ILE A 139 26.16 -25.08 -0.41
CA ILE A 139 26.90 -24.48 -1.52
C ILE A 139 28.40 -24.64 -1.28
N LEU A 140 29.17 -24.64 -2.36
CA LEU A 140 30.60 -24.84 -2.26
C LEU A 140 31.38 -23.57 -1.96
N ASN A 141 30.78 -22.42 -2.23
CA ASN A 141 31.44 -21.14 -2.01
C ASN A 141 31.86 -20.88 -0.57
N PRO A 142 33.03 -20.25 -0.41
CA PRO A 142 33.49 -19.94 0.95
C PRO A 142 32.57 -18.80 1.36
N ILE A 143 32.11 -18.79 2.60
CA ILE A 143 31.23 -17.72 3.04
C ILE A 143 31.81 -16.95 4.21
N CYS A 144 31.93 -15.64 4.04
CA CYS A 144 32.44 -14.77 5.08
C CYS A 144 31.23 -14.19 5.79
N THR A 145 31.17 -14.37 7.10
CA THR A 145 30.06 -13.83 7.85
C THR A 145 30.55 -12.59 8.61
N TRP A 146 29.68 -11.60 8.71
CA TRP A 146 30.00 -10.35 9.40
C TRP A 146 28.89 -9.97 10.36
N CYS A 147 29.22 -9.85 11.64
CA CYS A 147 28.23 -9.44 12.63
C CYS A 147 28.23 -7.92 12.70
N VAL A 148 27.10 -7.33 12.33
CA VAL A 148 26.94 -5.88 12.35
C VAL A 148 25.76 -5.54 13.25
N GLY A 149 26.00 -4.71 14.26
CA GLY A 149 24.94 -4.37 15.18
C GLY A 149 24.79 -5.50 16.19
N GLN A 150 24.17 -6.60 15.75
CA GLN A 150 24.01 -7.74 16.63
C GLN A 150 23.72 -9.02 15.85
N ALA A 151 24.07 -10.14 16.47
CA ALA A 151 23.83 -11.46 15.92
C ALA A 151 23.31 -12.19 17.15
N ALA A 152 22.00 -12.19 17.32
CA ALA A 152 21.39 -12.84 18.47
C ALA A 152 20.64 -14.10 18.09
N SER A 153 20.64 -15.04 19.01
CA SER A 153 19.96 -16.30 18.81
C SER A 153 20.28 -16.98 17.48
N MET A 154 19.27 -17.27 16.66
CA MET A 154 19.54 -17.94 15.39
C MET A 154 20.54 -17.13 14.55
N GLY A 155 20.59 -15.82 14.78
CA GLY A 155 21.51 -14.98 14.04
C GLY A 155 22.96 -15.36 14.38
N SER A 156 23.23 -15.61 15.66
CA SER A 156 24.58 -15.97 16.07
C SER A 156 24.95 -17.35 15.51
N LEU A 157 23.96 -18.20 15.28
CA LEU A 157 24.24 -19.52 14.73
C LEU A 157 24.75 -19.35 13.30
N LEU A 158 24.11 -18.46 12.54
CA LEU A 158 24.52 -18.22 11.17
C LEU A 158 25.91 -17.59 11.14
N LEU A 159 26.19 -16.69 12.07
CA LEU A 159 27.50 -16.03 12.14
C LEU A 159 28.60 -17.08 12.32
N ALA A 160 28.38 -18.00 13.25
CA ALA A 160 29.35 -19.05 13.56
C ALA A 160 29.48 -20.12 12.48
N ALA A 161 28.54 -20.15 11.54
CA ALA A 161 28.53 -21.14 10.48
C ALA A 161 29.31 -20.72 9.25
N GLY A 162 29.91 -19.53 9.31
CA GLY A 162 30.68 -19.07 8.16
C GLY A 162 31.91 -19.95 8.00
N THR A 163 32.57 -19.84 6.85
CA THR A 163 33.77 -20.63 6.59
C THR A 163 34.82 -20.40 7.68
N PRO A 164 35.39 -21.48 8.23
CA PRO A 164 36.40 -21.32 9.28
C PRO A 164 37.45 -20.29 8.88
N GLY A 165 37.73 -19.35 9.78
CA GLY A 165 38.73 -18.33 9.48
C GLY A 165 38.18 -17.10 8.78
N MET A 166 36.89 -17.12 8.45
CA MET A 166 36.25 -16.00 7.75
C MET A 166 35.04 -15.44 8.48
N ARG A 167 34.93 -15.71 9.78
CA ARG A 167 33.80 -15.22 10.55
C ARG A 167 34.24 -13.95 11.29
N HIS A 168 33.62 -12.84 10.91
CA HIS A 168 33.97 -11.52 11.43
C HIS A 168 32.90 -10.82 12.23
N SER A 169 33.32 -9.72 12.85
CA SER A 169 32.42 -8.88 13.63
C SER A 169 33.03 -7.50 13.80
N LEU A 170 32.15 -6.50 13.79
CA LEU A 170 32.60 -5.12 14.00
C LEU A 170 32.83 -5.04 15.50
N PRO A 171 33.64 -4.06 15.94
CA PRO A 171 34.00 -3.83 17.35
C PRO A 171 32.89 -3.78 18.40
N ASN A 172 31.81 -3.08 18.09
CA ASN A 172 30.72 -2.90 19.05
C ASN A 172 29.46 -3.72 18.86
N SER A 173 29.52 -4.72 17.99
CA SER A 173 28.37 -5.59 17.77
C SER A 173 28.24 -6.40 19.06
N ARG A 174 27.11 -7.06 19.25
CA ARG A 174 26.96 -7.89 20.42
C ARG A 174 26.35 -9.22 19.97
N ILE A 175 26.88 -10.30 20.51
CA ILE A 175 26.40 -11.64 20.19
C ILE A 175 25.63 -12.22 21.35
N MET A 176 24.65 -13.08 21.05
CA MET A 176 23.86 -13.71 22.09
C MET A 176 23.40 -15.09 21.66
N ILE A 177 23.50 -16.04 22.58
CA ILE A 177 23.06 -17.40 22.32
C ILE A 177 22.16 -17.84 23.47
N HIS A 178 21.26 -18.77 23.18
CA HIS A 178 20.36 -19.31 24.18
C HIS A 178 19.57 -20.45 23.60
N GLN A 179 18.97 -21.24 24.48
CA GLN A 179 18.19 -22.38 24.07
C GLN A 179 16.90 -21.90 23.41
N PRO A 180 16.28 -22.74 22.57
CA PRO A 180 15.04 -22.33 21.91
C PRO A 180 13.88 -22.17 22.89
N SER A 181 12.90 -21.38 22.49
CA SER A 181 11.71 -21.13 23.29
C SER A 181 10.51 -21.41 22.41
N GLY A 182 9.35 -21.54 23.01
CA GLY A 182 8.16 -21.81 22.24
C GLY A 182 6.91 -21.87 23.08
N GLY A 183 5.87 -22.46 22.50
CA GLY A 183 4.61 -22.57 23.20
C GLY A 183 4.01 -23.92 22.88
N ALA A 184 2.87 -24.21 23.49
CA ALA A 184 2.20 -25.48 23.28
C ALA A 184 0.89 -25.48 24.03
N ARG A 185 -0.16 -25.94 23.37
CA ARG A 185 -1.46 -26.01 24.00
C ARG A 185 -2.20 -27.18 23.39
N GLY A 186 -3.07 -27.81 24.18
CA GLY A 186 -3.82 -28.94 23.69
C GLY A 186 -3.94 -29.99 24.77
N GLN A 187 -4.21 -31.22 24.38
CA GLN A 187 -4.32 -32.31 25.36
C GLN A 187 -2.93 -32.64 25.88
N ALA A 188 -2.88 -33.26 27.05
CA ALA A 188 -1.61 -33.66 27.65
C ALA A 188 -0.76 -34.40 26.63
N THR A 189 -1.37 -35.27 25.84
CA THR A 189 -0.62 -36.02 24.83
C THR A 189 0.05 -35.08 23.82
N ASP A 190 -0.68 -34.04 23.41
CA ASP A 190 -0.12 -33.08 22.46
C ASP A 190 1.00 -32.28 23.12
N ILE A 191 0.84 -31.93 24.38
CA ILE A 191 1.86 -31.17 25.09
C ILE A 191 3.15 -31.98 25.17
N ALA A 192 3.00 -33.28 25.38
CA ALA A 192 4.16 -34.15 25.48
C ALA A 192 4.89 -34.20 24.14
N ILE A 193 4.12 -34.28 23.07
CA ILE A 193 4.70 -34.32 21.73
C ILE A 193 5.45 -33.03 21.44
N GLN A 194 4.84 -31.89 21.77
CA GLN A 194 5.48 -30.61 21.53
C GLN A 194 6.74 -30.44 22.38
N ALA A 195 6.67 -30.87 23.64
CA ALA A 195 7.81 -30.80 24.54
C ALA A 195 8.96 -31.63 24.01
N GLU A 196 8.63 -32.84 23.56
CA GLU A 196 9.65 -33.73 23.02
C GLU A 196 10.33 -33.11 21.81
N GLU A 197 9.54 -32.43 20.99
CA GLU A 197 10.04 -31.80 19.77
C GLU A 197 10.99 -30.62 20.03
N ILE A 198 10.63 -29.73 20.97
CA ILE A 198 11.50 -28.59 21.20
C ILE A 198 12.81 -29.04 21.86
N MET A 199 12.73 -30.04 22.73
CA MET A 199 13.93 -30.55 23.37
C MET A 199 14.85 -31.10 22.28
N LYS A 200 14.28 -31.71 21.26
CA LYS A 200 15.08 -32.22 20.15
C LYS A 200 15.73 -31.05 19.40
N LEU A 201 14.95 -29.99 19.15
CA LEU A 201 15.48 -28.81 18.48
C LEU A 201 16.63 -28.26 19.32
N LYS A 202 16.45 -28.29 20.63
CA LYS A 202 17.47 -27.81 21.56
C LYS A 202 18.78 -28.59 21.39
N LYS A 203 18.69 -29.91 21.41
CA LYS A 203 19.88 -30.74 21.25
C LYS A 203 20.54 -30.52 19.88
N GLN A 204 19.72 -30.45 18.83
CA GLN A 204 20.19 -30.24 17.48
C GLN A 204 21.03 -28.96 17.37
N LEU A 205 20.50 -27.87 17.92
CA LEU A 205 21.20 -26.59 17.90
C LEU A 205 22.49 -26.68 18.73
N TYR A 206 22.43 -27.32 19.89
CA TYR A 206 23.62 -27.47 20.71
C TYR A 206 24.73 -28.17 19.93
N ASN A 207 24.38 -29.23 19.20
CA ASN A 207 25.36 -29.95 18.41
C ASN A 207 25.94 -29.05 17.31
N ILE A 208 25.10 -28.24 16.69
CA ILE A 208 25.56 -27.35 15.64
C ILE A 208 26.57 -26.35 16.21
N TYR A 209 26.23 -25.73 17.34
CA TYR A 209 27.14 -24.78 17.96
C TYR A 209 28.44 -25.50 18.37
N ALA A 210 28.29 -26.72 18.91
CA ALA A 210 29.44 -27.50 19.34
C ALA A 210 30.38 -27.74 18.17
N LYS A 211 29.80 -28.06 17.02
CA LYS A 211 30.55 -28.34 15.81
C LYS A 211 31.35 -27.14 15.29
N HIS A 212 30.70 -25.99 15.15
CA HIS A 212 31.39 -24.80 14.66
C HIS A 212 32.23 -24.03 15.68
N THR A 213 31.90 -24.14 16.96
CA THR A 213 32.68 -23.42 17.98
C THR A 213 33.79 -24.30 18.53
N LYS A 214 33.65 -25.61 18.33
CA LYS A 214 34.61 -26.60 18.80
C LYS A 214 34.56 -26.74 20.32
N GLN A 215 33.48 -26.28 20.92
CA GLN A 215 33.29 -26.40 22.37
C GLN A 215 32.62 -27.73 22.61
N SER A 216 32.78 -28.28 23.81
CA SER A 216 32.14 -29.54 24.12
C SER A 216 30.67 -29.26 24.40
N LEU A 217 29.83 -30.29 24.29
CA LEU A 217 28.41 -30.15 24.54
C LEU A 217 28.18 -29.61 25.94
N GLN A 218 28.95 -30.12 26.90
CA GLN A 218 28.82 -29.69 28.29
C GLN A 218 28.96 -28.17 28.35
N VAL A 219 29.95 -27.63 27.66
CA VAL A 219 30.16 -26.20 27.65
C VAL A 219 28.98 -25.47 26.99
N ILE A 220 28.49 -26.01 25.88
CA ILE A 220 27.37 -25.41 25.16
C ILE A 220 26.10 -25.43 25.99
N GLU A 221 25.82 -26.57 26.61
CA GLU A 221 24.62 -26.71 27.43
C GLU A 221 24.63 -25.74 28.58
N SER A 222 25.78 -25.59 29.23
CA SER A 222 25.89 -24.69 30.36
C SER A 222 25.78 -23.23 29.93
N ALA A 223 26.32 -22.91 28.76
CA ALA A 223 26.30 -21.54 28.27
C ALA A 223 24.95 -21.08 27.72
N MET A 224 24.18 -22.00 27.15
CA MET A 224 22.89 -21.63 26.56
C MET A 224 21.62 -21.85 27.38
N GLU A 225 21.76 -22.31 28.61
CA GLU A 225 20.61 -22.54 29.46
C GLU A 225 19.82 -21.24 29.66
N ARG A 226 20.53 -20.12 29.68
CA ARG A 226 19.94 -18.78 29.85
C ARG A 226 20.50 -17.87 28.76
N ASP A 227 19.90 -16.71 28.56
CA ASP A 227 20.41 -15.78 27.55
C ASP A 227 21.87 -15.46 27.89
N ARG A 228 22.75 -15.68 26.92
CA ARG A 228 24.17 -15.45 27.11
C ARG A 228 24.69 -14.41 26.13
N TYR A 229 24.92 -13.19 26.62
CA TYR A 229 25.45 -12.11 25.81
C TYR A 229 26.96 -12.16 25.76
N MET A 230 27.52 -11.83 24.60
CA MET A 230 28.96 -11.83 24.42
C MET A 230 29.41 -10.64 23.58
N SER A 231 30.57 -10.11 23.95
CA SER A 231 31.16 -9.02 23.20
C SER A 231 31.84 -9.74 22.04
N PRO A 232 32.24 -9.00 21.00
CA PRO A 232 32.90 -9.64 19.87
C PRO A 232 34.10 -10.50 20.29
N MET A 233 34.89 -10.00 21.23
CA MET A 233 36.05 -10.77 21.69
C MET A 233 35.65 -12.03 22.48
N GLU A 234 34.68 -11.91 23.38
CA GLU A 234 34.25 -13.09 24.13
C GLU A 234 33.72 -14.13 23.13
N ALA A 235 33.08 -13.64 22.06
CA ALA A 235 32.53 -14.52 21.03
C ALA A 235 33.65 -15.20 20.25
N GLN A 236 34.74 -14.49 20.00
CA GLN A 236 35.87 -15.08 19.28
C GLN A 236 36.45 -16.15 20.17
N GLU A 237 36.74 -15.78 21.42
CA GLU A 237 37.29 -16.70 22.40
C GLU A 237 36.42 -17.96 22.48
N PHE A 238 35.10 -17.76 22.40
CA PHE A 238 34.15 -18.87 22.48
C PHE A 238 34.18 -19.76 21.24
N GLY A 239 34.55 -19.17 20.10
CA GLY A 239 34.63 -19.94 18.88
C GLY A 239 33.49 -19.66 17.92
N ILE A 240 32.75 -18.58 18.16
CA ILE A 240 31.63 -18.18 17.31
C ILE A 240 32.12 -17.39 16.10
N LEU A 241 33.25 -16.72 16.25
CA LEU A 241 33.80 -15.95 15.15
C LEU A 241 35.33 -16.01 15.20
N ASP A 242 35.98 -15.56 14.14
CA ASP A 242 37.43 -15.61 14.06
C ASP A 242 38.15 -14.28 14.22
N LYS A 243 37.57 -13.19 13.74
CA LYS A 243 38.22 -11.88 13.83
C LYS A 243 37.27 -10.74 14.17
N VAL A 244 37.77 -9.78 14.94
CA VAL A 244 37.02 -8.60 15.32
C VAL A 244 37.79 -7.49 14.61
N LEU A 245 37.11 -6.79 13.70
CA LEU A 245 37.76 -5.77 12.91
C LEU A 245 37.23 -4.36 13.08
N VAL A 246 38.12 -3.45 13.45
CA VAL A 246 37.76 -2.05 13.62
C VAL A 246 37.96 -1.42 12.24
N HIS A 247 39.00 -1.88 11.55
CA HIS A 247 39.33 -1.41 10.22
C HIS A 247 39.73 -2.63 9.39
N PRO A 248 39.78 -2.50 8.06
CA PRO A 248 40.17 -3.65 7.24
C PRO A 248 41.63 -4.06 7.47
N PRO A 249 41.91 -5.37 7.47
CA PRO A 249 43.28 -5.85 7.68
C PRO A 249 44.21 -5.35 6.58
N PRO B 57 9.98 -3.70 -1.34
CA PRO B 57 10.80 -4.04 -0.23
C PRO B 57 11.67 -5.18 -0.58
N LEU B 58 11.37 -6.26 0.09
CA LEU B 58 12.12 -7.53 -0.03
C LEU B 58 13.09 -7.72 -1.24
N ILE B 59 12.52 -8.37 -2.20
CA ILE B 59 12.83 -8.65 -3.63
C ILE B 59 14.06 -8.37 -4.52
N PRO B 60 15.32 -8.62 -4.21
CA PRO B 60 16.34 -8.18 -5.24
C PRO B 60 16.00 -8.42 -6.72
N ILE B 61 16.44 -7.53 -7.65
CA ILE B 61 16.16 -7.82 -9.06
C ILE B 61 17.40 -8.30 -9.79
N VAL B 62 17.22 -8.83 -10.88
CA VAL B 62 18.45 -9.34 -11.39
C VAL B 62 18.67 -9.01 -12.84
N VAL B 63 19.15 -10.12 -12.98
CA VAL B 63 19.74 -9.77 -14.17
C VAL B 63 18.93 -9.75 -15.39
N TYR B 73 14.98 -11.14 -13.77
CA TYR B 73 14.33 -9.89 -13.41
C TYR B 73 14.75 -9.44 -12.01
N ASP B 74 13.57 -10.20 -11.26
CA ASP B 74 13.36 -10.38 -9.75
C ASP B 74 14.01 -11.72 -9.41
N ILE B 75 14.64 -11.80 -8.22
CA ILE B 75 15.43 -12.98 -7.79
C ILE B 75 14.70 -14.32 -7.99
N TYR B 76 13.42 -14.37 -7.66
CA TYR B 76 12.65 -15.60 -7.82
C TYR B 76 12.39 -15.89 -9.30
N SER B 77 12.05 -14.85 -10.05
CA SER B 77 11.78 -15.00 -11.47
C SER B 77 13.00 -15.60 -12.17
N ARG B 78 14.19 -15.24 -11.70
CA ARG B 78 15.42 -15.75 -12.29
C ARG B 78 15.63 -17.22 -11.95
N LEU B 79 15.11 -17.63 -10.80
CA LEU B 79 15.24 -19.03 -10.38
C LEU B 79 14.33 -19.89 -11.25
N LEU B 80 13.22 -19.31 -11.69
CA LEU B 80 12.28 -20.04 -12.54
C LEU B 80 12.99 -20.42 -13.85
N ARG B 81 13.87 -19.52 -14.32
CA ARG B 81 14.62 -19.77 -15.55
C ARG B 81 15.38 -21.08 -15.44
N GLU B 82 15.75 -21.43 -14.21
CA GLU B 82 16.49 -22.66 -13.96
C GLU B 82 15.56 -23.82 -13.58
N ARG B 83 14.27 -23.66 -13.89
CA ARG B 83 13.25 -24.67 -13.60
C ARG B 83 13.13 -24.96 -12.11
N ILE B 84 13.19 -23.90 -11.31
CA ILE B 84 13.08 -24.00 -9.87
C ILE B 84 11.81 -23.31 -9.38
N VAL B 85 10.90 -24.09 -8.79
CA VAL B 85 9.66 -23.54 -8.27
C VAL B 85 9.73 -23.54 -6.75
N CYS B 86 9.45 -22.39 -6.15
CA CYS B 86 9.52 -22.26 -4.70
C CYS B 86 8.16 -22.35 -4.03
N VAL B 87 8.06 -23.27 -3.07
CA VAL B 87 6.84 -23.44 -2.31
C VAL B 87 7.21 -22.95 -0.91
N MET B 88 6.83 -21.70 -0.63
CA MET B 88 7.17 -21.05 0.63
C MET B 88 5.97 -20.62 1.45
N GLY B 89 6.06 -20.83 2.76
CA GLY B 89 5.00 -20.44 3.68
C GLY B 89 3.73 -21.25 3.59
N PRO B 90 2.69 -20.81 4.31
CA PRO B 90 1.39 -21.48 4.34
C PRO B 90 0.88 -21.78 2.93
N ILE B 91 0.34 -22.97 2.73
CA ILE B 91 -0.17 -23.34 1.43
C ILE B 91 -1.66 -23.04 1.34
N ASP B 92 -2.03 -22.14 0.45
CA ASP B 92 -3.42 -21.80 0.26
C ASP B 92 -3.73 -21.67 -1.23
N ASP B 93 -4.97 -21.35 -1.56
CA ASP B 93 -5.36 -21.24 -2.96
C ASP B 93 -4.46 -20.31 -3.75
N SER B 94 -4.05 -19.19 -3.15
CA SER B 94 -3.16 -18.25 -3.83
C SER B 94 -1.82 -18.88 -4.13
N VAL B 95 -1.23 -19.55 -3.14
CA VAL B 95 0.06 -20.19 -3.33
C VAL B 95 -0.02 -21.35 -4.33
N ALA B 96 -1.09 -22.12 -4.25
CA ALA B 96 -1.30 -23.25 -5.14
C ALA B 96 -1.41 -22.82 -6.60
N SER B 97 -2.25 -21.84 -6.87
CA SER B 97 -2.43 -21.38 -8.24
C SER B 97 -1.11 -20.90 -8.82
N LEU B 98 -0.38 -20.10 -8.04
CA LEU B 98 0.90 -19.60 -8.49
C LEU B 98 1.86 -20.74 -8.79
N VAL B 99 1.95 -21.71 -7.87
CA VAL B 99 2.84 -22.85 -8.06
C VAL B 99 2.42 -23.69 -9.27
N ILE B 100 1.11 -23.86 -9.46
CA ILE B 100 0.61 -24.65 -10.58
C ILE B 100 0.97 -23.98 -11.90
N ALA B 101 0.74 -22.67 -11.97
CA ALA B 101 1.05 -21.91 -13.18
C ALA B 101 2.52 -22.14 -13.55
N GLN B 102 3.41 -21.96 -12.58
CA GLN B 102 4.83 -22.16 -12.80
C GLN B 102 5.09 -23.59 -13.30
N LEU B 103 4.52 -24.57 -12.63
CA LEU B 103 4.72 -25.96 -13.03
C LEU B 103 4.28 -26.16 -14.48
N LEU B 104 3.08 -25.68 -14.80
CA LEU B 104 2.57 -25.80 -16.14
C LEU B 104 3.54 -25.13 -17.10
N PHE B 105 3.87 -23.87 -16.81
CA PHE B 105 4.79 -23.09 -17.62
C PHE B 105 6.06 -23.87 -17.96
N LEU B 106 6.74 -24.37 -16.94
CA LEU B 106 7.97 -25.12 -17.15
C LEU B 106 7.75 -26.40 -17.97
N GLN B 107 6.52 -26.86 -18.04
CA GLN B 107 6.21 -28.06 -18.81
C GLN B 107 6.24 -27.73 -20.30
N SER B 108 5.68 -26.57 -20.64
CA SER B 108 5.65 -26.11 -22.03
C SER B 108 7.07 -26.13 -22.57
N GLU B 109 7.84 -25.12 -22.18
CA GLU B 109 9.23 -24.97 -22.62
C GLU B 109 9.98 -26.30 -22.70
N SER B 110 9.70 -27.22 -21.78
CA SER B 110 10.36 -28.51 -21.80
C SER B 110 9.52 -29.51 -21.04
N ASN B 111 9.08 -30.55 -21.75
CA ASN B 111 8.26 -31.59 -21.16
C ASN B 111 9.10 -32.75 -20.66
N LYS B 112 10.41 -32.64 -20.82
CA LYS B 112 11.33 -33.70 -20.39
C LYS B 112 12.26 -33.26 -19.27
N LYS B 113 12.72 -32.01 -19.34
CA LYS B 113 13.63 -31.48 -18.33
C LYS B 113 13.00 -31.51 -16.93
N PRO B 114 13.67 -32.17 -15.98
CA PRO B 114 13.19 -32.27 -14.60
C PRO B 114 12.99 -30.91 -13.94
N ILE B 115 11.94 -30.80 -13.13
CA ILE B 115 11.64 -29.57 -12.42
C ILE B 115 12.06 -29.69 -10.97
N HIS B 116 12.62 -28.63 -10.42
CA HIS B 116 13.08 -28.61 -9.04
C HIS B 116 12.12 -27.80 -8.18
N MET B 117 11.57 -28.46 -7.15
CA MET B 117 10.62 -27.83 -6.25
C MET B 117 11.24 -27.71 -4.86
N TYR B 118 11.56 -26.49 -4.44
CA TYR B 118 12.14 -26.28 -3.12
C TYR B 118 10.99 -26.04 -2.15
N ILE B 119 10.98 -26.81 -1.06
CA ILE B 119 9.89 -26.70 -0.10
C ILE B 119 10.27 -26.36 1.34
N ASN B 120 9.67 -25.30 1.86
CA ASN B 120 9.84 -24.85 3.24
C ASN B 120 8.47 -24.31 3.57
N SER B 121 7.64 -25.16 4.18
CA SER B 121 6.28 -24.77 4.49
C SER B 121 5.74 -25.40 5.76
N PRO B 122 4.90 -24.67 6.51
CA PRO B 122 4.32 -25.19 7.74
C PRO B 122 3.03 -25.96 7.44
N GLY B 123 2.62 -25.92 6.18
CA GLY B 123 1.39 -26.58 5.78
C GLY B 123 0.40 -25.61 5.17
N GLY B 124 -0.88 -25.97 5.20
CA GLY B 124 -1.90 -25.11 4.63
C GLY B 124 -3.23 -25.81 4.36
N VAL B 125 -4.01 -25.24 3.45
CA VAL B 125 -5.31 -25.79 3.11
C VAL B 125 -5.15 -27.12 2.36
N VAL B 126 -5.93 -28.12 2.79
CA VAL B 126 -5.87 -29.44 2.17
C VAL B 126 -6.14 -29.43 0.66
N THR B 127 -7.29 -28.90 0.25
CA THR B 127 -7.60 -28.88 -1.18
C THR B 127 -6.55 -28.13 -1.98
N ALA B 128 -6.03 -27.04 -1.41
CA ALA B 128 -5.00 -26.26 -2.10
C ALA B 128 -3.76 -27.13 -2.31
N GLY B 129 -3.41 -27.90 -1.30
CA GLY B 129 -2.25 -28.76 -1.41
C GLY B 129 -2.47 -29.89 -2.41
N LEU B 130 -3.68 -30.43 -2.42
CA LEU B 130 -4.03 -31.51 -3.34
C LEU B 130 -4.05 -31.00 -4.78
N ALA B 131 -4.34 -29.72 -4.95
CA ALA B 131 -4.35 -29.13 -6.29
C ALA B 131 -2.93 -29.16 -6.82
N ILE B 132 -1.97 -28.81 -5.96
CA ILE B 132 -0.56 -28.83 -6.34
C ILE B 132 -0.13 -30.27 -6.57
N TYR B 133 -0.52 -31.15 -5.65
CA TYR B 133 -0.16 -32.56 -5.76
C TYR B 133 -0.59 -33.15 -7.10
N ASP B 134 -1.85 -32.98 -7.47
CA ASP B 134 -2.37 -33.52 -8.72
C ASP B 134 -1.66 -32.95 -9.93
N THR B 135 -1.26 -31.69 -9.87
CA THR B 135 -0.56 -31.09 -11.00
C THR B 135 0.82 -31.71 -11.11
N MET B 136 1.42 -32.00 -9.96
CA MET B 136 2.74 -32.62 -9.92
C MET B 136 2.69 -33.99 -10.59
N GLN B 137 1.59 -34.72 -10.36
CA GLN B 137 1.42 -36.04 -10.94
C GLN B 137 0.97 -35.97 -12.40
N TYR B 138 0.20 -34.94 -12.74
CA TYR B 138 -0.30 -34.77 -14.10
C TYR B 138 0.82 -34.52 -15.11
N ILE B 139 1.56 -33.43 -14.93
CA ILE B 139 2.64 -33.10 -15.85
C ILE B 139 3.59 -34.30 -15.96
N LEU B 140 4.25 -34.42 -17.11
CA LEU B 140 5.16 -35.54 -17.35
C LEU B 140 6.57 -35.30 -16.82
N ASN B 141 6.94 -34.04 -16.66
CA ASN B 141 8.27 -33.70 -16.18
C ASN B 141 8.64 -34.39 -14.88
N PRO B 142 9.91 -34.81 -14.76
CA PRO B 142 10.33 -35.48 -13.53
C PRO B 142 10.37 -34.35 -12.49
N ILE B 143 10.19 -34.67 -11.21
CA ILE B 143 10.22 -33.62 -10.20
C ILE B 143 11.05 -33.95 -8.98
N CYS B 144 12.09 -33.15 -8.76
CA CYS B 144 12.96 -33.31 -7.61
C CYS B 144 12.46 -32.40 -6.51
N THR B 145 12.01 -33.00 -5.41
CA THR B 145 11.53 -32.19 -4.29
C THR B 145 12.66 -32.04 -3.29
N TRP B 146 12.75 -30.87 -2.66
CA TRP B 146 13.80 -30.60 -1.67
C TRP B 146 13.21 -30.01 -0.40
N CYS B 147 13.49 -30.65 0.73
CA CYS B 147 12.99 -30.14 2.01
C CYS B 147 14.01 -29.17 2.60
N VAL B 148 13.63 -27.90 2.65
CA VAL B 148 14.48 -26.83 3.17
C VAL B 148 13.82 -26.25 4.43
N GLY B 149 14.52 -26.31 5.56
CA GLY B 149 13.95 -25.79 6.79
C GLY B 149 12.93 -26.79 7.32
N GLN B 150 11.73 -26.79 6.75
CA GLN B 150 10.71 -27.72 7.16
C GLN B 150 9.67 -28.02 6.08
N ALA B 151 9.06 -29.21 6.20
CA ALA B 151 8.01 -29.67 5.29
C ALA B 151 7.03 -30.33 6.25
N ALA B 152 6.04 -29.56 6.70
CA ALA B 152 5.05 -30.05 7.64
C ALA B 152 3.67 -30.07 7.02
N SER B 153 2.83 -30.99 7.48
CA SER B 153 1.48 -31.09 6.97
C SER B 153 1.48 -31.30 5.47
N MET B 154 0.61 -30.55 4.77
CA MET B 154 0.53 -30.67 3.32
C MET B 154 1.88 -30.47 2.65
N GLY B 155 2.79 -29.79 3.34
CA GLY B 155 4.12 -29.57 2.77
C GLY B 155 4.89 -30.88 2.69
N SER B 156 4.67 -31.76 3.66
CA SER B 156 5.36 -33.05 3.69
C SER B 156 4.75 -33.97 2.63
N LEU B 157 3.48 -33.76 2.31
CA LEU B 157 2.82 -34.56 1.29
C LEU B 157 3.44 -34.20 -0.07
N LEU B 158 3.66 -32.92 -0.32
CA LEU B 158 4.24 -32.49 -1.58
C LEU B 158 5.67 -33.04 -1.69
N LEU B 159 6.38 -33.06 -0.57
CA LEU B 159 7.75 -33.56 -0.55
C LEU B 159 7.79 -35.02 -0.97
N ALA B 160 6.92 -35.82 -0.37
CA ALA B 160 6.85 -37.26 -0.65
C ALA B 160 6.33 -37.55 -2.05
N ALA B 161 5.60 -36.61 -2.63
CA ALA B 161 5.03 -36.78 -3.96
C ALA B 161 6.01 -36.55 -5.09
N GLY B 162 7.28 -36.32 -4.74
CA GLY B 162 8.28 -36.10 -5.77
C GLY B 162 8.58 -37.41 -6.49
N THR B 163 9.17 -37.32 -7.67
CA THR B 163 9.50 -38.51 -8.45
C THR B 163 10.41 -39.43 -7.63
N PRO B 164 10.05 -40.73 -7.54
CA PRO B 164 10.84 -41.70 -6.80
C PRO B 164 12.33 -41.58 -7.07
N GLY B 165 13.13 -41.54 -6.00
CA GLY B 165 14.57 -41.40 -6.15
C GLY B 165 15.02 -39.95 -6.20
N MET B 166 14.07 -39.03 -6.43
CA MET B 166 14.39 -37.61 -6.52
C MET B 166 13.83 -36.73 -5.40
N ARG B 167 13.60 -37.32 -4.23
CA ARG B 167 13.08 -36.59 -3.09
C ARG B 167 14.25 -36.36 -2.13
N HIS B 168 14.55 -35.08 -1.86
CA HIS B 168 15.68 -34.73 -1.02
C HIS B 168 15.36 -33.83 0.16
N SER B 169 16.31 -33.78 1.09
CA SER B 169 16.21 -32.95 2.28
C SER B 169 17.62 -32.57 2.70
N LEU B 170 17.77 -31.38 3.26
CA LEU B 170 19.08 -30.96 3.74
C LEU B 170 19.20 -31.62 5.11
N PRO B 171 20.43 -31.70 5.66
CA PRO B 171 20.72 -32.32 6.95
C PRO B 171 19.95 -31.90 8.19
N ASN B 172 19.49 -30.66 8.27
CA ASN B 172 18.79 -30.20 9.47
C ASN B 172 17.33 -29.82 9.33
N SER B 173 16.71 -30.21 8.23
CA SER B 173 15.29 -29.91 8.03
C SER B 173 14.48 -30.82 8.94
N ARG B 174 13.20 -30.52 9.07
CA ARG B 174 12.33 -31.36 9.87
C ARG B 174 11.04 -31.57 9.10
N ILE B 175 10.53 -32.79 9.15
CA ILE B 175 9.29 -33.15 8.46
C ILE B 175 8.22 -33.37 9.52
N MET B 176 6.96 -33.18 9.14
CA MET B 176 5.86 -33.40 10.07
C MET B 176 4.62 -33.77 9.30
N ILE B 177 3.89 -34.73 9.84
CA ILE B 177 2.66 -35.20 9.25
C ILE B 177 1.64 -35.29 10.38
N HIS B 178 0.37 -35.18 10.03
CA HIS B 178 -0.70 -35.27 11.00
C HIS B 178 -2.03 -35.22 10.25
N GLN B 179 -3.07 -35.75 10.85
CA GLN B 179 -4.37 -35.76 10.21
C GLN B 179 -4.91 -34.34 10.01
N PRO B 180 -5.89 -34.18 9.13
CA PRO B 180 -6.43 -32.83 8.92
C PRO B 180 -7.28 -32.32 10.07
N SER B 181 -7.37 -31.00 10.19
CA SER B 181 -8.18 -30.36 11.21
C SER B 181 -9.18 -29.45 10.50
N GLY B 182 -10.17 -28.99 11.24
CA GLY B 182 -11.18 -28.13 10.64
C GLY B 182 -12.28 -27.83 11.62
N GLY B 183 -13.49 -27.64 11.11
CA GLY B 183 -14.60 -27.33 11.98
C GLY B 183 -15.94 -27.62 11.35
N ALA B 184 -16.88 -28.06 12.17
CA ALA B 184 -18.24 -28.36 11.73
C ALA B 184 -19.18 -27.42 12.48
N ARG B 185 -20.19 -26.90 11.80
CA ARG B 185 -21.10 -25.97 12.45
C ARG B 185 -22.49 -25.94 11.83
N GLY B 186 -23.50 -25.71 12.68
CA GLY B 186 -24.87 -25.67 12.19
C GLY B 186 -25.75 -26.72 12.81
N GLN B 187 -26.84 -27.06 12.13
CA GLN B 187 -27.75 -28.08 12.63
C GLN B 187 -27.03 -29.43 12.65
N ALA B 188 -27.52 -30.35 13.47
CA ALA B 188 -26.91 -31.68 13.55
C ALA B 188 -26.73 -32.26 12.15
N THR B 189 -27.74 -32.12 11.30
CA THR B 189 -27.64 -32.65 9.93
C THR B 189 -26.41 -32.13 9.19
N ASP B 190 -26.14 -30.84 9.31
CA ASP B 190 -24.99 -30.24 8.65
C ASP B 190 -23.67 -30.67 9.30
N ILE B 191 -23.70 -30.83 10.62
CA ILE B 191 -22.49 -31.27 11.33
C ILE B 191 -22.09 -32.67 10.86
N ALA B 192 -23.07 -33.56 10.70
CA ALA B 192 -22.78 -34.92 10.23
C ALA B 192 -22.20 -34.87 8.82
N ILE B 193 -22.79 -34.04 7.97
CA ILE B 193 -22.31 -33.89 6.59
C ILE B 193 -20.85 -33.40 6.58
N GLN B 194 -20.55 -32.41 7.41
CA GLN B 194 -19.19 -31.87 7.48
C GLN B 194 -18.22 -32.89 8.07
N ALA B 195 -18.68 -33.64 9.07
CA ALA B 195 -17.84 -34.66 9.72
C ALA B 195 -17.50 -35.75 8.71
N GLU B 196 -18.50 -36.20 7.97
CA GLU B 196 -18.31 -37.24 6.95
C GLU B 196 -17.28 -36.76 5.92
N GLU B 197 -17.40 -35.50 5.52
CA GLU B 197 -16.50 -34.94 4.53
C GLU B 197 -15.05 -34.83 5.00
N ILE B 198 -14.82 -34.40 6.25
CA ILE B 198 -13.42 -34.31 6.69
C ILE B 198 -12.85 -35.72 6.91
N MET B 199 -13.70 -36.65 7.32
CA MET B 199 -13.24 -38.03 7.51
C MET B 199 -12.82 -38.58 6.16
N LYS B 200 -13.52 -38.19 5.09
CA LYS B 200 -13.15 -38.63 3.75
C LYS B 200 -11.80 -38.01 3.37
N LEU B 201 -11.64 -36.73 3.66
CA LEU B 201 -10.37 -36.06 3.34
C LEU B 201 -9.22 -36.75 4.08
N LYS B 202 -9.48 -37.17 5.30
CA LYS B 202 -8.48 -37.86 6.12
C LYS B 202 -8.04 -39.15 5.43
N LYS B 203 -9.00 -39.99 5.06
CA LYS B 203 -8.70 -41.25 4.39
C LYS B 203 -8.05 -41.04 3.03
N GLN B 204 -8.43 -39.97 2.35
CA GLN B 204 -7.89 -39.66 1.04
C GLN B 204 -6.41 -39.32 1.17
N LEU B 205 -6.09 -38.47 2.14
CA LEU B 205 -4.72 -38.05 2.40
C LEU B 205 -3.89 -39.24 2.85
N TYR B 206 -4.47 -40.06 3.72
CA TYR B 206 -3.78 -41.24 4.21
C TYR B 206 -3.40 -42.16 3.06
N ASN B 207 -4.30 -42.31 2.10
CA ASN B 207 -4.03 -43.18 0.95
C ASN B 207 -2.93 -42.61 0.06
N ILE B 208 -2.83 -41.29 -0.01
CA ILE B 208 -1.80 -40.68 -0.82
C ILE B 208 -0.43 -40.90 -0.15
N TYR B 209 -0.37 -40.72 1.16
CA TYR B 209 0.89 -40.94 1.88
C TYR B 209 1.29 -42.40 1.74
N ALA B 210 0.32 -43.29 1.84
CA ALA B 210 0.57 -44.72 1.72
C ALA B 210 1.23 -45.02 0.39
N LYS B 211 0.62 -44.52 -0.69
CA LYS B 211 1.14 -44.73 -2.04
C LYS B 211 2.59 -44.32 -2.20
N HIS B 212 2.92 -43.10 -1.81
CA HIS B 212 4.28 -42.61 -1.96
C HIS B 212 5.30 -43.08 -0.91
N THR B 213 4.85 -43.47 0.27
CA THR B 213 5.78 -43.94 1.29
C THR B 213 5.90 -45.46 1.36
N LYS B 214 4.89 -46.16 0.83
CA LYS B 214 4.84 -47.62 0.82
C LYS B 214 4.53 -48.17 2.20
N GLN B 215 4.07 -47.30 3.10
CA GLN B 215 3.71 -47.73 4.45
C GLN B 215 2.30 -48.27 4.40
N SER B 216 1.97 -49.15 5.33
CA SER B 216 0.62 -49.70 5.38
C SER B 216 -0.27 -48.59 5.91
N LEU B 217 -1.58 -48.75 5.74
CA LEU B 217 -2.54 -47.78 6.23
C LEU B 217 -2.51 -47.75 7.75
N GLN B 218 -2.29 -48.91 8.38
CA GLN B 218 -2.25 -48.94 9.84
C GLN B 218 -1.09 -48.09 10.34
N VAL B 219 0.05 -48.17 9.65
CA VAL B 219 1.22 -47.39 10.05
C VAL B 219 0.93 -45.90 9.95
N ILE B 220 0.37 -45.48 8.82
CA ILE B 220 0.04 -44.08 8.58
C ILE B 220 -0.98 -43.54 9.58
N GLU B 221 -2.05 -44.30 9.80
CA GLU B 221 -3.10 -43.89 10.74
C GLU B 221 -2.53 -43.66 12.14
N SER B 222 -1.62 -44.53 12.54
CA SER B 222 -1.01 -44.43 13.86
C SER B 222 -0.03 -43.26 13.93
N ALA B 223 0.71 -43.07 12.86
CA ALA B 223 1.70 -41.99 12.84
C ALA B 223 1.06 -40.61 12.69
N MET B 224 -0.14 -40.56 12.11
CA MET B 224 -0.79 -39.26 11.90
C MET B 224 -1.95 -38.88 12.82
N GLU B 225 -2.28 -39.74 13.79
CA GLU B 225 -3.36 -39.44 14.72
C GLU B 225 -3.02 -38.14 15.45
N ARG B 226 -1.73 -37.95 15.72
CA ARG B 226 -1.22 -36.77 16.40
C ARG B 226 -0.07 -36.24 15.57
N ASP B 227 0.44 -35.05 15.92
CA ASP B 227 1.57 -34.47 15.21
C ASP B 227 2.74 -35.45 15.28
N ARG B 228 3.34 -35.78 14.15
CA ARG B 228 4.48 -36.68 14.11
C ARG B 228 5.68 -36.03 13.44
N TYR B 229 6.67 -35.66 14.24
CA TYR B 229 7.87 -35.01 13.71
C TYR B 229 8.94 -36.03 13.34
N MET B 230 9.60 -35.79 12.21
CA MET B 230 10.65 -36.68 11.74
C MET B 230 11.90 -35.92 11.31
N SER B 231 13.05 -36.53 11.56
CA SER B 231 14.32 -35.96 11.15
C SER B 231 14.43 -36.37 9.68
N PRO B 232 15.35 -35.75 8.93
CA PRO B 232 15.47 -36.15 7.53
C PRO B 232 15.66 -37.65 7.38
N MET B 233 16.53 -38.22 8.20
CA MET B 233 16.79 -39.65 8.15
C MET B 233 15.56 -40.46 8.54
N GLU B 234 14.81 -39.98 9.52
CA GLU B 234 13.60 -40.68 9.95
C GLU B 234 12.57 -40.64 8.83
N ALA B 235 12.58 -39.54 8.08
CA ALA B 235 11.64 -39.36 6.96
C ALA B 235 12.01 -40.26 5.79
N GLN B 236 13.31 -40.47 5.59
CA GLN B 236 13.78 -41.33 4.51
C GLN B 236 13.35 -42.75 4.85
N GLU B 237 13.57 -43.13 6.10
CA GLU B 237 13.21 -44.45 6.59
C GLU B 237 11.71 -44.67 6.45
N PHE B 238 10.93 -43.63 6.75
CA PHE B 238 9.48 -43.71 6.65
C PHE B 238 9.02 -43.78 5.20
N GLY B 239 9.88 -43.33 4.29
CA GLY B 239 9.53 -43.34 2.89
C GLY B 239 9.03 -42.01 2.35
N ILE B 240 9.22 -40.93 3.10
CA ILE B 240 8.80 -39.60 2.67
C ILE B 240 9.80 -39.03 1.68
N LEU B 241 11.06 -39.40 1.82
CA LEU B 241 12.10 -38.91 0.93
C LEU B 241 13.19 -39.94 0.70
N ASP B 242 14.01 -39.71 -0.33
CA ASP B 242 15.07 -40.64 -0.70
C ASP B 242 16.48 -40.26 -0.29
N LYS B 243 16.81 -38.97 -0.37
CA LYS B 243 18.17 -38.55 -0.03
C LYS B 243 18.32 -37.37 0.92
N VAL B 244 19.34 -37.46 1.76
CA VAL B 244 19.69 -36.43 2.73
C VAL B 244 21.09 -35.97 2.32
N LEU B 245 21.17 -34.84 1.63
CA LEU B 245 22.44 -34.33 1.17
C LEU B 245 23.04 -33.21 2.01
N VAL B 246 24.36 -33.27 2.16
CA VAL B 246 25.09 -32.26 2.91
C VAL B 246 25.68 -31.34 1.85
N HIS B 247 26.26 -31.95 0.81
CA HIS B 247 26.86 -31.20 -0.29
C HIS B 247 26.32 -31.67 -1.64
N PRO B 248 26.45 -30.83 -2.67
CA PRO B 248 25.96 -31.18 -4.01
C PRO B 248 26.86 -32.20 -4.71
N PRO C 57 3.82 -8.85 -3.41
CA PRO C 57 4.83 -9.85 -3.22
C PRO C 57 4.73 -11.00 -4.11
N LEU C 58 3.57 -11.32 -4.38
CA LEU C 58 3.56 -12.62 -4.91
C LEU C 58 3.78 -12.99 -6.41
N ILE C 59 3.75 -12.15 -7.47
CA ILE C 59 3.65 -12.85 -8.79
C ILE C 59 4.78 -12.72 -9.81
N PRO C 60 5.21 -13.98 -10.16
CA PRO C 60 6.43 -14.22 -10.99
C PRO C 60 6.54 -13.40 -12.26
N ILE C 61 7.74 -12.97 -12.64
CA ILE C 61 7.71 -12.30 -13.93
C ILE C 61 8.26 -13.25 -14.92
N VAL C 62 7.64 -13.21 -16.05
CA VAL C 62 7.96 -14.17 -17.01
C VAL C 62 8.82 -13.69 -18.15
N VAL C 63 8.69 -14.37 -19.27
CA VAL C 63 9.43 -14.10 -20.48
C VAL C 63 8.86 -12.88 -21.24
N TYR C 73 3.88 -8.79 -19.27
CA TYR C 73 4.68 -9.38 -18.21
C TYR C 73 4.53 -10.88 -18.02
N ASP C 74 4.09 -10.96 -16.73
CA ASP C 74 3.73 -11.91 -15.68
C ASP C 74 3.26 -13.38 -16.00
N ILE C 75 3.41 -14.22 -14.97
CA ILE C 75 3.10 -15.63 -15.08
C ILE C 75 1.67 -15.92 -15.56
N TYR C 76 0.69 -15.17 -15.06
CA TYR C 76 -0.69 -15.39 -15.48
C TYR C 76 -0.96 -14.84 -16.88
N SER C 77 -0.37 -13.69 -17.19
CA SER C 77 -0.55 -13.07 -18.51
C SER C 77 0.01 -14.01 -19.56
N ARG C 78 1.05 -14.73 -19.19
CA ARG C 78 1.69 -15.68 -20.08
C ARG C 78 0.73 -16.81 -20.38
N LEU C 79 0.04 -17.30 -19.35
CA LEU C 79 -0.93 -18.38 -19.54
C LEU C 79 -2.09 -17.89 -20.40
N LEU C 80 -2.43 -16.61 -20.27
CA LEU C 80 -3.52 -16.03 -21.05
C LEU C 80 -3.17 -16.18 -22.53
N ARG C 81 -1.89 -16.02 -22.85
CA ARG C 81 -1.41 -16.15 -24.22
C ARG C 81 -1.70 -17.56 -24.71
N GLU C 82 -1.89 -18.48 -23.77
CA GLU C 82 -2.18 -19.87 -24.13
C GLU C 82 -3.68 -20.13 -24.04
N ARG C 83 -4.46 -19.06 -23.97
CA ARG C 83 -5.92 -19.15 -23.89
C ARG C 83 -6.37 -19.87 -22.62
N ILE C 84 -5.59 -19.67 -21.55
CA ILE C 84 -5.87 -20.26 -20.24
C ILE C 84 -6.34 -19.17 -19.31
N VAL C 85 -7.54 -19.33 -18.76
CA VAL C 85 -8.08 -18.36 -17.82
C VAL C 85 -8.18 -19.03 -16.46
N CYS C 86 -7.77 -18.32 -15.41
CA CYS C 86 -7.81 -18.88 -14.06
C CYS C 86 -8.91 -18.33 -13.17
N VAL C 87 -9.71 -19.23 -12.60
CA VAL C 87 -10.78 -18.85 -11.69
C VAL C 87 -10.40 -19.44 -10.34
N MET C 88 -9.71 -18.63 -9.55
CA MET C 88 -9.22 -19.05 -8.23
C MET C 88 -9.73 -18.19 -7.08
N GLY C 89 -10.00 -18.85 -5.96
CA GLY C 89 -10.47 -18.14 -4.78
C GLY C 89 -11.95 -17.81 -4.83
N PRO C 90 -12.46 -17.09 -3.83
CA PRO C 90 -13.86 -16.72 -3.76
C PRO C 90 -14.28 -15.96 -5.03
N ILE C 91 -15.51 -16.13 -5.44
CA ILE C 91 -16.00 -15.45 -6.62
C ILE C 91 -16.81 -14.23 -6.21
N ASP C 92 -16.34 -13.05 -6.62
CA ASP C 92 -17.02 -11.82 -6.32
C ASP C 92 -17.04 -10.97 -7.59
N ASP C 93 -17.59 -9.77 -7.50
CA ASP C 93 -17.68 -8.89 -8.66
C ASP C 93 -16.36 -8.60 -9.35
N SER C 94 -15.30 -8.37 -8.58
CA SER C 94 -14.00 -8.08 -9.20
C SER C 94 -13.45 -9.30 -9.93
N VAL C 95 -13.61 -10.48 -9.33
CA VAL C 95 -13.11 -11.69 -9.97
C VAL C 95 -13.89 -11.97 -11.25
N ALA C 96 -15.21 -11.75 -11.23
CA ALA C 96 -16.03 -11.99 -12.41
C ALA C 96 -15.59 -11.08 -13.54
N SER C 97 -15.44 -9.79 -13.25
CA SER C 97 -15.04 -8.80 -14.24
C SER C 97 -13.74 -9.17 -14.93
N LEU C 98 -12.74 -9.56 -14.15
CA LEU C 98 -11.46 -9.95 -14.74
C LEU C 98 -11.66 -11.16 -15.64
N VAL C 99 -12.28 -12.20 -15.08
CA VAL C 99 -12.55 -13.42 -15.83
C VAL C 99 -13.31 -13.14 -17.13
N ILE C 100 -14.35 -12.32 -17.03
CA ILE C 100 -15.16 -12.00 -18.19
C ILE C 100 -14.38 -11.24 -19.27
N ALA C 101 -13.60 -10.24 -18.84
CA ALA C 101 -12.81 -9.46 -19.78
C ALA C 101 -11.85 -10.37 -20.53
N GLN C 102 -11.26 -11.33 -19.83
CA GLN C 102 -10.33 -12.26 -20.45
C GLN C 102 -11.05 -13.14 -21.46
N LEU C 103 -12.24 -13.61 -21.10
CA LEU C 103 -13.03 -14.45 -22.00
C LEU C 103 -13.35 -13.72 -23.31
N LEU C 104 -13.87 -12.50 -23.19
CA LEU C 104 -14.22 -11.70 -24.37
C LEU C 104 -12.97 -11.41 -25.19
N PHE C 105 -11.86 -11.15 -24.51
CA PHE C 105 -10.61 -10.88 -25.21
C PHE C 105 -10.23 -12.09 -26.04
N LEU C 106 -10.24 -13.26 -25.40
CA LEU C 106 -9.87 -14.48 -26.12
C LEU C 106 -10.79 -14.74 -27.31
N GLN C 107 -12.07 -14.40 -27.20
CA GLN C 107 -12.99 -14.62 -28.32
C GLN C 107 -12.57 -13.77 -29.52
N SER C 108 -12.37 -12.47 -29.29
CA SER C 108 -11.95 -11.56 -30.35
C SER C 108 -10.66 -12.08 -30.99
N GLU C 109 -9.79 -12.70 -30.21
CA GLU C 109 -8.55 -13.26 -30.73
C GLU C 109 -8.89 -14.39 -31.68
N SER C 110 -9.95 -15.14 -31.35
CA SER C 110 -10.43 -16.26 -32.15
C SER C 110 -11.71 -16.82 -31.56
N ASN C 111 -12.77 -16.93 -32.36
CA ASN C 111 -14.03 -17.46 -31.85
C ASN C 111 -14.12 -18.97 -32.08
N LYS C 112 -13.03 -19.55 -32.57
CA LYS C 112 -12.95 -20.97 -32.85
C LYS C 112 -12.07 -21.75 -31.88
N LYS C 113 -10.88 -21.22 -31.60
CA LYS C 113 -9.96 -21.90 -30.70
C LYS C 113 -10.53 -22.08 -29.30
N PRO C 114 -10.42 -23.29 -28.76
CA PRO C 114 -10.95 -23.53 -27.41
C PRO C 114 -10.30 -22.66 -26.33
N ILE C 115 -11.04 -22.46 -25.24
CA ILE C 115 -10.56 -21.68 -24.10
C ILE C 115 -10.54 -22.62 -22.89
N HIS C 116 -9.46 -22.54 -22.12
CA HIS C 116 -9.31 -23.40 -20.96
C HIS C 116 -9.50 -22.61 -19.67
N MET C 117 -10.44 -23.08 -18.85
CA MET C 117 -10.74 -22.43 -17.58
C MET C 117 -10.33 -23.31 -16.40
N TYR C 118 -9.30 -22.91 -15.68
CA TYR C 118 -8.82 -23.65 -14.52
C TYR C 118 -9.59 -23.16 -13.31
N ILE C 119 -10.34 -24.06 -12.69
CA ILE C 119 -11.16 -23.70 -11.54
C ILE C 119 -10.77 -24.31 -10.20
N ASN C 120 -10.49 -23.43 -9.23
CA ASN C 120 -10.19 -23.84 -7.86
C ASN C 120 -10.80 -22.74 -7.01
N SER C 121 -12.07 -22.93 -6.66
CA SER C 121 -12.79 -21.95 -5.89
C SER C 121 -13.75 -22.57 -4.89
N PRO C 122 -13.97 -21.90 -3.75
CA PRO C 122 -14.88 -22.39 -2.72
C PRO C 122 -16.27 -21.85 -3.03
N GLY C 123 -16.36 -21.05 -4.08
CA GLY C 123 -17.62 -20.46 -4.45
C GLY C 123 -17.54 -18.94 -4.32
N GLY C 124 -18.67 -18.30 -4.10
CA GLY C 124 -18.71 -16.86 -3.97
C GLY C 124 -20.09 -16.26 -4.19
N VAL C 125 -20.14 -15.00 -4.60
CA VAL C 125 -21.41 -14.32 -4.83
C VAL C 125 -22.16 -14.88 -6.04
N VAL C 126 -23.44 -15.17 -5.84
CA VAL C 126 -24.29 -15.73 -6.88
C VAL C 126 -24.36 -14.91 -8.18
N THR C 127 -24.69 -13.62 -8.09
CA THR C 127 -24.80 -12.83 -9.33
C THR C 127 -23.46 -12.72 -10.03
N ALA C 128 -22.38 -12.73 -9.28
CA ALA C 128 -21.05 -12.66 -9.87
C ALA C 128 -20.76 -13.97 -10.61
N GLY C 129 -21.21 -15.08 -10.03
CA GLY C 129 -21.00 -16.38 -10.67
C GLY C 129 -21.85 -16.49 -11.92
N LEU C 130 -23.08 -16.00 -11.86
CA LEU C 130 -23.98 -16.05 -13.00
C LEU C 130 -23.47 -15.15 -14.14
N ALA C 131 -22.63 -14.18 -13.78
CA ALA C 131 -22.04 -13.28 -14.77
C ALA C 131 -21.04 -14.07 -15.60
N ILE C 132 -20.17 -14.82 -14.91
CA ILE C 132 -19.18 -15.64 -15.60
C ILE C 132 -19.92 -16.68 -16.44
N TYR C 133 -20.90 -17.35 -15.83
CA TYR C 133 -21.70 -18.38 -16.50
C TYR C 133 -22.30 -17.88 -17.82
N ASP C 134 -23.04 -16.76 -17.76
CA ASP C 134 -23.65 -16.20 -18.97
C ASP C 134 -22.58 -15.91 -20.01
N THR C 135 -21.47 -15.34 -19.57
CA THR C 135 -20.40 -15.04 -20.51
C THR C 135 -19.87 -16.31 -21.15
N MET C 136 -19.72 -17.36 -20.35
CA MET C 136 -19.22 -18.64 -20.90
C MET C 136 -20.16 -19.17 -21.97
N GLN C 137 -21.46 -19.06 -21.71
CA GLN C 137 -22.48 -19.54 -22.64
C GLN C 137 -22.66 -18.59 -23.83
N TYR C 138 -22.38 -17.32 -23.62
CA TYR C 138 -22.55 -16.33 -24.68
C TYR C 138 -21.51 -16.40 -25.78
N ILE C 139 -20.24 -16.53 -25.41
CA ILE C 139 -19.20 -16.61 -26.43
C ILE C 139 -19.34 -17.92 -27.20
N LEU C 140 -18.84 -17.93 -28.43
CA LEU C 140 -18.94 -19.09 -29.31
C LEU C 140 -17.89 -20.18 -29.07
N ASN C 141 -16.79 -19.80 -28.45
CA ASN C 141 -15.70 -20.75 -28.23
C ASN C 141 -16.03 -21.97 -27.40
N PRO C 142 -15.34 -23.08 -27.67
CA PRO C 142 -15.60 -24.28 -26.89
C PRO C 142 -14.85 -23.96 -25.60
N ILE C 143 -15.45 -24.27 -24.46
CA ILE C 143 -14.81 -23.99 -23.18
C ILE C 143 -14.50 -25.27 -22.42
N CYS C 144 -13.22 -25.50 -22.23
CA CYS C 144 -12.74 -26.67 -21.52
C CYS C 144 -12.52 -26.28 -20.04
N THR C 145 -13.31 -26.85 -19.14
CA THR C 145 -13.17 -26.54 -17.72
C THR C 145 -12.39 -27.63 -17.00
N TRP C 146 -11.53 -27.21 -16.07
CA TRP C 146 -10.72 -28.15 -15.29
C TRP C 146 -10.87 -27.88 -13.82
N CYS C 147 -11.28 -28.90 -13.07
CA CYS C 147 -11.42 -28.77 -11.63
C CYS C 147 -10.07 -29.12 -11.00
N VAL C 148 -9.49 -28.15 -10.29
CA VAL C 148 -8.22 -28.33 -9.61
C VAL C 148 -8.40 -27.93 -8.16
N GLY C 149 -8.09 -28.85 -7.24
CA GLY C 149 -8.27 -28.57 -5.83
C GLY C 149 -9.73 -28.79 -5.51
N GLN C 150 -10.56 -27.79 -5.78
CA GLN C 150 -11.98 -27.91 -5.53
C GLN C 150 -12.79 -26.94 -6.39
N ALA C 151 -14.06 -27.27 -6.57
CA ALA C 151 -15.00 -26.44 -7.32
C ALA C 151 -16.24 -26.58 -6.46
N ALA C 152 -16.36 -25.69 -5.49
CA ALA C 152 -17.50 -25.73 -4.59
C ALA C 152 -18.49 -24.63 -4.86
N SER C 153 -19.76 -24.96 -4.71
CA SER C 153 -20.83 -24.02 -4.92
C SER C 153 -20.82 -23.41 -6.32
N MET C 154 -20.85 -22.09 -6.43
CA MET C 154 -20.83 -21.46 -7.76
C MET C 154 -19.66 -21.96 -8.58
N GLY C 155 -18.57 -22.34 -7.91
CA GLY C 155 -17.42 -22.85 -8.62
C GLY C 155 -17.79 -24.12 -9.37
N SER C 156 -18.65 -24.93 -8.78
CA SER C 156 -19.07 -26.16 -9.43
C SER C 156 -20.06 -25.90 -10.57
N LEU C 157 -20.83 -24.82 -10.49
CA LEU C 157 -21.77 -24.50 -11.56
C LEU C 157 -20.95 -24.14 -12.82
N LEU C 158 -19.85 -23.43 -12.61
CA LEU C 158 -18.98 -23.05 -13.72
C LEU C 158 -18.32 -24.27 -14.34
N LEU C 159 -17.93 -25.23 -13.49
CA LEU C 159 -17.30 -26.45 -13.96
C LEU C 159 -18.27 -27.19 -14.89
N ALA C 160 -19.51 -27.34 -14.44
CA ALA C 160 -20.53 -28.04 -15.20
C ALA C 160 -20.97 -27.28 -16.47
N ALA C 161 -20.67 -25.99 -16.51
CA ALA C 161 -21.06 -25.16 -17.65
C ALA C 161 -20.06 -25.23 -18.78
N GLY C 162 -19.03 -26.05 -18.64
CA GLY C 162 -18.07 -26.17 -19.72
C GLY C 162 -18.75 -26.80 -20.92
N THR C 163 -18.10 -26.77 -22.08
CA THR C 163 -18.69 -27.36 -23.28
C THR C 163 -18.87 -28.86 -23.05
N PRO C 164 -20.01 -29.44 -23.44
CA PRO C 164 -20.19 -30.87 -23.21
C PRO C 164 -19.03 -31.69 -23.75
N GLY C 165 -18.58 -32.64 -22.94
CA GLY C 165 -17.46 -33.48 -23.34
C GLY C 165 -16.13 -32.86 -23.01
N MET C 166 -16.13 -31.61 -22.58
CA MET C 166 -14.88 -30.89 -22.24
C MET C 166 -14.74 -30.46 -20.79
N ARG C 167 -15.49 -31.10 -19.90
CA ARG C 167 -15.41 -30.76 -18.48
C ARG C 167 -14.52 -31.81 -17.82
N HIS C 168 -13.43 -31.36 -17.23
CA HIS C 168 -12.43 -32.23 -16.60
C HIS C 168 -12.20 -32.00 -15.11
N SER C 169 -11.43 -32.90 -14.51
CA SER C 169 -11.07 -32.81 -13.11
C SER C 169 -9.83 -33.66 -12.83
N LEU C 170 -8.98 -33.17 -11.94
CA LEU C 170 -7.79 -33.92 -11.56
C LEU C 170 -8.29 -34.98 -10.58
N PRO C 171 -7.51 -36.04 -10.36
CA PRO C 171 -7.87 -37.14 -9.46
C PRO C 171 -8.35 -36.84 -8.03
N ASN C 172 -7.71 -35.91 -7.34
CA ASN C 172 -8.06 -35.63 -5.96
C ASN C 172 -8.83 -34.35 -5.66
N SER C 173 -9.44 -33.75 -6.68
CA SER C 173 -10.23 -32.54 -6.47
C SER C 173 -11.55 -32.95 -5.84
N ARG C 174 -12.29 -31.97 -5.32
CA ARG C 174 -13.59 -32.28 -4.75
C ARG C 174 -14.62 -31.27 -5.25
N ILE C 175 -15.82 -31.75 -5.53
CA ILE C 175 -16.91 -30.92 -6.01
C ILE C 175 -17.96 -30.80 -4.93
N MET C 176 -18.67 -29.67 -4.88
CA MET C 176 -19.72 -29.49 -3.90
C MET C 176 -20.78 -28.58 -4.49
N ILE C 177 -22.03 -28.95 -4.25
CA ILE C 177 -23.16 -28.18 -4.74
C ILE C 177 -24.12 -28.05 -3.57
N HIS C 178 -24.89 -26.98 -3.56
CA HIS C 178 -25.88 -26.74 -2.51
C HIS C 178 -26.72 -25.53 -2.89
N GLN C 179 -27.87 -25.40 -2.25
CA GLN C 179 -28.76 -24.27 -2.52
C GLN C 179 -28.10 -22.97 -2.03
N PRO C 180 -28.60 -21.82 -2.48
CA PRO C 180 -27.97 -20.58 -2.02
C PRO C 180 -28.32 -20.20 -0.58
N SER C 181 -27.41 -19.43 0.02
CA SER C 181 -27.60 -18.94 1.39
C SER C 181 -27.52 -17.43 1.32
N GLY C 182 -28.07 -16.78 2.33
CA GLY C 182 -28.03 -15.34 2.37
C GLY C 182 -28.52 -14.83 3.70
N GLY C 183 -28.90 -13.57 3.73
CA GLY C 183 -29.38 -12.97 4.96
C GLY C 183 -30.42 -11.93 4.60
N ALA C 184 -30.96 -11.28 5.62
CA ALA C 184 -31.97 -10.25 5.40
C ALA C 184 -32.47 -9.76 6.73
N ARG C 185 -32.64 -8.45 6.86
CA ARG C 185 -33.13 -7.86 8.08
C ARG C 185 -33.87 -6.57 7.76
N GLY C 186 -34.79 -6.21 8.63
CA GLY C 186 -35.56 -5.00 8.42
C GLY C 186 -37.01 -5.30 8.69
N GLN C 187 -37.90 -4.50 8.12
CA GLN C 187 -39.32 -4.71 8.31
C GLN C 187 -39.74 -6.03 7.69
N ALA C 188 -40.89 -6.55 8.12
CA ALA C 188 -41.41 -7.80 7.59
C ALA C 188 -41.59 -7.68 6.07
N THR C 189 -42.11 -6.55 5.62
CA THR C 189 -42.31 -6.36 4.17
C THR C 189 -41.00 -6.59 3.43
N ASP C 190 -39.90 -6.07 3.97
CA ASP C 190 -38.60 -6.23 3.33
C ASP C 190 -38.08 -7.66 3.43
N ILE C 191 -38.31 -8.30 4.56
CA ILE C 191 -37.84 -9.68 4.70
C ILE C 191 -38.57 -10.54 3.68
N ALA C 192 -39.87 -10.30 3.50
CA ALA C 192 -40.61 -11.08 2.53
C ALA C 192 -40.00 -10.88 1.14
N ILE C 193 -39.73 -9.63 0.78
CA ILE C 193 -39.13 -9.31 -0.52
C ILE C 193 -37.78 -10.01 -0.72
N GLN C 194 -36.96 -10.04 0.32
CA GLN C 194 -35.67 -10.70 0.19
C GLN C 194 -35.81 -12.21 0.07
N ALA C 195 -36.75 -12.78 0.82
CA ALA C 195 -37.01 -14.22 0.78
C ALA C 195 -37.46 -14.62 -0.61
N GLU C 196 -38.44 -13.89 -1.13
CA GLU C 196 -38.96 -14.17 -2.47
C GLU C 196 -37.81 -14.13 -3.47
N GLU C 197 -36.93 -13.14 -3.34
CA GLU C 197 -35.82 -13.03 -4.27
C GLU C 197 -34.82 -14.19 -4.14
N ILE C 198 -34.47 -14.58 -2.92
CA ILE C 198 -33.51 -15.67 -2.79
C ILE C 198 -34.12 -16.98 -3.28
N MET C 199 -35.42 -17.09 -3.13
CA MET C 199 -36.14 -18.27 -3.59
C MET C 199 -36.01 -18.36 -5.11
N LYS C 200 -36.14 -17.23 -5.79
CA LYS C 200 -36.02 -17.20 -7.24
C LYS C 200 -34.61 -17.63 -7.64
N LEU C 201 -33.61 -17.11 -6.93
CA LEU C 201 -32.23 -17.46 -7.23
C LEU C 201 -32.03 -18.96 -7.13
N LYS C 202 -32.59 -19.56 -6.08
CA LYS C 202 -32.48 -20.99 -5.87
C LYS C 202 -33.03 -21.75 -7.08
N LYS C 203 -34.26 -21.44 -7.47
CA LYS C 203 -34.88 -22.12 -8.61
C LYS C 203 -34.08 -21.88 -9.88
N GLN C 204 -33.56 -20.66 -10.01
CA GLN C 204 -32.77 -20.30 -11.19
C GLN C 204 -31.53 -21.19 -11.29
N LEU C 205 -30.81 -21.29 -10.18
CA LEU C 205 -29.60 -22.11 -10.15
C LEU C 205 -29.93 -23.58 -10.39
N TYR C 206 -31.01 -24.04 -9.76
CA TYR C 206 -31.44 -25.43 -9.91
C TYR C 206 -31.67 -25.79 -11.37
N ASN C 207 -32.36 -24.93 -12.10
CA ASN C 207 -32.64 -25.16 -13.52
C ASN C 207 -31.35 -25.20 -14.35
N ILE C 208 -30.36 -24.38 -13.97
CA ILE C 208 -29.10 -24.37 -14.69
C ILE C 208 -28.34 -25.66 -14.40
N TYR C 209 -28.35 -26.12 -13.15
CA TYR C 209 -27.67 -27.38 -12.85
C TYR C 209 -28.39 -28.49 -13.62
N ALA C 210 -29.72 -28.45 -13.60
CA ALA C 210 -30.53 -29.45 -14.28
C ALA C 210 -30.16 -29.52 -15.77
N LYS C 211 -30.01 -28.36 -16.40
CA LYS C 211 -29.66 -28.30 -17.80
C LYS C 211 -28.31 -28.93 -18.13
N HIS C 212 -27.25 -28.46 -17.46
CA HIS C 212 -25.92 -28.98 -17.73
C HIS C 212 -25.58 -30.37 -17.18
N THR C 213 -26.33 -30.83 -16.17
CA THR C 213 -26.07 -32.16 -15.62
C THR C 213 -27.00 -33.16 -16.28
N LYS C 214 -28.10 -32.65 -16.82
CA LYS C 214 -29.12 -33.47 -17.47
C LYS C 214 -29.89 -34.30 -16.45
N GLN C 215 -29.88 -33.86 -15.19
CA GLN C 215 -30.59 -34.55 -14.13
C GLN C 215 -31.95 -33.89 -14.03
N SER C 216 -32.94 -34.62 -13.53
CA SER C 216 -34.28 -34.06 -13.37
C SER C 216 -34.24 -32.98 -12.31
N LEU C 217 -35.20 -32.07 -12.37
CA LEU C 217 -35.28 -31.01 -11.40
C LEU C 217 -35.44 -31.63 -10.01
N GLN C 218 -36.19 -32.73 -9.94
CA GLN C 218 -36.42 -33.40 -8.68
C GLN C 218 -35.11 -33.88 -8.07
N VAL C 219 -34.25 -34.47 -8.90
CA VAL C 219 -32.96 -34.95 -8.44
C VAL C 219 -32.08 -33.81 -7.95
N ILE C 220 -32.13 -32.68 -8.64
CA ILE C 220 -31.32 -31.51 -8.25
C ILE C 220 -31.81 -30.96 -6.92
N GLU C 221 -33.12 -30.85 -6.77
CA GLU C 221 -33.73 -30.35 -5.54
C GLU C 221 -33.34 -31.18 -4.33
N SER C 222 -33.27 -32.48 -4.53
CA SER C 222 -32.90 -33.40 -3.45
C SER C 222 -31.41 -33.31 -3.12
N ALA C 223 -30.59 -33.29 -4.16
CA ALA C 223 -29.15 -33.24 -4.00
C ALA C 223 -28.57 -31.93 -3.45
N MET C 224 -29.27 -30.82 -3.64
CA MET C 224 -28.76 -29.54 -3.15
C MET C 224 -29.40 -28.97 -1.90
N GLU C 225 -30.38 -29.67 -1.33
CA GLU C 225 -31.04 -29.19 -0.12
C GLU C 225 -30.00 -28.91 0.98
N ARG C 226 -28.95 -29.73 1.01
CA ARG C 226 -27.88 -29.58 1.98
C ARG C 226 -26.56 -29.72 1.22
N ASP C 227 -25.46 -29.33 1.85
CA ASP C 227 -24.16 -29.44 1.21
C ASP C 227 -23.96 -30.87 0.73
N ARG C 228 -23.64 -31.01 -0.55
CA ARG C 228 -23.45 -32.31 -1.17
C ARG C 228 -22.07 -32.34 -1.81
N TYR C 229 -21.13 -33.04 -1.17
CA TYR C 229 -19.79 -33.16 -1.71
C TYR C 229 -19.70 -34.37 -2.61
N MET C 230 -18.80 -34.31 -3.58
CA MET C 230 -18.60 -35.39 -4.54
C MET C 230 -17.14 -35.51 -4.95
N SER C 231 -16.74 -36.74 -5.23
CA SER C 231 -15.38 -37.01 -5.70
C SER C 231 -15.44 -36.76 -7.20
N PRO C 232 -14.29 -36.74 -7.88
CA PRO C 232 -14.36 -36.50 -9.32
C PRO C 232 -15.22 -37.55 -10.04
N MET C 233 -15.08 -38.82 -9.67
CA MET C 233 -15.88 -39.86 -10.30
C MET C 233 -17.37 -39.69 -10.00
N GLU C 234 -17.71 -39.34 -8.77
CA GLU C 234 -19.10 -39.15 -8.39
C GLU C 234 -19.70 -37.96 -9.15
N ALA C 235 -18.88 -36.94 -9.38
CA ALA C 235 -19.32 -35.75 -10.09
C ALA C 235 -19.52 -36.10 -11.56
N GLN C 236 -18.71 -37.02 -12.06
CA GLN C 236 -18.83 -37.44 -13.46
C GLN C 236 -20.19 -38.10 -13.64
N GLU C 237 -20.49 -39.05 -12.76
CA GLU C 237 -21.75 -39.79 -12.83
C GLU C 237 -22.96 -38.89 -12.64
N PHE C 238 -22.82 -37.83 -11.85
CA PHE C 238 -23.92 -36.91 -11.63
C PHE C 238 -24.13 -36.03 -12.85
N GLY C 239 -23.10 -35.93 -13.68
CA GLY C 239 -23.20 -35.11 -14.89
C GLY C 239 -22.58 -33.73 -14.78
N ILE C 240 -21.80 -33.52 -13.71
CA ILE C 240 -21.13 -32.24 -13.48
C ILE C 240 -19.90 -32.10 -14.38
N LEU C 241 -19.20 -33.19 -14.61
CA LEU C 241 -18.05 -33.16 -15.51
C LEU C 241 -18.04 -34.43 -16.35
N ASP C 242 -17.14 -34.49 -17.32
CA ASP C 242 -17.07 -35.63 -18.23
C ASP C 242 -15.88 -36.55 -18.07
N LYS C 243 -14.74 -36.01 -17.66
CA LYS C 243 -13.54 -36.84 -17.51
C LYS C 243 -12.64 -36.53 -16.32
N VAL C 244 -12.13 -37.59 -15.70
CA VAL C 244 -11.23 -37.47 -14.56
C VAL C 244 -9.88 -37.90 -15.11
N LEU C 245 -8.95 -36.95 -15.22
CA LEU C 245 -7.64 -37.24 -15.78
C LEU C 245 -6.48 -37.27 -14.79
N VAL C 246 -5.62 -38.27 -14.97
CA VAL C 246 -4.45 -38.44 -14.12
C VAL C 246 -3.24 -37.84 -14.82
N HIS C 247 -3.02 -38.23 -16.08
CA HIS C 247 -1.91 -37.74 -16.89
C HIS C 247 -2.42 -37.24 -18.25
N PRO C 248 -1.56 -36.53 -19.01
CA PRO C 248 -1.98 -36.03 -20.32
C PRO C 248 -1.90 -37.13 -21.37
N PRO D 57 -5.12 -5.53 -7.88
CA PRO D 57 -6.22 -6.52 -7.91
C PRO D 57 -7.13 -6.26 -9.00
N LEU D 58 -6.99 -7.00 -10.01
CA LEU D 58 -7.90 -6.74 -11.06
C LEU D 58 -7.06 -7.09 -12.24
N ILE D 59 -6.60 -6.18 -12.90
CA ILE D 59 -5.61 -6.31 -13.95
C ILE D 59 -5.03 -7.39 -15.06
N PRO D 60 -5.13 -8.68 -15.67
CA PRO D 60 -3.93 -8.95 -16.63
C PRO D 60 -3.27 -7.87 -17.53
N ILE D 61 -1.92 -7.94 -17.75
CA ILE D 61 -1.33 -6.96 -18.67
C ILE D 61 -1.40 -7.56 -19.99
N VAL D 62 -1.40 -6.70 -20.90
CA VAL D 62 -1.54 -7.26 -22.17
C VAL D 62 -0.52 -6.71 -23.13
N VAL D 63 -1.48 -6.77 -24.08
CA VAL D 63 -0.61 -6.63 -25.13
C VAL D 63 -0.08 -5.32 -25.48
N TYR D 73 -2.52 -1.45 -22.60
CA TYR D 73 -1.73 -2.06 -21.53
C TYR D 73 -2.20 -3.43 -21.17
N ASP D 74 -2.91 -3.22 -20.02
CA ASP D 74 -3.68 -4.05 -19.10
C ASP D 74 -5.01 -4.50 -19.74
N ILE D 75 -5.68 -5.55 -19.23
CA ILE D 75 -6.94 -6.00 -19.87
C ILE D 75 -8.04 -4.94 -19.92
N TYR D 76 -8.21 -4.18 -18.84
CA TYR D 76 -9.24 -3.14 -18.81
C TYR D 76 -8.92 -1.98 -19.76
N SER D 77 -7.63 -1.68 -19.90
CA SER D 77 -7.19 -0.62 -20.80
C SER D 77 -7.36 -1.12 -22.23
N ARG D 78 -7.20 -2.42 -22.41
CA ARG D 78 -7.36 -3.04 -23.71
C ARG D 78 -8.80 -2.87 -24.15
N LEU D 79 -9.74 -3.08 -23.23
CA LEU D 79 -11.15 -2.93 -23.55
C LEU D 79 -11.44 -1.47 -23.89
N LEU D 80 -10.79 -0.56 -23.18
CA LEU D 80 -10.98 0.87 -23.42
C LEU D 80 -10.64 1.17 -24.87
N ARG D 81 -9.61 0.50 -25.40
CA ARG D 81 -9.21 0.69 -26.79
C ARG D 81 -10.38 0.37 -27.70
N GLU D 82 -11.27 -0.51 -27.24
CA GLU D 82 -12.44 -0.90 -28.02
C GLU D 82 -13.64 -0.02 -27.67
N ARG D 83 -13.38 1.03 -26.90
CA ARG D 83 -14.42 1.97 -26.49
C ARG D 83 -15.36 1.33 -25.47
N ILE D 84 -14.82 0.49 -24.61
CA ILE D 84 -15.61 -0.16 -23.58
C ILE D 84 -15.24 0.45 -22.22
N VAL D 85 -16.26 0.85 -21.47
CA VAL D 85 -16.05 1.41 -20.15
C VAL D 85 -16.72 0.44 -19.15
N CYS D 86 -15.97 0.00 -18.15
CA CYS D 86 -16.50 -0.94 -17.17
C CYS D 86 -16.92 -0.30 -15.85
N VAL D 87 -18.19 -0.46 -15.49
CA VAL D 87 -18.71 0.07 -14.25
C VAL D 87 -18.94 -1.17 -13.35
N MET D 88 -17.94 -1.46 -12.52
CA MET D 88 -18.00 -2.62 -11.64
C MET D 88 -17.97 -2.26 -10.16
N GLY D 89 -18.89 -2.83 -9.40
CA GLY D 89 -18.94 -2.59 -7.97
C GLY D 89 -19.68 -1.35 -7.53
N PRO D 90 -19.63 -1.05 -6.23
CA PRO D 90 -20.30 0.12 -5.63
C PRO D 90 -19.93 1.38 -6.38
N ILE D 91 -20.91 2.25 -6.59
CA ILE D 91 -20.67 3.50 -7.29
C ILE D 91 -20.48 4.62 -6.28
N ASP D 92 -19.33 5.28 -6.37
CA ASP D 92 -19.04 6.40 -5.48
C ASP D 92 -18.29 7.44 -6.31
N ASP D 93 -18.04 8.62 -5.72
CA ASP D 93 -17.35 9.69 -6.42
C ASP D 93 -16.10 9.23 -7.12
N SER D 94 -15.38 8.31 -6.50
CA SER D 94 -14.16 7.78 -7.06
C SER D 94 -14.41 7.01 -8.36
N VAL D 95 -15.41 6.15 -8.37
CA VAL D 95 -15.71 5.39 -9.57
C VAL D 95 -16.33 6.29 -10.63
N ALA D 96 -17.19 7.22 -10.21
CA ALA D 96 -17.82 8.13 -11.16
C ALA D 96 -16.77 8.95 -11.89
N SER D 97 -15.74 9.39 -11.16
CA SER D 97 -14.68 10.18 -11.77
C SER D 97 -13.93 9.39 -12.83
N LEU D 98 -13.64 8.13 -12.54
CA LEU D 98 -12.93 7.28 -13.48
C LEU D 98 -13.79 7.03 -14.73
N VAL D 99 -15.06 6.72 -14.50
CA VAL D 99 -15.97 6.45 -15.60
C VAL D 99 -16.14 7.68 -16.47
N ILE D 100 -16.41 8.82 -15.86
CA ILE D 100 -16.58 10.07 -16.59
C ILE D 100 -15.32 10.40 -17.39
N ALA D 101 -14.16 10.25 -16.77
CA ALA D 101 -12.90 10.52 -17.45
C ALA D 101 -12.80 9.68 -18.71
N GLN D 102 -13.23 8.42 -18.62
CA GLN D 102 -13.17 7.54 -19.77
C GLN D 102 -14.20 7.96 -20.82
N LEU D 103 -15.42 8.28 -20.38
CA LEU D 103 -16.44 8.71 -21.31
C LEU D 103 -15.96 9.93 -22.07
N LEU D 104 -15.50 10.94 -21.34
CA LEU D 104 -15.00 12.16 -21.97
C LEU D 104 -13.86 11.85 -22.92
N PHE D 105 -12.93 11.02 -22.47
CA PHE D 105 -11.80 10.64 -23.31
C PHE D 105 -12.28 10.05 -24.64
N LEU D 106 -13.18 9.08 -24.55
CA LEU D 106 -13.70 8.43 -25.74
C LEU D 106 -14.39 9.42 -26.67
N GLN D 107 -15.17 10.35 -26.13
CA GLN D 107 -15.84 11.33 -26.97
C GLN D 107 -14.83 12.18 -27.74
N SER D 108 -13.69 12.48 -27.11
CA SER D 108 -12.66 13.29 -27.77
C SER D 108 -12.04 12.46 -28.89
N GLU D 109 -12.00 11.14 -28.71
CA GLU D 109 -11.46 10.27 -29.74
C GLU D 109 -12.41 10.33 -30.93
N SER D 110 -13.71 10.32 -30.63
CA SER D 110 -14.75 10.39 -31.66
C SER D 110 -16.07 10.65 -30.97
N ASN D 111 -16.74 11.74 -31.35
CA ASN D 111 -18.01 12.07 -30.75
C ASN D 111 -19.18 11.45 -31.52
N LYS D 112 -18.85 10.55 -32.44
CA LYS D 112 -19.90 9.90 -33.23
C LYS D 112 -19.98 8.38 -33.01
N LYS D 113 -18.83 7.75 -32.82
CA LYS D 113 -18.78 6.30 -32.60
C LYS D 113 -19.45 5.88 -31.30
N PRO D 114 -20.15 4.75 -31.32
CA PRO D 114 -20.81 4.29 -30.09
C PRO D 114 -19.79 4.03 -28.98
N ILE D 115 -20.28 4.03 -27.76
CA ILE D 115 -19.45 3.76 -26.59
C ILE D 115 -20.20 2.69 -25.82
N HIS D 116 -19.48 1.66 -25.36
CA HIS D 116 -20.08 0.57 -24.61
C HIS D 116 -19.80 0.65 -23.12
N MET D 117 -20.85 0.49 -22.32
CA MET D 117 -20.72 0.51 -20.87
C MET D 117 -21.16 -0.83 -20.29
N TYR D 118 -20.18 -1.62 -19.84
CA TYR D 118 -20.47 -2.91 -19.23
C TYR D 118 -20.81 -2.61 -17.78
N ILE D 119 -21.97 -3.08 -17.35
CA ILE D 119 -22.42 -2.81 -16.00
C ILE D 119 -22.68 -4.03 -15.10
N ASN D 120 -21.99 -4.08 -13.97
CA ASN D 120 -22.19 -5.12 -12.96
C ASN D 120 -21.99 -4.37 -11.67
N SER D 121 -23.10 -3.86 -11.12
CA SER D 121 -23.03 -3.06 -9.92
C SER D 121 -24.23 -3.20 -9.01
N PRO D 122 -24.01 -3.16 -7.68
CA PRO D 122 -25.09 -3.28 -6.70
C PRO D 122 -25.68 -1.89 -6.45
N GLY D 123 -25.00 -0.88 -6.96
CA GLY D 123 -25.46 0.49 -6.76
C GLY D 123 -24.35 1.38 -6.22
N GLY D 124 -24.74 2.44 -5.50
CA GLY D 124 -23.78 3.37 -4.94
C GLY D 124 -24.36 4.73 -4.55
N VAL D 125 -23.51 5.74 -4.45
CA VAL D 125 -23.95 7.09 -4.08
C VAL D 125 -24.79 7.74 -5.17
N VAL D 126 -25.93 8.31 -4.79
CA VAL D 126 -26.83 8.95 -5.75
C VAL D 126 -26.20 10.03 -6.62
N THR D 127 -25.65 11.07 -6.01
CA THR D 127 -25.05 12.15 -6.81
C THR D 127 -23.95 11.60 -7.71
N ALA D 128 -23.22 10.61 -7.22
CA ALA D 128 -22.15 10.01 -8.01
C ALA D 128 -22.77 9.30 -9.22
N GLY D 129 -23.91 8.65 -8.99
CA GLY D 129 -24.57 7.98 -10.09
C GLY D 129 -25.10 8.98 -11.10
N LEU D 130 -25.68 10.07 -10.59
CA LEU D 130 -26.22 11.11 -11.44
C LEU D 130 -25.14 11.78 -12.26
N ALA D 131 -23.92 11.85 -11.70
CA ALA D 131 -22.80 12.43 -12.40
C ALA D 131 -22.55 11.62 -13.68
N ILE D 132 -22.48 10.30 -13.53
CA ILE D 132 -22.26 9.40 -14.66
C ILE D 132 -23.45 9.50 -15.62
N TYR D 133 -24.65 9.47 -15.07
CA TYR D 133 -25.87 9.57 -15.86
C TYR D 133 -25.84 10.81 -16.76
N ASP D 134 -25.59 11.97 -16.16
CA ASP D 134 -25.55 13.23 -16.92
C ASP D 134 -24.48 13.19 -17.99
N THR D 135 -23.32 12.66 -17.68
CA THR D 135 -22.24 12.58 -18.65
C THR D 135 -22.65 11.70 -19.83
N MET D 136 -23.33 10.59 -19.55
CA MET D 136 -23.79 9.67 -20.60
C MET D 136 -24.75 10.40 -21.53
N GLN D 137 -25.62 11.23 -20.97
CA GLN D 137 -26.59 11.95 -21.79
C GLN D 137 -25.93 13.11 -22.54
N TYR D 138 -25.07 13.82 -21.84
CA TYR D 138 -24.37 14.98 -22.39
C TYR D 138 -23.58 14.68 -23.67
N ILE D 139 -22.66 13.71 -23.61
CA ILE D 139 -21.88 13.42 -24.80
C ILE D 139 -22.79 13.07 -25.98
N LEU D 140 -22.29 13.32 -27.18
CA LEU D 140 -23.05 13.11 -28.41
C LEU D 140 -23.10 11.65 -28.84
N ASN D 141 -22.20 10.84 -28.29
CA ASN D 141 -22.13 9.43 -28.67
C ASN D 141 -23.29 8.53 -28.30
N PRO D 142 -23.59 7.57 -29.19
CA PRO D 142 -24.67 6.63 -28.89
C PRO D 142 -24.06 5.84 -27.74
N ILE D 143 -24.85 5.50 -26.73
CA ILE D 143 -24.33 4.75 -25.59
C ILE D 143 -25.01 3.40 -25.47
N CYS D 144 -24.23 2.34 -25.64
CA CYS D 144 -24.76 0.99 -25.55
C CYS D 144 -24.51 0.45 -24.13
N THR D 145 -25.55 0.03 -23.42
CA THR D 145 -25.38 -0.51 -22.08
C THR D 145 -25.58 -2.02 -22.00
N TRP D 146 -24.74 -2.68 -21.19
CA TRP D 146 -24.80 -4.13 -21.04
C TRP D 146 -24.80 -4.60 -19.59
N CYS D 147 -25.91 -5.21 -19.17
CA CYS D 147 -26.02 -5.72 -17.81
C CYS D 147 -25.34 -7.10 -17.70
N VAL D 148 -24.33 -7.17 -16.83
CA VAL D 148 -23.60 -8.40 -16.60
C VAL D 148 -23.66 -8.69 -15.10
N GLY D 149 -24.26 -9.81 -14.72
CA GLY D 149 -24.37 -10.13 -13.31
C GLY D 149 -25.57 -9.41 -12.73
N GLN D 150 -25.43 -8.11 -12.48
CA GLN D 150 -26.54 -7.35 -11.97
C GLN D 150 -26.41 -5.84 -12.17
N ALA D 151 -27.54 -5.16 -12.11
CA ALA D 151 -27.57 -3.72 -12.24
C ALA D 151 -28.63 -3.35 -11.23
N ALA D 152 -28.20 -3.03 -10.01
CA ALA D 152 -29.14 -2.69 -8.95
C ALA D 152 -29.03 -1.24 -8.56
N SER D 153 -30.18 -0.67 -8.20
CA SER D 153 -30.25 0.71 -7.80
C SER D 153 -29.63 1.64 -8.84
N MET D 154 -28.70 2.52 -8.44
CA MET D 154 -28.10 3.43 -9.42
C MET D 154 -27.52 2.66 -10.61
N GLY D 155 -27.17 1.40 -10.39
CA GLY D 155 -26.65 0.58 -11.48
C GLY D 155 -27.70 0.38 -12.57
N SER D 156 -28.96 0.19 -12.17
CA SER D 156 -30.04 -0.02 -13.12
C SER D 156 -30.45 1.30 -13.77
N LEU D 157 -30.22 2.41 -13.08
CA LEU D 157 -30.55 3.71 -13.68
C LEU D 157 -29.61 3.92 -14.84
N LEU D 158 -28.33 3.58 -14.65
CA LEU D 158 -27.36 3.76 -15.73
C LEU D 158 -27.65 2.79 -16.89
N LEU D 159 -28.09 1.58 -16.56
CA LEU D 159 -28.42 0.59 -17.59
C LEU D 159 -29.55 1.16 -18.46
N ALA D 160 -30.58 1.64 -17.78
CA ALA D 160 -31.75 2.19 -18.45
C ALA D 160 -31.47 3.49 -19.20
N ALA D 161 -30.35 4.14 -18.87
CA ALA D 161 -30.00 5.42 -19.49
C ALA D 161 -29.25 5.28 -20.78
N GLY D 162 -29.04 4.06 -21.23
CA GLY D 162 -28.36 3.88 -22.51
C GLY D 162 -29.27 4.38 -23.63
N THR D 163 -28.71 4.53 -24.83
CA THR D 163 -29.49 5.00 -25.97
C THR D 163 -30.65 4.03 -26.24
N PRO D 164 -31.86 4.55 -26.44
CA PRO D 164 -32.99 3.65 -26.71
C PRO D 164 -32.64 2.64 -27.80
N GLY D 165 -32.97 1.37 -27.54
CA GLY D 165 -32.68 0.32 -28.51
C GLY D 165 -31.28 -0.26 -28.37
N MET D 166 -30.47 0.30 -27.47
CA MET D 166 -29.11 -0.18 -27.29
C MET D 166 -28.81 -0.60 -25.84
N ARG D 167 -29.84 -0.98 -25.11
CA ARG D 167 -29.70 -1.41 -23.72
C ARG D 167 -29.91 -2.92 -23.68
N HIS D 168 -28.84 -3.64 -23.29
CA HIS D 168 -28.86 -5.10 -23.28
C HIS D 168 -28.61 -5.74 -21.90
N SER D 169 -28.87 -7.04 -21.84
CA SER D 169 -28.65 -7.82 -20.63
C SER D 169 -28.49 -9.31 -20.93
N LEU D 170 -27.53 -9.93 -20.26
CA LEU D 170 -27.31 -11.36 -20.41
C LEU D 170 -28.56 -11.97 -19.77
N PRO D 171 -28.97 -13.16 -20.22
CA PRO D 171 -30.18 -13.84 -19.70
C PRO D 171 -30.28 -14.18 -18.21
N ASN D 172 -29.17 -14.31 -17.50
CA ASN D 172 -29.24 -14.62 -16.09
C ASN D 172 -28.89 -13.48 -15.14
N SER D 173 -28.86 -12.26 -15.66
CA SER D 173 -28.58 -11.08 -14.83
C SER D 173 -29.86 -10.76 -14.10
N ARG D 174 -29.79 -9.83 -13.15
CA ARG D 174 -30.98 -9.41 -12.45
C ARG D 174 -30.90 -7.90 -12.31
N ILE D 175 -32.05 -7.27 -12.25
CA ILE D 175 -32.14 -5.83 -12.13
C ILE D 175 -32.88 -5.50 -10.84
N MET D 176 -32.61 -4.33 -10.26
CA MET D 176 -33.31 -3.93 -9.05
C MET D 176 -33.42 -2.41 -8.97
N ILE D 177 -34.57 -1.95 -8.53
CA ILE D 177 -34.80 -0.54 -8.40
C ILE D 177 -35.48 -0.30 -7.06
N HIS D 178 -35.24 0.88 -6.50
CA HIS D 178 -35.85 1.24 -5.22
C HIS D 178 -35.55 2.70 -4.97
N GLN D 179 -36.35 3.33 -4.14
CA GLN D 179 -36.15 4.74 -3.81
C GLN D 179 -34.83 4.91 -3.08
N PRO D 180 -34.33 6.15 -2.97
CA PRO D 180 -33.06 6.35 -2.28
C PRO D 180 -33.17 6.26 -0.75
N SER D 181 -32.01 6.02 -0.11
CA SER D 181 -31.94 5.93 1.33
C SER D 181 -30.84 6.87 1.80
N GLY D 182 -30.87 7.23 3.08
CA GLY D 182 -29.86 8.12 3.62
C GLY D 182 -30.05 8.38 5.10
N GLY D 183 -29.46 9.47 5.56
CA GLY D 183 -29.56 9.83 6.96
C GLY D 183 -29.83 11.30 7.18
N ALA D 184 -30.33 11.63 8.36
CA ALA D 184 -30.65 12.99 8.74
C ALA D 184 -30.36 13.11 10.22
N ARG D 185 -29.67 14.18 10.62
CA ARG D 185 -29.34 14.36 12.02
C ARG D 185 -29.05 15.82 12.37
N GLY D 186 -29.28 16.17 13.63
CA GLY D 186 -29.07 17.54 14.08
C GLY D 186 -30.36 18.09 14.64
N GLN D 187 -30.49 19.41 14.61
CA GLN D 187 -31.71 20.07 15.10
C GLN D 187 -32.88 19.77 14.17
N ALA D 188 -34.09 19.94 14.68
CA ALA D 188 -35.28 19.69 13.87
C ALA D 188 -35.20 20.45 12.54
N THR D 189 -34.71 21.68 12.58
CA THR D 189 -34.60 22.50 11.38
C THR D 189 -33.68 21.87 10.34
N ASP D 190 -32.55 21.34 10.79
CA ASP D 190 -31.59 20.70 9.89
C ASP D 190 -32.19 19.41 9.34
N ILE D 191 -32.81 18.62 10.22
CA ILE D 191 -33.43 17.37 9.80
C ILE D 191 -34.47 17.66 8.71
N ALA D 192 -35.26 18.71 8.90
CA ALA D 192 -36.27 19.09 7.91
C ALA D 192 -35.61 19.44 6.57
N ILE D 193 -34.52 20.18 6.63
CA ILE D 193 -33.79 20.56 5.42
C ILE D 193 -33.28 19.32 4.69
N GLN D 194 -32.75 18.36 5.45
CA GLN D 194 -32.22 17.14 4.86
C GLN D 194 -33.33 16.25 4.30
N ALA D 195 -34.45 16.19 5.00
CA ALA D 195 -35.57 15.37 4.56
C ALA D 195 -36.07 15.93 3.23
N GLU D 196 -36.16 17.26 3.16
CA GLU D 196 -36.62 17.92 1.95
C GLU D 196 -35.70 17.60 0.79
N GLU D 197 -34.40 17.59 1.05
CA GLU D 197 -33.43 17.32 0.00
C GLU D 197 -33.53 15.88 -0.52
N ILE D 198 -33.65 14.91 0.38
CA ILE D 198 -33.74 13.52 -0.06
C ILE D 198 -35.04 13.26 -0.84
N MET D 199 -36.10 13.98 -0.49
CA MET D 199 -37.37 13.82 -1.19
C MET D 199 -37.23 14.39 -2.60
N LYS D 200 -36.39 15.41 -2.78
CA LYS D 200 -36.18 15.98 -4.11
C LYS D 200 -35.39 14.99 -4.94
N LEU D 201 -34.38 14.36 -4.33
CA LEU D 201 -33.57 13.37 -5.01
C LEU D 201 -34.47 12.22 -5.48
N LYS D 202 -35.37 11.83 -4.60
CA LYS D 202 -36.31 10.75 -4.89
C LYS D 202 -37.13 11.09 -6.14
N LYS D 203 -37.78 12.26 -6.13
CA LYS D 203 -38.60 12.70 -7.25
C LYS D 203 -37.76 12.82 -8.52
N GLN D 204 -36.57 13.36 -8.36
CA GLN D 204 -35.66 13.54 -9.48
C GLN D 204 -35.34 12.18 -10.11
N LEU D 205 -35.09 11.18 -9.27
CA LEU D 205 -34.78 9.85 -9.77
C LEU D 205 -36.03 9.24 -10.41
N TYR D 206 -37.18 9.50 -9.83
CA TYR D 206 -38.41 8.97 -10.38
C TYR D 206 -38.62 9.52 -11.81
N ASN D 207 -38.47 10.84 -12.00
CA ASN D 207 -38.64 11.43 -13.32
C ASN D 207 -37.67 10.85 -14.33
N ILE D 208 -36.44 10.60 -13.90
CA ILE D 208 -35.44 10.04 -14.81
C ILE D 208 -35.84 8.63 -15.24
N TYR D 209 -36.33 7.83 -14.29
CA TYR D 209 -36.77 6.49 -14.61
C TYR D 209 -38.00 6.53 -15.52
N ALA D 210 -38.93 7.44 -15.22
CA ALA D 210 -40.15 7.57 -16.03
C ALA D 210 -39.77 7.90 -17.48
N LYS D 211 -38.80 8.79 -17.65
CA LYS D 211 -38.35 9.21 -18.97
C LYS D 211 -37.75 8.08 -19.79
N HIS D 212 -36.83 7.31 -19.21
CA HIS D 212 -36.21 6.24 -19.95
C HIS D 212 -37.01 4.95 -20.09
N THR D 213 -37.92 4.68 -19.15
CA THR D 213 -38.73 3.46 -19.22
C THR D 213 -40.08 3.75 -19.89
N LYS D 214 -40.42 5.04 -19.99
CA LYS D 214 -41.66 5.51 -20.57
C LYS D 214 -42.88 5.15 -19.71
N GLN D 215 -42.62 4.78 -18.45
CA GLN D 215 -43.69 4.45 -17.51
C GLN D 215 -44.19 5.74 -16.86
N SER D 216 -45.44 5.74 -16.42
CA SER D 216 -46.00 6.92 -15.77
C SER D 216 -45.30 7.10 -14.42
N LEU D 217 -45.38 8.29 -13.84
CA LEU D 217 -44.75 8.51 -12.55
C LEU D 217 -45.41 7.64 -11.49
N GLN D 218 -46.72 7.47 -11.61
CA GLN D 218 -47.48 6.66 -10.67
C GLN D 218 -46.92 5.25 -10.63
N VAL D 219 -46.67 4.69 -11.79
CA VAL D 219 -46.14 3.34 -11.92
C VAL D 219 -44.75 3.24 -11.29
N ILE D 220 -43.93 4.26 -11.56
CA ILE D 220 -42.57 4.31 -11.03
C ILE D 220 -42.61 4.40 -9.50
N GLU D 221 -43.43 5.31 -8.97
CA GLU D 221 -43.56 5.50 -7.54
C GLU D 221 -43.94 4.19 -6.85
N SER D 222 -44.98 3.55 -7.35
CA SER D 222 -45.45 2.29 -6.79
C SER D 222 -44.38 1.18 -6.86
N ALA D 223 -43.67 1.13 -7.98
CA ALA D 223 -42.65 0.11 -8.21
C ALA D 223 -41.33 0.31 -7.45
N MET D 224 -41.06 1.52 -6.96
CA MET D 224 -39.81 1.74 -6.27
C MET D 224 -39.91 2.02 -4.77
N GLU D 225 -41.12 1.96 -4.23
CA GLU D 225 -41.32 2.22 -2.81
C GLU D 225 -40.50 1.23 -1.98
N ARG D 226 -40.29 0.03 -2.53
CA ARG D 226 -39.52 -1.03 -1.87
C ARG D 226 -38.61 -1.68 -2.90
N ASP D 227 -37.59 -2.40 -2.44
CA ASP D 227 -36.69 -3.09 -3.37
C ASP D 227 -37.54 -3.91 -4.35
N ARG D 228 -37.32 -3.67 -5.64
CA ARG D 228 -38.07 -4.36 -6.67
C ARG D 228 -37.14 -5.07 -7.62
N TYR D 229 -37.02 -6.38 -7.46
CA TYR D 229 -36.16 -7.17 -8.33
C TYR D 229 -36.87 -7.54 -9.63
N MET D 230 -36.10 -7.62 -10.71
CA MET D 230 -36.65 -7.97 -12.03
C MET D 230 -35.69 -8.85 -12.80
N SER D 231 -36.23 -9.79 -13.56
CA SER D 231 -35.41 -10.65 -14.41
C SER D 231 -35.17 -9.81 -15.67
N PRO D 232 -34.29 -10.27 -16.57
CA PRO D 232 -34.06 -9.47 -17.78
C PRO D 232 -35.36 -9.25 -18.58
N MET D 233 -36.16 -10.30 -18.70
CA MET D 233 -37.43 -10.20 -19.42
C MET D 233 -38.38 -9.22 -18.75
N GLU D 234 -38.48 -9.26 -17.43
CA GLU D 234 -39.37 -8.32 -16.75
C GLU D 234 -38.85 -6.88 -16.94
N ALA D 235 -37.53 -6.73 -16.90
CA ALA D 235 -36.91 -5.42 -17.06
C ALA D 235 -37.17 -4.89 -18.47
N GLN D 236 -37.17 -5.78 -19.45
CA GLN D 236 -37.42 -5.37 -20.82
C GLN D 236 -38.85 -4.85 -20.90
N GLU D 237 -39.78 -5.63 -20.37
CA GLU D 237 -41.20 -5.26 -20.37
C GLU D 237 -41.41 -3.95 -19.63
N PHE D 238 -40.68 -3.75 -18.53
CA PHE D 238 -40.80 -2.53 -17.74
C PHE D 238 -40.23 -1.32 -18.49
N GLY D 239 -39.31 -1.56 -19.41
CA GLY D 239 -38.74 -0.46 -20.17
C GLY D 239 -37.35 -0.04 -19.72
N ILE D 240 -36.73 -0.85 -18.86
CA ILE D 240 -35.39 -0.57 -18.36
C ILE D 240 -34.33 -0.95 -19.38
N LEU D 241 -34.64 -1.96 -20.19
CA LEU D 241 -33.72 -2.39 -21.24
C LEU D 241 -34.48 -2.81 -22.49
N ASP D 242 -33.75 -3.01 -23.58
CA ASP D 242 -34.35 -3.36 -24.86
C ASP D 242 -34.17 -4.79 -25.29
N LYS D 243 -32.96 -5.31 -25.12
CA LYS D 243 -32.66 -6.66 -25.57
C LYS D 243 -32.14 -7.64 -24.54
N VAL D 244 -32.81 -8.78 -24.45
CA VAL D 244 -32.37 -9.85 -23.56
C VAL D 244 -31.61 -10.75 -24.53
N LEU D 245 -30.31 -10.87 -24.31
CA LEU D 245 -29.46 -11.68 -25.18
C LEU D 245 -29.80 -13.16 -25.09
N VAL D 246 -29.60 -13.86 -26.20
CA VAL D 246 -29.90 -15.28 -26.24
C VAL D 246 -28.60 -16.02 -26.51
N HIS D 247 -28.33 -17.01 -25.67
CA HIS D 247 -27.11 -17.80 -25.81
C HIS D 247 -27.12 -18.63 -27.10
N PRO D 248 -25.95 -18.81 -27.71
CA PRO D 248 -25.81 -19.60 -28.94
C PRO D 248 -26.08 -21.07 -28.61
N PRO D 249 -26.26 -21.91 -29.64
CA PRO D 249 -26.51 -23.34 -29.42
C PRO D 249 -25.32 -23.96 -28.69
N PRO E 57 -4.58 0.09 -8.60
CA PRO E 57 -5.86 -0.39 -9.03
C PRO E 57 -6.58 0.42 -10.02
N LEU E 58 -7.43 1.14 -9.56
CA LEU E 58 -8.30 1.80 -10.43
C LEU E 58 -7.86 2.42 -11.75
N ILE E 59 -7.00 3.41 -11.79
CA ILE E 59 -6.79 4.23 -13.04
C ILE E 59 -6.34 3.68 -14.45
N PRO E 60 -7.07 3.99 -15.64
CA PRO E 60 -6.67 3.58 -17.11
C PRO E 60 -5.55 4.04 -17.87
N ILE E 61 -5.54 3.38 -18.96
CA ILE E 61 -4.63 3.93 -19.75
C ILE E 61 -4.84 3.72 -21.17
N VAL E 62 -4.65 4.92 -21.48
CA VAL E 62 -4.81 5.52 -22.69
C VAL E 62 -3.50 5.81 -23.44
N VAL E 63 -2.73 6.65 -23.44
CA VAL E 63 -1.91 6.59 -24.55
C VAL E 63 -0.60 7.22 -24.51
N TYR E 73 0.04 10.04 -19.91
CA TYR E 73 0.11 8.91 -19.00
C TYR E 73 -0.94 7.86 -19.34
N ASP E 74 -2.04 7.41 -18.32
CA ASP E 74 -2.91 7.74 -17.20
C ASP E 74 -4.09 8.57 -17.69
N ILE E 75 -5.30 8.07 -17.44
CA ILE E 75 -6.52 8.74 -17.87
C ILE E 75 -6.59 10.19 -17.38
N TYR E 76 -6.20 10.42 -16.14
CA TYR E 76 -6.22 11.78 -15.59
C TYR E 76 -5.12 12.66 -16.19
N SER E 77 -3.93 12.09 -16.35
CA SER E 77 -2.81 12.82 -16.94
C SER E 77 -3.12 13.21 -18.37
N ARG E 78 -3.90 12.36 -19.04
CA ARG E 78 -4.28 12.59 -20.42
C ARG E 78 -5.19 13.80 -20.54
N LEU E 79 -6.19 13.88 -19.67
CA LEU E 79 -7.12 15.01 -19.68
C LEU E 79 -6.37 16.29 -19.31
N LEU E 80 -5.33 16.17 -18.51
CA LEU E 80 -4.54 17.32 -18.12
C LEU E 80 -3.91 17.93 -19.37
N ARG E 81 -3.47 17.07 -20.27
CA ARG E 81 -2.86 17.52 -21.53
C ARG E 81 -3.91 18.29 -22.32
N GLU E 82 -5.16 18.16 -21.91
CA GLU E 82 -6.27 18.85 -22.57
C GLU E 82 -6.71 20.04 -21.72
N ARG E 83 -5.84 20.43 -20.78
CA ARG E 83 -6.10 21.55 -19.89
C ARG E 83 -7.34 21.32 -19.04
N ILE E 84 -7.56 20.07 -18.65
CA ILE E 84 -8.68 19.71 -17.80
C ILE E 84 -8.16 19.36 -16.42
N VAL E 85 -8.67 20.04 -15.40
CA VAL E 85 -8.25 19.80 -14.02
C VAL E 85 -9.46 19.26 -13.23
N CYS E 86 -9.24 18.15 -12.53
CA CYS E 86 -10.33 17.54 -11.78
C CYS E 86 -10.26 17.77 -10.27
N VAL E 87 -11.34 18.32 -9.73
CA VAL E 87 -11.46 18.56 -8.30
C VAL E 87 -12.56 17.59 -7.88
N MET E 88 -12.15 16.46 -7.36
CA MET E 88 -13.07 15.40 -6.96
C MET E 88 -12.85 14.94 -5.51
N GLY E 89 -13.95 14.68 -4.82
CA GLY E 89 -13.86 14.22 -3.45
C GLY E 89 -13.64 15.33 -2.43
N PRO E 90 -13.49 14.97 -1.16
CA PRO E 90 -13.27 15.92 -0.07
C PRO E 90 -12.08 16.82 -0.35
N ILE E 91 -12.23 18.11 -0.14
CA ILE E 91 -11.13 19.03 -0.38
C ILE E 91 -10.27 19.21 0.87
N ASP E 92 -8.97 18.98 0.72
CA ASP E 92 -8.04 19.15 1.83
C ASP E 92 -6.71 19.66 1.27
N ASP E 93 -5.71 19.80 2.14
CA ASP E 93 -4.41 20.30 1.70
C ASP E 93 -3.73 19.53 0.58
N SER E 94 -3.81 18.21 0.59
CA SER E 94 -3.17 17.46 -0.49
C SER E 94 -3.92 17.72 -1.80
N VAL E 95 -5.25 17.72 -1.74
CA VAL E 95 -6.03 17.98 -2.94
C VAL E 95 -5.70 19.37 -3.48
N ALA E 96 -5.76 20.37 -2.61
CA ALA E 96 -5.45 21.75 -3.00
C ALA E 96 -4.09 21.84 -3.65
N SER E 97 -3.09 21.19 -3.04
CA SER E 97 -1.74 21.22 -3.58
C SER E 97 -1.66 20.67 -5.00
N LEU E 98 -2.34 19.56 -5.24
CA LEU E 98 -2.33 18.93 -6.55
C LEU E 98 -3.03 19.83 -7.58
N VAL E 99 -4.20 20.34 -7.22
CA VAL E 99 -4.95 21.22 -8.12
C VAL E 99 -4.16 22.49 -8.43
N ILE E 100 -3.59 23.10 -7.41
CA ILE E 100 -2.80 24.33 -7.58
C ILE E 100 -1.59 24.11 -8.48
N ALA E 101 -0.86 23.02 -8.25
CA ALA E 101 0.31 22.71 -9.06
C ALA E 101 -0.07 22.55 -10.53
N GLN E 102 -1.26 22.01 -10.78
CA GLN E 102 -1.74 21.81 -12.15
C GLN E 102 -2.14 23.12 -12.82
N LEU E 103 -2.84 23.98 -12.08
CA LEU E 103 -3.26 25.27 -12.64
C LEU E 103 -2.04 26.10 -13.04
N LEU E 104 -1.06 26.18 -12.14
CA LEU E 104 0.16 26.93 -12.41
C LEU E 104 0.87 26.35 -13.64
N PHE E 105 0.89 25.03 -13.73
CA PHE E 105 1.52 24.38 -14.88
C PHE E 105 0.78 24.74 -16.17
N LEU E 106 -0.54 24.76 -16.12
CA LEU E 106 -1.32 25.10 -17.30
C LEU E 106 -1.15 26.56 -17.72
N GLN E 107 -1.06 27.48 -16.75
CA GLN E 107 -0.85 28.88 -17.09
C GLN E 107 0.50 29.02 -17.77
N SER E 108 1.46 28.26 -17.27
CA SER E 108 2.82 28.26 -17.80
C SER E 108 2.83 27.86 -19.27
N GLU E 109 2.03 26.85 -19.63
CA GLU E 109 1.94 26.40 -21.01
C GLU E 109 1.31 27.51 -21.86
N SER E 110 0.31 28.16 -21.29
CA SER E 110 -0.39 29.26 -21.95
C SER E 110 -1.20 30.07 -20.95
N ASN E 111 -0.95 31.37 -20.88
CA ASN E 111 -1.69 32.20 -19.95
C ASN E 111 -2.95 32.69 -20.64
N LYS E 112 -3.19 32.16 -21.84
CA LYS E 112 -4.34 32.54 -22.64
C LYS E 112 -5.40 31.43 -22.79
N LYS E 113 -4.94 30.24 -23.17
CA LYS E 113 -5.85 29.11 -23.37
C LYS E 113 -6.71 28.88 -22.14
N PRO E 114 -8.02 28.70 -22.34
CA PRO E 114 -8.94 28.45 -21.23
C PRO E 114 -8.55 27.20 -20.46
N ILE E 115 -8.93 27.15 -19.19
CA ILE E 115 -8.66 26.00 -18.34
C ILE E 115 -10.00 25.48 -17.85
N HIS E 116 -10.17 24.16 -17.89
CA HIS E 116 -11.41 23.55 -17.46
C HIS E 116 -11.25 22.87 -16.10
N MET E 117 -12.18 23.18 -15.19
CA MET E 117 -12.16 22.62 -13.85
C MET E 117 -13.42 21.80 -13.61
N TYR E 118 -13.28 20.48 -13.57
CA TYR E 118 -14.42 19.59 -13.33
C TYR E 118 -14.60 19.42 -11.84
N ILE E 119 -15.78 19.80 -11.35
CA ILE E 119 -16.03 19.72 -9.92
C ILE E 119 -17.14 18.78 -9.47
N ASN E 120 -16.77 17.82 -8.61
CA ASN E 120 -17.72 16.88 -8.00
C ASN E 120 -17.14 16.70 -6.60
N SER E 121 -17.56 17.55 -5.68
CA SER E 121 -17.02 17.51 -4.33
C SER E 121 -18.05 17.89 -3.27
N PRO E 122 -18.00 17.24 -2.09
CA PRO E 122 -18.93 17.53 -1.01
C PRO E 122 -18.41 18.68 -0.15
N GLY E 123 -17.24 19.18 -0.51
CA GLY E 123 -16.63 20.26 0.24
C GLY E 123 -15.32 19.81 0.87
N GLY E 124 -14.92 20.46 1.97
CA GLY E 124 -13.68 20.09 2.62
C GLY E 124 -13.12 21.19 3.52
N VAL E 125 -11.81 21.23 3.66
CA VAL E 125 -11.18 22.23 4.53
C VAL E 125 -11.24 23.63 3.93
N VAL E 126 -11.70 24.61 4.72
CA VAL E 126 -11.83 25.98 4.27
C VAL E 126 -10.53 26.60 3.73
N THR E 127 -9.46 26.58 4.53
CA THR E 127 -8.22 27.17 4.05
C THR E 127 -7.72 26.48 2.78
N ALA E 128 -7.96 25.17 2.66
CA ALA E 128 -7.54 24.45 1.48
C ALA E 128 -8.37 24.93 0.28
N GLY E 129 -9.65 25.19 0.54
CA GLY E 129 -10.52 25.67 -0.52
C GLY E 129 -10.09 27.06 -0.95
N LEU E 130 -9.77 27.90 0.01
CA LEU E 130 -9.35 29.27 -0.26
C LEU E 130 -8.00 29.32 -1.00
N ALA E 131 -7.18 28.29 -0.80
CA ALA E 131 -5.90 28.24 -1.48
C ALA E 131 -6.16 28.01 -2.97
N ILE E 132 -7.16 27.19 -3.29
CA ILE E 132 -7.52 26.89 -4.68
C ILE E 132 -8.20 28.09 -5.29
N TYR E 133 -9.13 28.69 -4.54
CA TYR E 133 -9.84 29.87 -4.99
C TYR E 133 -8.84 30.98 -5.35
N ASP E 134 -7.93 31.33 -4.44
CA ASP E 134 -6.96 32.39 -4.71
C ASP E 134 -6.13 32.11 -5.94
N THR E 135 -5.75 30.84 -6.12
CA THR E 135 -4.96 30.46 -7.28
C THR E 135 -5.77 30.65 -8.56
N MET E 136 -7.06 30.31 -8.49
CA MET E 136 -7.96 30.47 -9.63
C MET E 136 -8.03 31.94 -10.03
N GLN E 137 -8.18 32.81 -9.04
CA GLN E 137 -8.29 34.25 -9.26
C GLN E 137 -6.96 34.91 -9.61
N TYR E 138 -5.86 34.28 -9.20
CA TYR E 138 -4.55 34.87 -9.44
C TYR E 138 -3.98 34.61 -10.82
N ILE E 139 -4.18 33.41 -11.37
CA ILE E 139 -3.67 33.14 -12.70
C ILE E 139 -4.50 33.93 -13.71
N LEU E 140 -3.88 34.24 -14.85
CA LEU E 140 -4.53 35.03 -15.90
C LEU E 140 -5.59 34.31 -16.72
N ASN E 141 -5.42 33.01 -16.89
CA ASN E 141 -6.32 32.20 -17.70
C ASN E 141 -7.81 32.23 -17.41
N PRO E 142 -8.63 32.13 -18.46
CA PRO E 142 -10.06 32.13 -18.22
C PRO E 142 -10.26 30.73 -17.61
N ILE E 143 -11.13 30.59 -16.64
CA ILE E 143 -11.34 29.26 -16.08
C ILE E 143 -12.80 28.86 -16.19
N CYS E 144 -13.04 27.74 -16.85
CA CYS E 144 -14.39 27.24 -17.00
C CYS E 144 -14.61 26.15 -15.96
N THR E 145 -15.56 26.38 -15.06
CA THR E 145 -15.84 25.39 -14.03
C THR E 145 -17.07 24.58 -14.46
N TRP E 146 -17.04 23.28 -14.19
CA TRP E 146 -18.15 22.39 -14.53
C TRP E 146 -18.60 21.60 -13.32
N CYS E 147 -19.85 21.77 -12.91
CA CYS E 147 -20.40 21.03 -11.79
C CYS E 147 -21.00 19.70 -12.26
N VAL E 148 -20.43 18.59 -11.78
CA VAL E 148 -20.92 17.27 -12.14
C VAL E 148 -21.19 16.50 -10.85
N GLY E 149 -22.41 16.04 -10.68
CA GLY E 149 -22.77 15.32 -9.46
C GLY E 149 -23.17 16.34 -8.43
N GLN E 150 -22.19 16.98 -7.81
CA GLN E 150 -22.47 18.00 -6.83
C GLN E 150 -21.28 18.89 -6.54
N ALA E 151 -21.58 20.09 -6.04
CA ALA E 151 -20.56 21.05 -5.66
C ALA E 151 -21.17 21.59 -4.39
N ALA E 152 -20.75 21.03 -3.26
CA ALA E 152 -21.29 21.44 -1.97
C ALA E 152 -20.21 22.16 -1.16
N SER E 153 -20.64 23.14 -0.37
CA SER E 153 -19.70 23.90 0.43
C SER E 153 -18.61 24.52 -0.39
N MET E 154 -17.36 24.36 0.07
CA MET E 154 -16.24 24.93 -0.65
C MET E 154 -16.26 24.54 -2.12
N GLY E 155 -16.89 23.41 -2.44
CA GLY E 155 -16.98 23.00 -3.83
C GLY E 155 -17.81 24.00 -4.63
N SER E 156 -18.88 24.52 -4.02
CA SER E 156 -19.72 25.48 -4.71
C SER E 156 -19.04 26.86 -4.81
N LEU E 157 -18.10 27.11 -3.91
CA LEU E 157 -17.39 28.38 -3.94
C LEU E 157 -16.47 28.37 -5.14
N LEU E 158 -15.79 27.25 -5.34
CA LEU E 158 -14.89 27.14 -6.48
C LEU E 158 -15.70 27.21 -7.77
N LEU E 159 -16.86 26.55 -7.78
CA LEU E 159 -17.73 26.57 -8.94
C LEU E 159 -18.11 28.01 -9.32
N ALA E 160 -18.58 28.76 -8.32
CA ALA E 160 -18.99 30.15 -8.53
C ALA E 160 -17.81 31.09 -8.84
N ALA E 161 -16.61 30.61 -8.55
CA ALA E 161 -15.39 31.40 -8.76
C ALA E 161 -14.84 31.31 -10.17
N GLY E 162 -15.53 30.59 -11.04
CA GLY E 162 -15.05 30.49 -12.40
C GLY E 162 -15.21 31.83 -13.11
N THR E 163 -14.58 31.96 -14.27
CA THR E 163 -14.67 33.18 -15.04
C THR E 163 -16.13 33.45 -15.36
N PRO E 164 -16.60 34.69 -15.15
CA PRO E 164 -18.01 35.02 -15.44
C PRO E 164 -18.42 34.58 -16.84
N GLY E 165 -19.58 33.95 -16.96
CA GLY E 165 -20.03 33.48 -18.25
C GLY E 165 -19.54 32.07 -18.59
N MET E 166 -18.58 31.57 -17.82
CA MET E 166 -18.02 30.24 -18.05
C MET E 166 -18.24 29.26 -16.89
N ARG E 167 -19.31 29.46 -16.13
CA ARG E 167 -19.60 28.58 -15.01
C ARG E 167 -20.76 27.69 -15.42
N HIS E 168 -20.47 26.40 -15.62
CA HIS E 168 -21.45 25.42 -16.07
C HIS E 168 -21.85 24.35 -15.06
N SER E 169 -22.88 23.61 -15.45
CA SER E 169 -23.38 22.50 -14.67
C SER E 169 -24.16 21.59 -15.58
N LEU E 170 -24.16 20.29 -15.27
CA LEU E 170 -24.93 19.34 -16.04
C LEU E 170 -26.32 19.49 -15.42
N PRO E 171 -27.37 19.03 -16.10
CA PRO E 171 -28.73 19.16 -15.58
C PRO E 171 -29.16 18.51 -14.28
N ASN E 172 -28.46 17.48 -13.82
CA ASN E 172 -28.89 16.84 -12.57
C ASN E 172 -27.97 17.00 -11.38
N SER E 173 -26.97 17.86 -11.50
CA SER E 173 -26.05 18.10 -10.40
C SER E 173 -26.83 18.83 -9.32
N ARG E 174 -26.25 18.92 -8.13
CA ARG E 174 -26.90 19.67 -7.07
C ARG E 174 -25.85 20.57 -6.43
N ILE E 175 -26.27 21.77 -6.04
CA ILE E 175 -25.38 22.74 -5.42
C ILE E 175 -25.80 22.98 -3.97
N MET E 176 -24.83 23.21 -3.09
CA MET E 176 -25.13 23.48 -1.70
C MET E 176 -24.13 24.46 -1.13
N ILE E 177 -24.64 25.41 -0.35
CA ILE E 177 -23.82 26.42 0.28
C ILE E 177 -24.25 26.50 1.73
N HIS E 178 -23.33 26.83 2.63
CA HIS E 178 -23.67 26.98 4.04
C HIS E 178 -22.52 27.61 4.79
N GLN E 179 -22.78 28.18 5.96
CA GLN E 179 -21.72 28.79 6.73
C GLN E 179 -20.72 27.72 7.15
N PRO E 180 -19.49 28.11 7.52
CA PRO E 180 -18.52 27.10 7.92
C PRO E 180 -18.81 26.51 9.31
N SER E 181 -18.17 25.39 9.60
CA SER E 181 -18.30 24.69 10.88
C SER E 181 -16.92 24.41 11.42
N GLY E 182 -16.83 24.15 12.73
CA GLY E 182 -15.55 23.88 13.34
C GLY E 182 -15.65 23.45 14.79
N GLY E 183 -14.50 23.41 15.46
CA GLY E 183 -14.48 23.01 16.85
C GLY E 183 -13.48 23.82 17.63
N ALA E 184 -13.77 24.04 18.91
CA ALA E 184 -12.90 24.80 19.81
C ALA E 184 -12.77 24.02 21.11
N ARG E 185 -11.59 24.06 21.71
CA ARG E 185 -11.35 23.35 22.97
C ARG E 185 -10.17 23.98 23.70
N GLY E 186 -10.33 24.19 25.00
CA GLY E 186 -9.27 24.78 25.79
C GLY E 186 -9.84 25.75 26.80
N GLN E 187 -9.00 26.65 27.31
CA GLN E 187 -9.45 27.63 28.29
C GLN E 187 -10.45 28.57 27.63
N ALA E 188 -11.23 29.26 28.44
CA ALA E 188 -12.20 30.21 27.92
C ALA E 188 -11.52 31.21 26.98
N THR E 189 -10.33 31.68 27.35
CA THR E 189 -9.61 32.65 26.52
C THR E 189 -9.36 32.10 25.12
N ASP E 190 -8.90 30.85 25.05
CA ASP E 190 -8.62 30.18 23.79
C ASP E 190 -9.89 30.00 22.96
N ILE E 191 -10.97 29.60 23.63
CA ILE E 191 -12.23 29.40 22.96
C ILE E 191 -12.71 30.72 22.33
N ALA E 192 -12.54 31.82 23.07
CA ALA E 192 -12.95 33.13 22.56
C ALA E 192 -12.13 33.48 21.32
N ILE E 193 -10.85 33.13 21.32
CA ILE E 193 -9.96 33.38 20.20
C ILE E 193 -10.36 32.54 18.98
N GLN E 194 -10.70 31.27 19.21
CA GLN E 194 -11.09 30.41 18.10
C GLN E 194 -12.43 30.82 17.51
N ALA E 195 -13.34 31.29 18.36
CA ALA E 195 -14.66 31.74 17.89
C ALA E 195 -14.48 32.97 17.02
N GLU E 196 -13.67 33.93 17.49
CA GLU E 196 -13.44 35.14 16.73
C GLU E 196 -12.90 34.80 15.34
N GLU E 197 -11.97 33.86 15.30
CA GLU E 197 -11.38 33.45 14.03
C GLU E 197 -12.39 32.76 13.11
N ILE E 198 -13.23 31.89 13.67
CA ILE E 198 -14.23 31.20 12.87
C ILE E 198 -15.25 32.19 12.31
N MET E 199 -15.56 33.24 13.07
CA MET E 199 -16.52 34.24 12.60
C MET E 199 -15.90 35.06 11.47
N LYS E 200 -14.58 35.24 11.52
CA LYS E 200 -13.90 35.98 10.47
C LYS E 200 -13.93 35.15 9.19
N LEU E 201 -13.79 33.84 9.33
CA LEU E 201 -13.83 32.97 8.16
C LEU E 201 -15.22 33.06 7.53
N LYS E 202 -16.24 33.02 8.37
CA LYS E 202 -17.63 33.11 7.91
C LYS E 202 -17.84 34.38 7.09
N LYS E 203 -17.43 35.53 7.63
CA LYS E 203 -17.58 36.79 6.93
C LYS E 203 -16.78 36.83 5.63
N GLN E 204 -15.58 36.28 5.67
CA GLN E 204 -14.71 36.25 4.52
C GLN E 204 -15.34 35.45 3.37
N LEU E 205 -15.85 34.27 3.71
CA LEU E 205 -16.49 33.40 2.73
C LEU E 205 -17.76 34.07 2.22
N TYR E 206 -18.47 34.74 3.12
CA TYR E 206 -19.69 35.42 2.75
C TYR E 206 -19.43 36.53 1.72
N ASN E 207 -18.33 37.27 1.90
CA ASN E 207 -17.99 38.35 0.97
C ASN E 207 -17.59 37.76 -0.38
N ILE E 208 -16.94 36.60 -0.34
CA ILE E 208 -16.52 35.95 -1.56
C ILE E 208 -17.75 35.52 -2.36
N TYR E 209 -18.71 34.88 -1.70
CA TYR E 209 -19.91 34.46 -2.40
C TYR E 209 -20.67 35.68 -2.93
N ALA E 210 -20.76 36.73 -2.13
CA ALA E 210 -21.47 37.94 -2.55
C ALA E 210 -20.86 38.51 -3.82
N LYS E 211 -19.54 38.52 -3.88
CA LYS E 211 -18.82 39.03 -5.04
C LYS E 211 -19.12 38.26 -6.32
N HIS E 212 -18.95 36.94 -6.29
CA HIS E 212 -19.18 36.14 -7.48
C HIS E 212 -20.63 35.88 -7.87
N THR E 213 -21.55 35.93 -6.91
CA THR E 213 -22.97 35.71 -7.22
C THR E 213 -23.68 37.05 -7.42
N LYS E 214 -23.02 38.14 -7.04
CA LYS E 214 -23.57 39.49 -7.14
C LYS E 214 -24.80 39.70 -6.27
N GLN E 215 -24.98 38.81 -5.30
CA GLN E 215 -26.11 38.94 -4.37
C GLN E 215 -25.62 39.86 -3.25
N SER E 216 -26.55 40.44 -2.51
CA SER E 216 -26.20 41.32 -1.40
C SER E 216 -25.79 40.46 -0.20
N LEU E 217 -24.96 41.01 0.68
CA LEU E 217 -24.53 40.27 1.87
C LEU E 217 -25.76 39.79 2.64
N GLN E 218 -26.79 40.62 2.69
CA GLN E 218 -28.02 40.28 3.39
C GLN E 218 -28.58 38.97 2.84
N VAL E 219 -28.61 38.86 1.50
CA VAL E 219 -29.12 37.66 0.86
C VAL E 219 -28.20 36.47 1.18
N ILE E 220 -26.90 36.69 1.09
CA ILE E 220 -25.94 35.63 1.38
C ILE E 220 -26.07 35.10 2.80
N GLU E 221 -26.11 36.02 3.76
CA GLU E 221 -26.21 35.67 5.17
C GLU E 221 -27.46 34.87 5.45
N SER E 222 -28.55 35.26 4.81
CA SER E 222 -29.82 34.60 5.00
C SER E 222 -29.85 33.23 4.31
N ALA E 223 -29.18 33.09 3.19
CA ALA E 223 -29.16 31.83 2.46
C ALA E 223 -28.18 30.80 3.01
N MET E 224 -27.14 31.27 3.71
CA MET E 224 -26.15 30.34 4.22
C MET E 224 -26.19 30.01 5.71
N GLU E 225 -27.16 30.56 6.43
CA GLU E 225 -27.26 30.30 7.87
C GLU E 225 -27.47 28.80 8.13
N ARG E 226 -28.12 28.12 7.19
CA ARG E 226 -28.36 26.66 7.27
C ARG E 226 -27.98 26.09 5.92
N ASP E 227 -27.99 24.77 5.80
CA ASP E 227 -27.65 24.16 4.52
C ASP E 227 -28.67 24.60 3.46
N ARG E 228 -28.18 25.09 2.33
CA ARG E 228 -29.06 25.53 1.26
C ARG E 228 -28.74 24.78 -0.03
N TYR E 229 -29.61 23.84 -0.39
CA TYR E 229 -29.44 23.07 -1.61
C TYR E 229 -30.11 23.78 -2.77
N MET E 230 -29.54 23.64 -3.96
CA MET E 230 -30.07 24.28 -5.16
C MET E 230 -29.94 23.40 -6.39
N SER E 231 -30.93 23.46 -7.26
CA SER E 231 -30.88 22.72 -8.52
C SER E 231 -29.96 23.56 -9.41
N PRO E 232 -29.50 22.98 -10.53
CA PRO E 232 -28.62 23.76 -11.41
C PRO E 232 -29.26 25.08 -11.86
N MET E 233 -30.54 25.06 -12.17
CA MET E 233 -31.22 26.27 -12.61
C MET E 233 -31.39 27.29 -11.48
N GLU E 234 -31.64 26.80 -10.26
CA GLU E 234 -31.78 27.70 -9.12
C GLU E 234 -30.42 28.31 -8.83
N ALA E 235 -29.36 27.55 -9.04
CA ALA E 235 -28.01 28.04 -8.81
C ALA E 235 -27.68 29.09 -9.88
N GLN E 236 -28.20 28.89 -11.08
CA GLN E 236 -27.98 29.82 -12.17
C GLN E 236 -28.64 31.15 -11.78
N GLU E 237 -29.88 31.07 -11.32
CA GLU E 237 -30.62 32.25 -10.89
C GLU E 237 -29.92 32.96 -9.75
N PHE E 238 -29.35 32.18 -8.84
CA PHE E 238 -28.69 32.73 -7.66
C PHE E 238 -27.40 33.48 -8.01
N GLY E 239 -26.74 33.07 -9.09
CA GLY E 239 -25.51 33.73 -9.47
C GLY E 239 -24.29 32.84 -9.27
N ILE E 240 -24.54 31.60 -8.88
CA ILE E 240 -23.47 30.64 -8.66
C ILE E 240 -23.00 30.08 -10.00
N LEU E 241 -23.94 29.94 -10.92
CA LEU E 241 -23.68 29.39 -12.24
C LEU E 241 -24.19 30.29 -13.36
N ASP E 242 -23.71 30.06 -14.58
CA ASP E 242 -24.13 30.83 -15.75
C ASP E 242 -24.94 29.98 -16.73
N LYS E 243 -24.52 28.73 -16.91
CA LYS E 243 -25.18 27.84 -17.87
C LYS E 243 -25.37 26.38 -17.43
N VAL E 244 -26.53 25.83 -17.77
CA VAL E 244 -26.83 24.44 -17.48
C VAL E 244 -26.90 23.76 -18.85
N LEU E 245 -25.89 22.96 -19.16
CA LEU E 245 -25.79 22.30 -20.46
C LEU E 245 -26.48 20.95 -20.59
N VAL E 246 -27.04 20.72 -21.78
CA VAL E 246 -27.71 19.48 -22.11
C VAL E 246 -26.76 18.72 -23.04
N HIS E 247 -26.07 19.46 -23.90
CA HIS E 247 -25.13 18.86 -24.85
C HIS E 247 -24.10 19.86 -25.32
N PRO E 248 -22.97 19.36 -25.82
CA PRO E 248 -21.92 20.24 -26.32
C PRO E 248 -22.45 20.54 -27.73
N PRO E 249 -21.76 21.39 -28.52
CA PRO E 249 -22.25 21.69 -29.86
C PRO E 249 -22.62 20.44 -30.69
N GLN E 250 -23.90 20.28 -30.98
CA GLN E 250 -24.36 19.13 -31.75
C GLN E 250 -24.05 19.31 -33.24
N ASP E 251 -24.14 18.22 -34.00
CA ASP E 251 -23.84 18.24 -35.44
C ASP E 251 -24.52 19.41 -36.15
N GLY E 252 -23.71 20.25 -36.80
CA GLY E 252 -24.25 21.39 -37.52
C GLY E 252 -24.49 22.64 -36.67
N GLU E 253 -24.41 22.49 -35.34
CA GLU E 253 -24.63 23.62 -34.43
C GLU E 253 -23.29 24.23 -33.97
N ASP E 254 -23.28 25.55 -33.80
CA ASP E 254 -22.06 26.24 -33.36
C ASP E 254 -21.97 26.37 -31.84
N GLU E 255 -23.13 26.54 -31.20
CA GLU E 255 -23.20 26.69 -29.76
C GLU E 255 -23.73 25.41 -29.11
N PRO E 256 -23.47 25.23 -27.82
CA PRO E 256 -23.94 24.02 -27.14
C PRO E 256 -25.44 24.19 -26.88
N THR E 257 -26.12 23.11 -26.55
CA THR E 257 -27.54 23.16 -26.27
C THR E 257 -27.69 23.36 -24.77
N LEU E 258 -28.43 24.40 -24.37
CA LEU E 258 -28.61 24.69 -22.95
C LEU E 258 -30.00 24.40 -22.43
N VAL E 259 -30.11 24.27 -21.12
CA VAL E 259 -31.39 24.03 -20.48
C VAL E 259 -32.05 25.41 -20.46
N GLN E 260 -33.26 25.49 -20.98
CA GLN E 260 -33.97 26.76 -21.03
C GLN E 260 -34.89 27.01 -19.84
N LYS E 261 -34.90 28.26 -19.38
CA LYS E 261 -35.74 28.66 -18.25
C LYS E 261 -37.05 29.25 -18.74
N PRO F 57 -5.22 11.11 -4.48
CA PRO F 57 -6.03 11.25 -5.71
C PRO F 57 -5.03 11.43 -6.91
N LEU F 58 -3.98 10.56 -6.49
CA LEU F 58 -2.58 9.96 -6.74
C LEU F 58 -2.06 10.01 -8.25
N ILE F 59 -1.08 10.95 -8.16
CA ILE F 59 -0.41 12.07 -8.96
C ILE F 59 0.18 12.37 -10.33
N PRO F 60 -0.43 13.56 -10.94
CA PRO F 60 -0.21 13.79 -12.32
C PRO F 60 1.10 13.58 -12.83
N ILE F 61 0.98 13.13 -13.99
CA ILE F 61 2.17 13.37 -14.65
C ILE F 61 1.73 14.34 -15.73
N VAL F 62 2.78 14.70 -16.43
CA VAL F 62 2.86 15.50 -17.63
C VAL F 62 4.26 15.18 -18.15
N VAL F 63 4.64 14.93 -18.58
CA VAL F 63 5.02 15.15 -19.47
C VAL F 63 5.69 14.57 -20.63
N TYR F 73 8.50 14.85 -15.90
CA TYR F 73 7.88 13.92 -14.98
C TYR F 73 6.73 14.58 -14.25
N ASP F 74 6.26 13.78 -13.32
CA ASP F 74 5.43 14.08 -12.22
C ASP F 74 5.23 15.60 -12.01
N ILE F 75 4.03 16.02 -11.59
CA ILE F 75 3.74 17.48 -11.44
C ILE F 75 4.62 18.19 -10.43
N TYR F 76 4.92 17.53 -9.30
CA TYR F 76 5.76 18.15 -8.29
C TYR F 76 7.20 18.23 -8.76
N SER F 77 7.68 17.17 -9.42
CA SER F 77 9.04 17.15 -9.95
C SER F 77 9.16 18.22 -11.03
N ARG F 78 8.02 18.59 -11.63
CA ARG F 78 8.01 19.60 -12.67
C ARG F 78 8.26 20.97 -12.05
N LEU F 79 7.65 21.21 -10.91
CA LEU F 79 7.83 22.48 -10.21
C LEU F 79 9.26 22.58 -9.68
N LEU F 80 9.81 21.45 -9.23
CA LEU F 80 11.18 21.45 -8.72
C LEU F 80 12.11 21.90 -9.85
N ARG F 81 11.76 21.51 -11.07
CA ARG F 81 12.55 21.88 -12.24
C ARG F 81 12.64 23.40 -12.35
N GLU F 82 11.59 24.09 -11.90
CA GLU F 82 11.54 25.54 -11.93
C GLU F 82 12.02 26.09 -10.58
N ARG F 83 12.77 25.28 -9.85
CA ARG F 83 13.29 25.67 -8.55
C ARG F 83 12.19 26.02 -7.55
N ILE F 84 11.13 25.22 -7.54
CA ILE F 84 10.03 25.43 -6.63
C ILE F 84 9.94 24.25 -5.66
N VAL F 85 9.90 24.54 -4.36
CA VAL F 85 9.80 23.51 -3.35
C VAL F 85 8.46 23.70 -2.64
N CYS F 86 7.69 22.62 -2.51
CA CYS F 86 6.40 22.70 -1.85
C CYS F 86 6.45 22.18 -0.41
N VAL F 87 5.99 23.01 0.52
CA VAL F 87 5.94 22.63 1.93
C VAL F 87 4.45 22.59 2.25
N MET F 88 3.89 21.38 2.23
CA MET F 88 2.45 21.22 2.48
C MET F 88 2.09 20.20 3.56
N GLY F 89 1.11 20.55 4.38
CA GLY F 89 0.67 19.66 5.43
C GLY F 89 1.49 19.81 6.69
N PRO F 90 1.16 19.06 7.75
CA PRO F 90 1.92 19.17 9.00
C PRO F 90 3.41 18.90 8.80
N ILE F 91 4.25 19.74 9.41
CA ILE F 91 5.68 19.58 9.28
C ILE F 91 6.21 18.57 10.31
N ASP F 92 6.97 17.58 9.83
CA ASP F 92 7.57 16.59 10.70
C ASP F 92 8.95 16.27 10.10
N ASP F 93 9.70 15.37 10.71
CA ASP F 93 11.04 15.07 10.19
C ASP F 93 11.01 14.53 8.78
N SER F 94 9.94 13.84 8.40
CA SER F 94 9.83 13.27 7.07
C SER F 94 9.70 14.41 6.05
N VAL F 95 8.87 15.40 6.37
CA VAL F 95 8.67 16.54 5.48
C VAL F 95 9.94 17.39 5.47
N ALA F 96 10.46 17.70 6.66
CA ALA F 96 11.68 18.50 6.75
C ALA F 96 12.75 17.84 5.90
N SER F 97 12.91 16.53 6.07
CA SER F 97 13.90 15.79 5.33
C SER F 97 13.75 15.95 3.81
N LEU F 98 12.52 15.88 3.32
CA LEU F 98 12.26 16.01 1.89
C LEU F 98 12.54 17.44 1.41
N VAL F 99 12.06 18.42 2.15
CA VAL F 99 12.27 19.82 1.81
C VAL F 99 13.75 20.17 1.81
N ILE F 100 14.46 19.76 2.87
CA ILE F 100 15.89 20.05 2.97
C ILE F 100 16.66 19.40 1.84
N ALA F 101 16.31 18.16 1.50
CA ALA F 101 16.97 17.46 0.42
C ALA F 101 16.85 18.30 -0.86
N GLN F 102 15.65 18.79 -1.14
CA GLN F 102 15.41 19.60 -2.34
C GLN F 102 16.17 20.92 -2.34
N LEU F 103 16.13 21.64 -1.23
CA LEU F 103 16.83 22.91 -1.14
C LEU F 103 18.31 22.71 -1.42
N LEU F 104 18.91 21.72 -0.77
CA LEU F 104 20.33 21.43 -0.98
C LEU F 104 20.60 21.06 -2.43
N PHE F 105 19.65 20.35 -3.05
CA PHE F 105 19.76 19.97 -4.45
C PHE F 105 19.75 21.22 -5.31
N LEU F 106 18.79 22.10 -5.06
CA LEU F 106 18.68 23.32 -5.83
C LEU F 106 19.91 24.22 -5.68
N GLN F 107 20.48 24.28 -4.47
CA GLN F 107 21.68 25.11 -4.28
C GLN F 107 22.82 24.51 -5.09
N SER F 108 22.81 23.19 -5.21
CA SER F 108 23.83 22.46 -5.95
C SER F 108 23.76 22.79 -7.45
N GLU F 109 22.54 22.92 -7.96
CA GLU F 109 22.35 23.25 -9.36
C GLU F 109 22.83 24.67 -9.62
N SER F 110 22.67 25.52 -8.61
CA SER F 110 23.08 26.93 -8.67
C SER F 110 22.93 27.55 -7.30
N ASN F 111 24.02 28.10 -6.76
CA ASN F 111 23.94 28.72 -5.44
C ASN F 111 23.62 30.21 -5.52
N LYS F 112 23.19 30.68 -6.68
CA LYS F 112 22.86 32.10 -6.83
C LYS F 112 21.40 32.37 -7.21
N LYS F 113 20.83 31.46 -8.00
CA LYS F 113 19.45 31.62 -8.44
C LYS F 113 18.44 31.50 -7.31
N PRO F 114 17.44 32.37 -7.31
CA PRO F 114 16.43 32.31 -6.26
C PRO F 114 15.78 30.93 -6.20
N ILE F 115 15.22 30.61 -5.04
CA ILE F 115 14.50 29.36 -4.81
C ILE F 115 13.13 29.77 -4.29
N HIS F 116 12.09 29.10 -4.78
CA HIS F 116 10.72 29.38 -4.38
C HIS F 116 10.17 28.34 -3.43
N MET F 117 9.53 28.80 -2.37
CA MET F 117 8.94 27.90 -1.38
C MET F 117 7.45 28.21 -1.25
N TYR F 118 6.62 27.28 -1.73
CA TYR F 118 5.18 27.42 -1.64
C TYR F 118 4.82 26.80 -0.29
N ILE F 119 4.12 27.55 0.53
CA ILE F 119 3.77 27.09 1.87
C ILE F 119 2.28 27.07 2.21
N ASN F 120 1.81 25.88 2.61
CA ASN F 120 0.42 25.72 3.05
C ASN F 120 0.53 24.66 4.14
N SER F 121 0.74 25.10 5.37
CA SER F 121 0.92 24.18 6.48
C SER F 121 0.32 24.69 7.78
N PRO F 122 -0.26 23.79 8.58
CA PRO F 122 -0.87 24.15 9.87
C PRO F 122 0.14 24.20 11.01
N GLY F 123 1.39 23.86 10.69
CA GLY F 123 2.44 23.85 11.70
C GLY F 123 3.10 22.49 11.73
N GLY F 124 3.69 22.13 12.87
CA GLY F 124 4.35 20.84 12.98
C GLY F 124 5.39 20.75 14.08
N VAL F 125 6.31 19.81 13.94
CA VAL F 125 7.37 19.60 14.92
C VAL F 125 8.36 20.76 14.94
N VAL F 126 8.60 21.31 16.12
CA VAL F 126 9.52 22.43 16.27
C VAL F 126 10.91 22.18 15.68
N THR F 127 11.59 21.14 16.12
CA THR F 127 12.92 20.90 15.58
C THR F 127 12.89 20.66 14.08
N ALA F 128 11.85 19.99 13.59
CA ALA F 128 11.75 19.73 12.16
C ALA F 128 11.62 21.08 11.43
N GLY F 129 10.88 22.00 12.06
CA GLY F 129 10.71 23.32 11.47
C GLY F 129 12.01 24.11 11.52
N LEU F 130 12.76 23.95 12.60
CA LEU F 130 14.03 24.66 12.73
C LEU F 130 15.04 24.14 11.74
N ALA F 131 14.95 22.85 11.41
CA ALA F 131 15.87 22.24 10.45
C ALA F 131 15.67 22.88 9.08
N ILE F 132 14.41 23.10 8.71
CA ILE F 132 14.10 23.74 7.43
C ILE F 132 14.55 25.18 7.49
N TYR F 133 14.23 25.85 8.59
CA TYR F 133 14.61 27.24 8.79
C TYR F 133 16.12 27.45 8.61
N ASP F 134 16.91 26.66 9.34
CA ASP F 134 18.37 26.76 9.26
C ASP F 134 18.87 26.50 7.86
N THR F 135 18.27 25.55 7.17
CA THR F 135 18.71 25.23 5.81
C THR F 135 18.40 26.41 4.88
N MET F 136 17.23 27.02 5.05
CA MET F 136 16.85 28.18 4.25
C MET F 136 17.88 29.30 4.43
N GLN F 137 18.23 29.59 5.69
CA GLN F 137 19.18 30.64 6.00
C GLN F 137 20.60 30.31 5.58
N TYR F 138 20.98 29.04 5.70
CA TYR F 138 22.33 28.60 5.35
C TYR F 138 22.70 28.68 3.87
N ILE F 139 21.85 28.16 2.99
CA ILE F 139 22.17 28.20 1.56
C ILE F 139 22.30 29.65 1.10
N LEU F 140 23.16 29.87 0.12
CA LEU F 140 23.40 31.21 -0.41
C LEU F 140 22.25 31.82 -1.19
N ASN F 141 21.42 30.95 -1.78
CA ASN F 141 20.31 31.40 -2.59
C ASN F 141 19.28 32.31 -1.96
N PRO F 142 18.80 33.30 -2.74
CA PRO F 142 17.77 34.21 -2.22
C PRO F 142 16.57 33.26 -2.14
N ILE F 143 15.68 33.46 -1.19
CA ILE F 143 14.53 32.56 -1.07
C ILE F 143 13.19 33.27 -0.99
N CYS F 144 12.35 33.03 -1.99
CA CYS F 144 11.03 33.64 -2.01
C CYS F 144 10.05 32.68 -1.37
N THR F 145 9.28 33.16 -0.40
CA THR F 145 8.30 32.29 0.24
C THR F 145 6.94 32.75 -0.24
N TRP F 146 6.02 31.81 -0.38
CA TRP F 146 4.69 32.14 -0.87
C TRP F 146 3.62 31.47 -0.02
N CYS F 147 2.83 32.26 0.70
CA CYS F 147 1.78 31.69 1.52
C CYS F 147 0.51 31.37 0.74
N VAL F 148 0.17 30.08 0.68
CA VAL F 148 -1.03 29.60 -0.01
C VAL F 148 -1.94 28.87 0.98
N GLY F 149 -3.17 29.36 1.14
CA GLY F 149 -4.09 28.73 2.07
C GLY F 149 -3.84 29.23 3.47
N GLN F 150 -2.78 28.73 4.10
CA GLN F 150 -2.42 29.16 5.43
C GLN F 150 -0.97 28.83 5.77
N ALA F 151 -0.43 29.57 6.73
CA ALA F 151 0.93 29.38 7.21
C ALA F 151 0.77 29.57 8.71
N ALA F 152 0.47 28.48 9.41
CA ALA F 152 0.27 28.55 10.85
C ALA F 152 1.43 27.93 11.61
N SER F 153 1.69 28.45 12.79
CA SER F 153 2.74 27.94 13.64
C SER F 153 4.09 27.91 12.92
N MET F 154 4.79 26.78 12.97
CA MET F 154 6.09 26.70 12.31
C MET F 154 5.97 27.09 10.84
N GLY F 155 4.77 26.97 10.28
CA GLY F 155 4.57 27.34 8.89
C GLY F 155 4.79 28.83 8.68
N SER F 156 4.32 29.64 9.62
CA SER F 156 4.48 31.09 9.50
C SER F 156 5.93 31.49 9.77
N LEU F 157 6.66 30.67 10.51
CA LEU F 157 8.06 30.98 10.80
C LEU F 157 8.84 30.83 9.50
N LEU F 158 8.54 29.78 8.75
CA LEU F 158 9.23 29.55 7.48
C LEU F 158 8.84 30.67 6.49
N LEU F 159 7.59 31.09 6.50
CA LEU F 159 7.13 32.16 5.60
C LEU F 159 7.93 33.43 5.91
N ALA F 160 7.95 33.80 7.18
CA ALA F 160 8.65 34.98 7.64
C ALA F 160 10.16 34.88 7.45
N ALA F 161 10.64 33.65 7.24
CA ALA F 161 12.07 33.42 7.10
C ALA F 161 12.61 33.59 5.68
N GLY F 162 11.74 33.91 4.74
CA GLY F 162 12.22 34.12 3.38
C GLY F 162 13.08 35.36 3.31
N THR F 163 13.85 35.51 2.23
CA THR F 163 14.69 36.68 2.06
C THR F 163 13.84 37.95 2.16
N PRO F 164 14.31 38.96 2.92
CA PRO F 164 13.53 40.20 3.05
C PRO F 164 13.10 40.75 1.69
N GLY F 165 11.85 41.17 1.59
CA GLY F 165 11.33 41.71 0.34
C GLY F 165 10.85 40.65 -0.63
N MET F 166 10.99 39.38 -0.26
CA MET F 166 10.58 38.26 -1.11
C MET F 166 9.60 37.30 -0.42
N ARG F 167 8.88 37.81 0.56
CA ARG F 167 7.91 37.02 1.31
C ARG F 167 6.51 37.48 0.89
N HIS F 168 5.76 36.58 0.26
CA HIS F 168 4.44 36.90 -0.29
C HIS F 168 3.28 36.06 0.24
N SER F 169 2.05 36.51 -0.06
CA SER F 169 0.86 35.80 0.35
C SER F 169 -0.34 36.10 -0.54
N LEU F 170 -1.09 35.06 -0.91
CA LEU F 170 -2.29 35.26 -1.70
C LEU F 170 -3.24 36.01 -0.75
N PRO F 171 -4.11 36.86 -1.31
CA PRO F 171 -5.06 37.65 -0.50
C PRO F 171 -5.97 36.97 0.51
N ASN F 172 -6.31 35.70 0.29
CA ASN F 172 -7.21 35.01 1.21
C ASN F 172 -6.60 33.98 2.15
N SER F 173 -5.27 33.89 2.15
CA SER F 173 -4.56 32.97 3.04
C SER F 173 -4.68 33.52 4.47
N ARG F 174 -4.25 32.74 5.44
CA ARG F 174 -4.27 33.22 6.83
C ARG F 174 -2.98 32.80 7.50
N ILE F 175 -2.48 33.66 8.38
CA ILE F 175 -1.25 33.41 9.12
C ILE F 175 -1.58 33.24 10.60
N MET F 176 -0.78 32.44 11.31
CA MET F 176 -0.99 32.25 12.74
C MET F 176 0.31 31.97 13.46
N ILE F 177 0.50 32.64 14.60
CA ILE F 177 1.70 32.44 15.38
C ILE F 177 1.30 32.13 16.82
N HIS F 178 2.15 31.41 17.54
CA HIS F 178 1.91 31.10 18.94
C HIS F 178 3.09 30.38 19.54
N GLN F 179 3.23 30.47 20.85
CA GLN F 179 4.33 29.80 21.54
C GLN F 179 4.26 28.30 21.34
N PRO F 180 5.40 27.60 21.46
CA PRO F 180 5.33 26.16 21.27
C PRO F 180 4.62 25.43 22.40
N SER F 181 4.20 24.20 22.11
CA SER F 181 3.53 23.35 23.08
C SER F 181 4.26 22.03 23.14
N GLY F 182 3.97 21.23 24.17
CA GLY F 182 4.63 19.94 24.29
C GLY F 182 4.23 19.18 25.53
N GLY F 183 5.05 18.21 25.91
CA GLY F 183 4.74 17.40 27.09
C GLY F 183 5.98 17.02 27.87
N ALA F 184 5.77 16.70 29.14
CA ALA F 184 6.88 16.30 30.01
C ALA F 184 6.32 15.34 31.06
N ARG F 185 6.97 14.19 31.20
CA ARG F 185 6.52 13.18 32.18
C ARG F 185 7.72 12.43 32.73
N GLY F 186 7.57 11.93 33.96
CA GLY F 186 8.65 11.20 34.60
C GLY F 186 8.90 11.75 36.00
N GLN F 187 10.08 11.48 36.54
CA GLN F 187 10.41 11.97 37.88
C GLN F 187 10.50 13.49 37.86
N ALA F 188 10.35 14.10 39.03
CA ALA F 188 10.42 15.55 39.12
C ALA F 188 11.69 16.06 38.43
N THR F 189 12.80 15.37 38.65
CA THR F 189 14.09 15.75 38.04
C THR F 189 13.99 15.82 36.53
N ASP F 190 13.32 14.84 35.95
CA ASP F 190 13.15 14.79 34.51
C ASP F 190 12.20 15.88 34.03
N ILE F 191 11.11 16.09 34.77
CA ILE F 191 10.16 17.13 34.42
C ILE F 191 10.91 18.47 34.33
N ALA F 192 11.71 18.76 35.35
CA ALA F 192 12.47 20.01 35.39
C ALA F 192 13.35 20.19 34.17
N ILE F 193 14.03 19.11 33.77
CA ILE F 193 14.89 19.16 32.61
C ILE F 193 14.09 19.44 31.34
N GLN F 194 12.92 18.81 31.24
CA GLN F 194 12.06 18.99 30.07
C GLN F 194 11.50 20.40 29.98
N ALA F 195 11.04 20.91 31.12
CA ALA F 195 10.47 22.25 31.18
C ALA F 195 11.51 23.29 30.81
N GLU F 196 12.76 23.05 31.17
CA GLU F 196 13.84 23.99 30.86
C GLU F 196 14.12 23.98 29.36
N GLU F 197 14.04 22.79 28.77
CA GLU F 197 14.31 22.66 27.36
C GLU F 197 13.22 23.29 26.50
N ILE F 198 11.95 23.13 26.87
CA ILE F 198 10.91 23.75 26.06
C ILE F 198 10.97 25.26 26.25
N MET F 199 11.47 25.69 27.40
CA MET F 199 11.60 27.11 27.67
C MET F 199 12.72 27.70 26.79
N LYS F 200 13.80 26.96 26.60
CA LYS F 200 14.89 27.44 25.74
C LYS F 200 14.37 27.45 24.29
N LEU F 201 13.52 26.48 23.97
CA LEU F 201 12.94 26.35 22.65
C LEU F 201 12.03 27.55 22.35
N LYS F 202 11.26 27.97 23.35
CA LYS F 202 10.34 29.11 23.22
C LYS F 202 11.12 30.42 23.01
N LYS F 203 12.15 30.64 23.81
CA LYS F 203 12.97 31.85 23.69
C LYS F 203 13.67 31.85 22.34
N GLN F 204 14.09 30.67 21.90
CA GLN F 204 14.79 30.53 20.63
C GLN F 204 13.86 30.98 19.51
N LEU F 205 12.64 30.46 19.51
CA LEU F 205 11.66 30.80 18.49
C LEU F 205 11.31 32.28 18.54
N TYR F 206 11.18 32.83 19.75
CA TYR F 206 10.86 34.25 19.91
C TYR F 206 11.93 35.14 19.29
N ASN F 207 13.20 34.79 19.50
CA ASN F 207 14.27 35.59 18.91
C ASN F 207 14.23 35.53 17.39
N ILE F 208 14.00 34.33 16.86
CA ILE F 208 13.95 34.16 15.41
C ILE F 208 12.85 35.04 14.83
N TYR F 209 11.65 34.99 15.41
CA TYR F 209 10.56 35.82 14.91
C TYR F 209 10.91 37.32 15.06
N ALA F 210 11.52 37.67 16.19
CA ALA F 210 11.90 39.06 16.44
C ALA F 210 12.86 39.52 15.34
N LYS F 211 13.78 38.64 14.96
CA LYS F 211 14.75 38.95 13.92
C LYS F 211 14.15 39.17 12.53
N HIS F 212 13.22 38.29 12.12
CA HIS F 212 12.67 38.45 10.78
C HIS F 212 11.50 39.43 10.67
N THR F 213 10.81 39.68 11.76
CA THR F 213 9.69 40.62 11.71
C THR F 213 10.13 42.03 12.12
N LYS F 214 11.33 42.13 12.71
CA LYS F 214 11.88 43.41 13.16
C LYS F 214 11.11 43.94 14.36
N GLN F 215 10.31 43.09 14.98
CA GLN F 215 9.54 43.48 16.15
C GLN F 215 10.42 43.24 17.37
N SER F 216 10.09 43.88 18.48
CA SER F 216 10.86 43.70 19.72
C SER F 216 10.39 42.41 20.41
N LEU F 217 11.24 41.87 21.28
CA LEU F 217 10.88 40.66 22.02
C LEU F 217 9.60 40.89 22.80
N GLN F 218 9.47 42.08 23.39
CA GLN F 218 8.29 42.43 24.18
C GLN F 218 7.03 42.26 23.34
N VAL F 219 7.09 42.67 22.08
CA VAL F 219 5.94 42.55 21.19
C VAL F 219 5.73 41.07 20.80
N ILE F 220 6.80 40.39 20.46
CA ILE F 220 6.70 38.97 20.09
C ILE F 220 6.09 38.16 21.23
N GLU F 221 6.62 38.35 22.45
CA GLU F 221 6.15 37.62 23.63
C GLU F 221 4.66 37.82 23.86
N SER F 222 4.21 39.07 23.77
CA SER F 222 2.80 39.36 23.96
C SER F 222 1.93 38.77 22.85
N ALA F 223 2.41 38.87 21.61
CA ALA F 223 1.66 38.37 20.47
C ALA F 223 1.58 36.85 20.35
N MET F 224 2.54 36.14 20.95
CA MET F 224 2.52 34.69 20.85
C MET F 224 2.10 33.90 22.08
N GLU F 225 1.66 34.62 23.12
CA GLU F 225 1.22 33.98 24.35
C GLU F 225 0.07 33.00 24.05
N ARG F 226 -0.83 33.39 23.15
CA ARG F 226 -1.97 32.60 22.72
C ARG F 226 -1.97 32.56 21.20
N ASP F 227 -2.87 31.79 20.59
CA ASP F 227 -2.95 31.72 19.14
C ASP F 227 -3.28 33.13 18.62
N ARG F 228 -2.45 33.61 17.71
CA ARG F 228 -2.65 34.95 17.13
C ARG F 228 -2.86 34.83 15.63
N TYR F 229 -4.12 34.88 15.20
CA TYR F 229 -4.41 34.78 13.77
C TYR F 229 -4.22 36.14 13.11
N MET F 230 -3.77 36.13 11.86
CA MET F 230 -3.54 37.36 11.08
C MET F 230 -3.93 37.25 9.61
N SER F 231 -4.49 38.32 9.07
CA SER F 231 -4.84 38.37 7.65
C SER F 231 -3.52 38.67 6.94
N PRO F 232 -3.47 38.55 5.60
CA PRO F 232 -2.22 38.84 4.89
C PRO F 232 -1.74 40.26 5.20
N MET F 233 -2.66 41.22 5.19
CA MET F 233 -2.34 42.62 5.48
C MET F 233 -1.81 42.79 6.90
N GLU F 234 -2.46 42.17 7.87
CA GLU F 234 -2.00 42.28 9.25
C GLU F 234 -0.60 41.67 9.35
N ALA F 235 -0.39 40.55 8.68
CA ALA F 235 0.91 39.88 8.69
C ALA F 235 1.98 40.76 8.04
N GLN F 236 1.61 41.46 6.98
CA GLN F 236 2.58 42.36 6.31
C GLN F 236 2.95 43.45 7.31
N GLU F 237 1.94 44.03 7.94
CA GLU F 237 2.19 45.09 8.92
C GLU F 237 3.03 44.58 10.08
N PHE F 238 2.75 43.36 10.54
CA PHE F 238 3.48 42.77 11.66
C PHE F 238 4.94 42.49 11.31
N GLY F 239 5.21 42.21 10.04
CA GLY F 239 6.58 41.93 9.63
C GLY F 239 6.86 40.47 9.23
N ILE F 240 5.80 39.67 9.08
CA ILE F 240 5.93 38.27 8.69
C ILE F 240 6.07 38.12 7.17
N LEU F 241 5.46 39.03 6.42
CA LEU F 241 5.59 38.99 4.96
C LEU F 241 5.71 40.40 4.39
N ASP F 242 6.19 40.49 3.16
CA ASP F 242 6.40 41.78 2.50
C ASP F 242 5.33 42.17 1.49
N LYS F 243 4.75 41.18 0.82
CA LYS F 243 3.76 41.48 -0.20
C LYS F 243 2.49 40.64 -0.22
N VAL F 244 1.36 41.35 -0.21
CA VAL F 244 0.06 40.70 -0.30
C VAL F 244 -0.24 40.80 -1.79
N LEU F 245 -0.24 39.67 -2.48
CA LEU F 245 -0.51 39.63 -3.91
C LEU F 245 -1.88 40.22 -4.25
N VAL F 246 -1.96 40.84 -5.41
CA VAL F 246 -3.19 41.44 -5.88
C VAL F 246 -3.75 40.65 -7.06
N HIS F 247 -5.00 40.27 -6.96
CA HIS F 247 -5.64 39.51 -8.02
C HIS F 247 -5.89 40.38 -9.24
N PRO F 248 -5.60 39.84 -10.43
CA PRO F 248 -5.82 40.59 -11.67
C PRO F 248 -7.34 40.70 -11.88
N PRO F 249 -7.79 41.57 -12.79
CA PRO F 249 -9.24 41.69 -13.02
C PRO F 249 -9.82 40.40 -13.62
N GLN F 250 -11.06 40.07 -13.27
CA GLN F 250 -11.68 38.87 -13.83
C GLN F 250 -11.96 39.18 -15.29
N ASP F 251 -11.83 38.18 -16.16
CA ASP F 251 -12.05 38.40 -17.59
C ASP F 251 -13.53 38.42 -17.98
N GLY F 252 -14.36 39.05 -17.15
CA GLY F 252 -15.78 39.10 -17.47
C GLY F 252 -16.56 40.16 -16.70
N PRO G 57 2.93 12.87 -1.50
CA PRO G 57 3.24 12.31 -0.19
C PRO G 57 4.63 11.82 -0.19
N LEU G 58 4.84 11.24 -1.32
CA LEU G 58 6.04 10.56 -1.69
C LEU G 58 7.10 11.57 -2.13
N ILE G 59 8.05 11.00 -2.80
CA ILE G 59 9.33 11.63 -3.12
C ILE G 59 9.47 12.10 -4.61
N PRO G 60 9.80 13.42 -4.86
CA PRO G 60 9.94 13.98 -6.23
C PRO G 60 11.10 13.34 -6.98
N ILE G 61 11.06 13.40 -8.29
CA ILE G 61 11.96 12.43 -9.05
C ILE G 61 12.67 13.57 -9.73
N VAL G 62 14.04 13.73 -9.34
CA VAL G 62 14.70 14.62 -10.29
C VAL G 62 15.14 13.90 -11.55
N VAL G 63 16.16 13.92 -11.70
CA VAL G 63 16.61 13.91 -13.01
C VAL G 63 17.21 12.69 -13.55
N TYR G 73 17.07 9.78 -10.44
CA TYR G 73 15.65 9.82 -10.13
C TYR G 73 15.38 10.50 -8.85
N ASP G 74 15.07 9.67 -7.84
CA ASP G 74 14.47 10.06 -6.52
C ASP G 74 15.44 11.02 -5.84
N ILE G 75 14.94 12.10 -5.25
CA ILE G 75 15.82 13.11 -4.67
C ILE G 75 16.94 12.52 -3.80
N TYR G 76 16.61 11.55 -2.95
CA TYR G 76 17.62 10.94 -2.09
C TYR G 76 18.66 10.17 -2.90
N SER G 77 18.21 9.51 -3.94
CA SER G 77 19.13 8.78 -4.83
C SER G 77 20.03 9.77 -5.53
N ARG G 78 19.46 10.91 -5.90
CA ARG G 78 20.19 11.96 -6.57
C ARG G 78 21.29 12.48 -5.65
N LEU G 79 21.00 12.59 -4.35
CA LEU G 79 21.99 13.06 -3.39
C LEU G 79 23.01 11.96 -3.13
N LEU G 80 22.56 10.71 -3.14
CA LEU G 80 23.44 9.57 -2.92
C LEU G 80 24.48 9.54 -4.03
N ARG G 81 24.12 10.12 -5.18
CA ARG G 81 25.03 10.18 -6.32
C ARG G 81 26.08 11.25 -6.07
N GLU G 82 25.78 12.15 -5.15
CA GLU G 82 26.69 13.23 -4.78
C GLU G 82 27.40 12.84 -3.48
N ARG G 83 27.36 11.55 -3.17
CA ARG G 83 28.00 11.01 -1.96
C ARG G 83 27.39 11.57 -0.68
N ILE G 84 26.07 11.70 -0.66
CA ILE G 84 25.37 12.21 0.51
C ILE G 84 24.42 11.14 1.07
N VAL G 85 24.55 10.86 2.36
CA VAL G 85 23.71 9.87 3.04
C VAL G 85 22.85 10.56 4.09
N CYS G 86 21.53 10.32 4.03
CA CYS G 86 20.61 10.95 4.98
C CYS G 86 20.15 10.01 6.08
N VAL G 87 20.43 10.42 7.33
CA VAL G 87 20.02 9.65 8.50
C VAL G 87 18.93 10.47 9.15
N MET G 88 17.68 10.17 8.80
CA MET G 88 16.55 10.92 9.31
C MET G 88 15.54 10.05 10.06
N GLY G 89 14.89 10.65 11.06
CA GLY G 89 13.92 9.92 11.83
C GLY G 89 14.54 8.93 12.78
N PRO G 90 13.71 8.12 13.47
CA PRO G 90 14.15 7.11 14.44
C PRO G 90 15.08 6.06 13.83
N ILE G 91 16.18 5.77 14.54
CA ILE G 91 17.12 4.77 14.07
C ILE G 91 16.71 3.37 14.53
N ASP G 92 16.62 2.44 13.58
CA ASP G 92 16.29 1.06 13.90
C ASP G 92 17.05 0.16 12.93
N ASP G 93 16.89 -1.16 13.05
CA ASP G 93 17.63 -2.06 12.19
C ASP G 93 17.43 -1.73 10.72
N SER G 94 16.20 -1.37 10.38
CA SER G 94 15.83 -1.04 9.00
C SER G 94 16.62 0.18 8.49
N VAL G 95 16.59 1.27 9.23
CA VAL G 95 17.31 2.49 8.84
C VAL G 95 18.82 2.26 8.83
N ALA G 96 19.31 1.49 9.80
CA ALA G 96 20.73 1.19 9.89
C ALA G 96 21.22 0.41 8.67
N SER G 97 20.42 -0.54 8.22
CA SER G 97 20.79 -1.35 7.06
C SER G 97 20.95 -0.48 5.81
N LEU G 98 19.97 0.39 5.58
CA LEU G 98 20.00 1.27 4.42
C LEU G 98 21.22 2.19 4.45
N VAL G 99 21.47 2.77 5.60
CA VAL G 99 22.61 3.67 5.79
C VAL G 99 23.92 2.93 5.53
N ILE G 100 24.07 1.77 6.17
CA ILE G 100 25.28 0.98 6.00
C ILE G 100 25.47 0.54 4.55
N ALA G 101 24.38 0.18 3.89
CA ALA G 101 24.44 -0.25 2.49
C ALA G 101 24.94 0.90 1.62
N GLN G 102 24.43 2.10 1.88
CA GLN G 102 24.82 3.28 1.14
C GLN G 102 26.28 3.65 1.40
N LEU G 103 26.69 3.54 2.66
CA LEU G 103 28.08 3.87 3.02
C LEU G 103 29.03 2.94 2.29
N LEU G 104 28.71 1.64 2.27
CA LEU G 104 29.56 0.67 1.59
C LEU G 104 29.58 0.93 0.09
N PHE G 105 28.45 1.38 -0.43
CA PHE G 105 28.35 1.68 -1.86
C PHE G 105 29.31 2.81 -2.20
N LEU G 106 29.25 3.89 -1.43
CA LEU G 106 30.10 5.04 -1.65
C LEU G 106 31.58 4.73 -1.50
N GLN G 107 31.90 3.67 -0.75
CA GLN G 107 33.29 3.29 -0.57
C GLN G 107 33.75 2.57 -1.84
N SER G 108 32.87 1.73 -2.38
CA SER G 108 33.16 0.98 -3.60
C SER G 108 33.48 1.98 -4.72
N GLU G 109 32.65 3.01 -4.81
CA GLU G 109 32.84 4.05 -5.81
C GLU G 109 34.19 4.69 -5.61
N SER G 110 34.49 5.07 -4.37
CA SER G 110 35.75 5.69 -4.02
C SER G 110 36.03 5.60 -2.54
N ASN G 111 37.07 4.87 -2.18
CA ASN G 111 37.46 4.72 -0.78
C ASN G 111 38.41 5.85 -0.42
N LYS G 112 38.25 6.97 -1.12
CA LYS G 112 39.09 8.14 -0.91
C LYS G 112 38.27 9.42 -0.83
N LYS G 113 37.25 9.53 -1.66
CA LYS G 113 36.41 10.73 -1.67
C LYS G 113 35.60 10.81 -0.38
N PRO G 114 35.52 12.01 0.22
CA PRO G 114 34.78 12.22 1.45
C PRO G 114 33.35 11.73 1.32
N ILE G 115 32.69 11.55 2.46
CA ILE G 115 31.30 11.10 2.49
C ILE G 115 30.56 11.99 3.47
N HIS G 116 29.41 12.48 3.07
CA HIS G 116 28.60 13.35 3.90
C HIS G 116 27.41 12.65 4.51
N MET G 117 27.23 12.83 5.81
CA MET G 117 26.14 12.21 6.54
C MET G 117 25.27 13.30 7.15
N TYR G 118 24.06 13.46 6.62
CA TYR G 118 23.12 14.46 7.13
C TYR G 118 22.31 13.79 8.24
N ILE G 119 22.30 14.41 9.42
CA ILE G 119 21.61 13.83 10.58
C ILE G 119 20.55 14.69 11.24
N ASN G 120 19.36 14.14 11.35
CA ASN G 120 18.23 14.80 12.01
C ASN G 120 17.45 13.62 12.57
N SER G 121 17.80 13.23 13.80
CA SER G 121 17.17 12.09 14.44
C SER G 121 17.01 12.22 15.94
N PRO G 122 15.90 11.68 16.47
CA PRO G 122 15.59 11.72 17.90
C PRO G 122 16.28 10.55 18.62
N GLY G 123 16.95 9.71 17.83
CA GLY G 123 17.64 8.55 18.38
C GLY G 123 17.07 7.25 17.82
N GLY G 124 17.17 6.17 18.58
CA GLY G 124 16.67 4.88 18.13
C GLY G 124 17.29 3.68 18.81
N VAL G 125 17.24 2.52 18.14
CA VAL G 125 17.79 1.30 18.72
C VAL G 125 19.32 1.35 18.88
N VAL G 126 19.79 1.07 20.09
CA VAL G 126 21.22 1.11 20.39
C VAL G 126 22.10 0.25 19.48
N THR G 127 21.76 -1.03 19.31
CA THR G 127 22.56 -1.90 18.46
C THR G 127 22.51 -1.45 17.00
N ALA G 128 21.39 -0.88 16.59
CA ALA G 128 21.24 -0.40 15.21
C ALA G 128 22.19 0.78 15.01
N GLY G 129 22.23 1.65 16.02
CA GLY G 129 23.09 2.82 15.95
C GLY G 129 24.57 2.46 16.00
N LEU G 130 24.91 1.42 16.75
CA LEU G 130 26.30 0.98 16.85
C LEU G 130 26.73 0.31 15.55
N ALA G 131 25.78 -0.29 14.83
CA ALA G 131 26.07 -0.92 13.55
C ALA G 131 26.54 0.19 12.61
N ILE G 132 25.83 1.33 12.64
CA ILE G 132 26.19 2.47 11.79
C ILE G 132 27.54 3.04 12.24
N TYR G 133 27.67 3.24 13.55
CA TYR G 133 28.89 3.77 14.13
C TYR G 133 30.13 2.98 13.70
N ASP G 134 30.10 1.66 13.89
CA ASP G 134 31.24 0.83 13.52
C ASP G 134 31.53 0.90 12.02
N THR G 135 30.49 0.96 11.21
CA THR G 135 30.66 1.03 9.76
C THR G 135 31.36 2.33 9.40
N MET G 136 30.95 3.41 10.06
CA MET G 136 31.56 4.71 9.83
C MET G 136 33.05 4.63 10.11
N GLN G 137 33.40 3.96 11.19
CA GLN G 137 34.80 3.81 11.58
C GLN G 137 35.54 2.80 10.72
N TYR G 138 34.83 1.82 10.17
CA TYR G 138 35.46 0.79 9.35
C TYR G 138 35.84 1.29 7.95
N ILE G 139 34.95 2.03 7.29
CA ILE G 139 35.24 2.53 5.96
C ILE G 139 36.43 3.48 5.99
N LEU G 140 37.26 3.40 4.96
CA LEU G 140 38.45 4.22 4.87
C LEU G 140 38.20 5.71 4.65
N ASN G 141 37.26 6.03 3.77
CA ASN G 141 36.96 7.42 3.47
C ASN G 141 36.58 8.27 4.66
N PRO G 142 36.97 9.55 4.67
CA PRO G 142 36.66 10.46 5.76
C PRO G 142 35.16 10.78 5.73
N ILE G 143 34.56 10.94 6.90
CA ILE G 143 33.13 11.20 6.96
C ILE G 143 32.82 12.54 7.61
N CYS G 144 32.04 13.34 6.89
CA CYS G 144 31.63 14.64 7.37
C CYS G 144 30.22 14.51 7.91
N THR G 145 30.03 14.80 9.20
CA THR G 145 28.70 14.71 9.79
C THR G 145 28.04 16.08 9.84
N TRP G 146 26.75 16.12 9.53
CA TRP G 146 25.99 17.37 9.51
C TRP G 146 24.69 17.27 10.29
N CYS G 147 24.57 18.05 11.35
CA CYS G 147 23.36 18.03 12.16
C CYS G 147 22.38 19.17 11.84
N VAL G 148 21.15 18.82 11.48
CA VAL G 148 20.11 19.80 11.22
C VAL G 148 18.88 19.34 11.99
N GLY G 149 18.21 20.27 12.65
CA GLY G 149 17.04 19.92 13.43
C GLY G 149 17.53 19.45 14.78
N GLN G 150 17.83 18.16 14.89
CA GLN G 150 18.33 17.62 16.13
C GLN G 150 19.15 16.36 15.93
N ALA G 151 19.99 16.07 16.92
CA ALA G 151 20.82 14.89 16.91
C ALA G 151 20.72 14.45 18.36
N ALA G 152 19.67 13.68 18.66
CA ALA G 152 19.45 13.22 20.01
C ALA G 152 19.84 11.77 20.23
N SER G 153 20.27 11.50 21.46
CA SER G 153 20.69 10.18 21.86
C SER G 153 21.62 9.50 20.85
N MET G 154 21.26 8.33 20.33
CA MET G 154 22.15 7.67 19.37
C MET G 154 22.47 8.58 18.19
N GLY G 155 21.57 9.53 17.91
CA GLY G 155 21.84 10.45 16.81
C GLY G 155 23.07 11.30 17.09
N SER G 156 23.20 11.77 18.33
CA SER G 156 24.34 12.60 18.70
C SER G 156 25.65 11.81 18.74
N LEU G 157 25.53 10.49 18.87
CA LEU G 157 26.71 9.63 18.90
C LEU G 157 27.26 9.55 17.48
N LEU G 158 26.38 9.35 16.50
CA LEU G 158 26.79 9.27 15.10
C LEU G 158 27.38 10.62 14.66
N LEU G 159 26.84 11.71 15.19
CA LEU G 159 27.34 13.03 14.85
C LEU G 159 28.78 13.20 15.36
N ALA G 160 28.99 12.84 16.62
CA ALA G 160 30.31 12.96 17.23
C ALA G 160 31.32 11.98 16.64
N ALA G 161 30.82 10.95 15.95
CA ALA G 161 31.66 9.91 15.38
C ALA G 161 32.23 10.23 14.00
N GLY G 162 31.98 11.45 13.52
CA GLY G 162 32.51 11.83 12.22
C GLY G 162 33.99 12.14 12.32
N THR G 163 34.67 12.17 11.18
CA THR G 163 36.10 12.47 11.16
C THR G 163 36.37 13.77 11.89
N PRO G 164 37.39 13.78 12.77
CA PRO G 164 37.74 14.98 13.53
C PRO G 164 37.91 16.17 12.60
N GLY G 165 37.26 17.28 12.94
CA GLY G 165 37.35 18.48 12.13
C GLY G 165 36.28 18.55 11.04
N MET G 166 35.49 17.48 10.92
CA MET G 166 34.44 17.41 9.91
C MET G 166 33.05 17.13 10.47
N ARG G 167 32.84 17.52 11.72
CA ARG G 167 31.56 17.32 12.39
C ARG G 167 30.90 18.69 12.54
N HIS G 168 29.79 18.90 11.83
CA HIS G 168 29.11 20.19 11.83
C HIS G 168 27.66 20.20 12.28
N SER G 169 27.15 21.42 12.45
CA SER G 169 25.77 21.65 12.84
C SER G 169 25.34 23.04 12.35
N LEU G 170 24.03 23.21 12.15
CA LEU G 170 23.53 24.51 11.75
C LEU G 170 23.28 25.23 13.06
N PRO G 171 23.12 26.56 13.01
CA PRO G 171 22.88 27.41 14.19
C PRO G 171 21.77 27.05 15.17
N ASN G 172 20.68 26.45 14.71
CA ASN G 172 19.59 26.15 15.62
C ASN G 172 19.29 24.69 15.91
N SER G 173 20.21 23.81 15.56
CA SER G 173 20.01 22.39 15.83
C SER G 173 20.10 22.23 17.35
N ARG G 174 19.73 21.05 17.82
CA ARG G 174 19.83 20.79 19.24
C ARG G 174 20.40 19.39 19.40
N ILE G 175 21.31 19.25 20.35
CA ILE G 175 21.97 17.99 20.62
C ILE G 175 21.55 17.50 22.01
N MET G 176 21.52 16.19 22.19
CA MET G 176 21.16 15.62 23.47
C MET G 176 21.82 14.27 23.64
N ILE G 177 22.30 14.02 24.85
CA ILE G 177 22.94 12.75 25.18
C ILE G 177 22.32 12.25 26.48
N HIS G 178 22.32 10.95 26.67
CA HIS G 178 21.81 10.37 27.90
C HIS G 178 22.09 8.89 27.90
N GLN G 179 22.09 8.28 29.07
CA GLN G 179 22.34 6.85 29.18
C GLN G 179 21.20 6.06 28.54
N PRO G 180 21.45 4.80 28.15
CA PRO G 180 20.40 3.99 27.53
C PRO G 180 19.26 3.59 28.47
N SER G 181 18.13 3.23 27.89
CA SER G 181 16.96 2.81 28.63
C SER G 181 16.49 1.50 28.03
N GLY G 182 15.59 0.82 28.73
CA GLY G 182 15.09 -0.45 28.24
C GLY G 182 14.15 -1.09 29.23
N GLY G 183 14.04 -2.40 29.16
CA GLY G 183 13.16 -3.11 30.06
C GLY G 183 13.73 -4.49 30.36
N ALA G 184 13.30 -5.07 31.48
CA ALA G 184 13.74 -6.40 31.89
C ALA G 184 12.50 -7.11 32.43
N ARG G 185 12.40 -8.41 32.19
CA ARG G 185 11.23 -9.15 32.65
C ARG G 185 11.50 -10.65 32.67
N GLY G 186 10.89 -11.33 33.64
CA GLY G 186 11.08 -12.76 33.74
C GLY G 186 11.52 -13.14 35.14
N GLN G 187 12.11 -14.32 35.28
CA GLN G 187 12.60 -14.79 36.57
C GLN G 187 13.72 -13.87 37.04
N ALA G 188 13.92 -13.80 38.36
CA ALA G 188 14.97 -12.95 38.91
C ALA G 188 16.30 -13.20 38.20
N THR G 189 16.60 -14.46 37.90
CA THR G 189 17.83 -14.80 37.20
C THR G 189 17.93 -14.10 35.84
N ASP G 190 16.80 -14.03 35.13
CA ASP G 190 16.78 -13.40 33.83
C ASP G 190 16.88 -11.88 33.95
N ILE G 191 16.24 -11.33 34.97
CA ILE G 191 16.29 -9.90 35.19
C ILE G 191 17.73 -9.48 35.42
N ALA G 192 18.45 -10.26 36.24
CA ALA G 192 19.85 -9.97 36.54
C ALA G 192 20.68 -9.97 35.26
N ILE G 193 20.45 -10.96 34.40
CA ILE G 193 21.17 -11.06 33.15
C ILE G 193 20.92 -9.82 32.29
N GLN G 194 19.66 -9.43 32.19
CA GLN G 194 19.30 -8.26 31.39
C GLN G 194 19.84 -6.98 32.00
N ALA G 195 19.84 -6.90 33.33
CA ALA G 195 20.36 -5.72 34.02
C ALA G 195 21.85 -5.58 33.73
N GLU G 196 22.57 -6.71 33.79
CA GLU G 196 24.00 -6.71 33.54
C GLU G 196 24.30 -6.29 32.10
N GLU G 197 23.44 -6.71 31.17
CA GLU G 197 23.65 -6.39 29.77
C GLU G 197 23.43 -4.90 29.52
N ILE G 198 22.36 -4.31 30.05
CA ILE G 198 22.14 -2.90 29.80
C ILE G 198 23.20 -2.01 30.47
N MET G 199 23.79 -2.48 31.56
CA MET G 199 24.84 -1.72 32.22
C MET G 199 26.11 -1.77 31.38
N LYS G 200 26.34 -2.90 30.70
CA LYS G 200 27.52 -3.01 29.85
C LYS G 200 27.31 -2.08 28.66
N LEU G 201 26.08 -2.04 28.16
CA LEU G 201 25.74 -1.18 27.02
C LEU G 201 26.02 0.27 27.41
N LYS G 202 25.58 0.64 28.61
CA LYS G 202 25.78 1.99 29.12
C LYS G 202 27.27 2.36 29.11
N LYS G 203 28.11 1.50 29.67
CA LYS G 203 29.54 1.79 29.71
C LYS G 203 30.16 1.79 28.33
N GLN G 204 29.67 0.92 27.45
CA GLN G 204 30.17 0.84 26.08
C GLN G 204 29.97 2.19 25.39
N LEU G 205 28.77 2.75 25.55
CA LEU G 205 28.42 4.04 24.96
C LEU G 205 29.23 5.17 25.62
N TYR G 206 29.37 5.12 26.94
CA TYR G 206 30.15 6.14 27.63
C TYR G 206 31.58 6.17 27.08
N ASN G 207 32.13 5.00 26.78
CA ASN G 207 33.48 4.91 26.23
C ASN G 207 33.56 5.53 24.85
N ILE G 208 32.56 5.26 24.02
CA ILE G 208 32.54 5.79 22.68
C ILE G 208 32.49 7.32 22.72
N TYR G 209 31.60 7.86 23.54
CA TYR G 209 31.49 9.31 23.68
C TYR G 209 32.80 9.91 24.21
N ALA G 210 33.34 9.33 25.26
CA ALA G 210 34.58 9.82 25.85
C ALA G 210 35.67 9.92 24.78
N LYS G 211 35.80 8.87 23.99
CA LYS G 211 36.79 8.84 22.94
C LYS G 211 36.62 9.95 21.89
N HIS G 212 35.39 10.18 21.43
CA HIS G 212 35.18 11.19 20.41
C HIS G 212 35.02 12.62 20.88
N THR G 213 34.66 12.81 22.16
CA THR G 213 34.51 14.16 22.68
C THR G 213 35.77 14.59 23.46
N LYS G 214 36.65 13.61 23.70
CA LYS G 214 37.89 13.85 24.44
C LYS G 214 37.61 14.20 25.90
N GLN G 215 36.38 13.98 26.35
CA GLN G 215 36.01 14.24 27.73
C GLN G 215 36.38 13.01 28.55
N SER G 216 36.58 13.18 29.86
CA SER G 216 36.92 12.07 30.73
C SER G 216 35.68 11.22 30.99
N LEU G 217 35.87 9.97 31.38
CA LEU G 217 34.74 9.10 31.66
C LEU G 217 33.85 9.67 32.76
N GLN G 218 34.45 10.39 33.70
CA GLN G 218 33.71 11.00 34.81
C GLN G 218 32.78 12.11 34.31
N VAL G 219 33.28 12.92 33.38
CA VAL G 219 32.47 14.00 32.84
C VAL G 219 31.29 13.39 32.07
N ILE G 220 31.60 12.40 31.24
CA ILE G 220 30.59 11.70 30.46
C ILE G 220 29.50 11.10 31.35
N GLU G 221 29.93 10.31 32.33
CA GLU G 221 28.99 9.67 33.26
C GLU G 221 28.08 10.70 33.93
N SER G 222 28.68 11.79 34.38
CA SER G 222 27.93 12.84 35.05
C SER G 222 26.94 13.55 34.11
N ALA G 223 27.37 13.80 32.88
CA ALA G 223 26.54 14.49 31.90
C ALA G 223 25.42 13.63 31.30
N MET G 224 25.61 12.31 31.26
CA MET G 224 24.61 11.44 30.67
C MET G 224 23.63 10.75 31.62
N GLU G 225 23.81 10.92 32.92
CA GLU G 225 22.92 10.27 33.89
C GLU G 225 21.46 10.62 33.61
N ARG G 226 21.21 11.87 33.22
CA ARG G 226 19.88 12.36 32.88
C ARG G 226 20.00 12.93 31.47
N ASP G 227 18.87 13.26 30.85
CA ASP G 227 18.92 13.84 29.50
C ASP G 227 19.65 15.16 29.55
N ARG G 228 20.65 15.32 28.68
CA ARG G 228 21.43 16.55 28.63
C ARG G 228 21.32 17.20 27.25
N TYR G 229 20.62 18.33 27.19
CA TYR G 229 20.44 19.05 25.94
C TYR G 229 21.54 20.10 25.82
N MET G 230 21.99 20.32 24.59
CA MET G 230 23.05 21.30 24.31
C MET G 230 22.80 22.06 23.02
N SER G 231 23.18 23.33 23.00
CA SER G 231 23.04 24.14 21.80
C SER G 231 24.23 23.70 20.94
N PRO G 232 24.25 24.10 19.66
CA PRO G 232 25.36 23.70 18.80
C PRO G 232 26.71 24.17 19.34
N MET G 233 26.75 25.37 19.91
CA MET G 233 27.99 25.92 20.45
C MET G 233 28.39 25.22 21.75
N GLU G 234 27.41 24.77 22.53
CA GLU G 234 27.72 24.06 23.78
C GLU G 234 28.25 22.67 23.37
N ALA G 235 27.68 22.10 22.32
CA ALA G 235 28.09 20.78 21.84
C ALA G 235 29.50 20.82 21.27
N GLN G 236 29.84 21.94 20.63
CA GLN G 236 31.17 22.11 20.05
C GLN G 236 32.18 22.18 21.21
N GLU G 237 31.81 22.89 22.26
CA GLU G 237 32.67 23.03 23.42
C GLU G 237 32.84 21.67 24.10
N PHE G 238 31.78 20.88 24.12
CA PHE G 238 31.78 19.56 24.74
C PHE G 238 32.62 18.55 23.95
N GLY G 239 32.76 18.78 22.65
CA GLY G 239 33.54 17.87 21.83
C GLY G 239 32.69 16.97 20.93
N ILE G 240 31.40 17.26 20.86
CA ILE G 240 30.50 16.48 20.01
C ILE G 240 30.63 16.90 18.55
N LEU G 241 30.97 18.16 18.32
CA LEU G 241 31.14 18.65 16.96
C LEU G 241 32.23 19.71 16.91
N ASP G 242 32.70 19.99 15.71
CA ASP G 242 33.77 20.96 15.51
C ASP G 242 33.36 22.33 14.98
N LYS G 243 32.39 22.38 14.07
CA LYS G 243 32.00 23.67 13.51
C LYS G 243 30.50 23.93 13.46
N VAL G 244 30.12 25.18 13.73
CA VAL G 244 28.73 25.61 13.68
C VAL G 244 28.70 26.60 12.51
N LEU G 245 28.19 26.15 11.36
CA LEU G 245 28.13 26.96 10.17
C LEU G 245 26.94 27.90 10.02
N VAL G 246 27.21 29.05 9.40
CA VAL G 246 26.20 30.07 9.13
C VAL G 246 25.93 30.04 7.63
N HIS G 247 26.99 29.77 6.87
CA HIS G 247 26.92 29.71 5.41
C HIS G 247 28.11 28.94 4.87
N PRO G 248 27.96 28.35 3.68
CA PRO G 248 29.11 27.63 3.11
C PRO G 248 29.96 28.79 2.57
N PRO G 249 31.10 28.50 1.91
CA PRO G 249 31.91 29.60 1.38
C PRO G 249 31.10 30.62 0.54
N GLN G 250 30.95 31.84 1.06
CA GLN G 250 30.22 32.87 0.34
C GLN G 250 31.00 33.43 -0.86
N ASP G 251 30.35 34.27 -1.66
CA ASP G 251 31.00 34.82 -2.85
C ASP G 251 32.35 35.50 -2.56
N GLY G 252 33.41 34.96 -3.16
CA GLY G 252 34.74 35.52 -2.94
C GLY G 252 35.50 34.92 -1.77
N GLU G 253 34.78 34.21 -0.88
CA GLU G 253 35.40 33.60 0.29
C GLU G 253 35.82 32.15 0.02
N ASP G 254 36.97 31.75 0.55
CA ASP G 254 37.48 30.39 0.37
C ASP G 254 36.91 29.41 1.39
N GLU G 255 36.66 29.92 2.60
CA GLU G 255 36.15 29.10 3.69
C GLU G 255 34.71 29.46 4.02
N PRO G 256 33.98 28.54 4.68
CA PRO G 256 32.59 28.80 5.04
C PRO G 256 32.57 29.80 6.19
N THR G 257 31.41 30.40 6.44
CA THR G 257 31.27 31.36 7.52
C THR G 257 30.79 30.57 8.74
N LEU G 258 31.44 30.77 9.88
CA LEU G 258 31.09 30.04 11.09
C LEU G 258 30.63 30.90 12.26
N VAL G 259 29.87 30.29 13.16
CA VAL G 259 29.39 30.99 14.34
C VAL G 259 30.60 31.21 15.24
C1 DIO H . 30.27 -5.18 7.22
C2 DIO H . 30.26 -2.98 7.74
C1' DIO H . 31.49 -5.04 6.30
C2' DIO H . 31.45 -2.73 6.79
O1 DIO H . 30.30 -4.15 8.23
O1' DIO H . 32.26 -3.92 6.72
C1 EDO I . 23.40 -6.03 6.92
O1 EDO I . 21.98 -5.91 6.86
C2 EDO I . 23.90 -5.17 7.89
O2 EDO I . 23.71 -3.88 7.52
C1 DIO J . -5.38 -28.16 -15.61
C2 DIO J . -3.99 -29.01 -14.07
C1' DIO J . -4.47 -28.54 -16.79
C2' DIO J . -2.98 -29.40 -15.17
O1 DIO J . -5.18 -29.05 -14.51
O1' DIO J . -3.68 -29.67 -16.39
C1 EDO K . 13.33 -21.36 -0.80
O1 EDO K . 13.89 -22.06 0.33
C2 EDO K . 12.01 -21.76 -0.98
O2 EDO K . 11.30 -21.53 0.14
C1 EDO L . 19.49 -27.37 -2.33
O1 EDO L . 19.56 -26.51 -3.50
C2 EDO L . 18.43 -26.96 -1.53
O2 EDO L . 18.74 -25.83 -0.88
C1 GOL M . 13.87 -34.00 14.62
O1 GOL M . 14.37 -34.05 13.28
C2 GOL M . 12.54 -33.52 14.62
O2 GOL M . 11.67 -34.50 14.84
C3 GOL M . 12.54 -32.32 14.41
O3 GOL M . 13.02 -31.02 14.16
C1 GOL N . -14.71 -36.87 -1.82
O1 GOL N . -14.25 -36.60 -3.16
C2 GOL N . -15.23 -35.73 -1.23
O2 GOL N . -16.55 -35.83 -1.03
C3 GOL N . -14.36 -34.93 -1.03
O3 GOL N . -13.08 -34.35 -1.00
C1 EDO O . -5.02 -22.63 -10.72
O1 EDO O . -4.47 -21.59 -11.54
C2 EDO O . -6.40 -22.46 -10.61
O2 EDO O . -6.67 -21.40 -9.83
C1 EDO P . -18.55 -6.61 -16.14
O1 EDO P . -17.56 -7.38 -16.83
C2 EDO P . -17.94 -5.55 -15.45
O2 EDO P . -17.14 -4.84 -16.28
C1 GOL Q . -35.26 -12.68 -11.18
O1 GOL Q . -34.43 -12.42 -12.34
C2 GOL Q . -34.84 -11.90 -10.10
O2 GOL Q . -35.83 -11.14 -9.62
C3 GOL Q . -33.68 -12.14 -9.83
O3 GOL Q . -32.40 -12.71 -9.89
C1 DIO R . -21.93 -7.85 -22.51
C2 DIO R . -20.04 -8.64 -23.46
C1' DIO R . -22.76 -9.06 -22.96
C2' DIO R . -20.81 -9.86 -24.00
O1 DIO R . -20.55 -8.23 -22.37
O1' DIO R . -21.88 -10.18 -23.12
C1 EDO S . -17.83 18.06 -17.99
O1 EDO S . -19.01 18.58 -17.36
C2 EDO S . -17.93 18.19 -19.38
O2 EDO S . -19.06 17.60 -19.83
N FME T . 14.38 -17.91 20.15
CN FME T . 14.10 -17.01 21.09
O1 FME T . 14.66 -15.91 21.12
CA FME T . 15.26 -17.77 19.02
CB FME T . 15.43 -19.02 18.18
CG FME T . 15.93 -20.23 19.08
SD FME T . 17.72 -20.16 19.18
CE FME T . 18.03 -21.59 20.18
C FME T . 14.80 -16.62 18.11
O FME T . 15.54 -15.68 17.91
N FME U . -3.05 -29.53 8.63
CN FME U . -2.83 -28.58 9.55
O1 FME U . -1.67 -28.17 9.77
CA FME U . -2.52 -29.66 7.30
CB FME U . -3.47 -30.24 6.29
CG FME U . -3.96 -31.67 6.72
SD FME U . -2.61 -32.82 6.40
CE FME U . -3.40 -34.33 6.90
C FME U . -2.06 -28.30 6.77
O FME U . -1.28 -28.26 5.83
N FME V . -22.83 -20.00 -1.41
CN FME V . -22.22 -20.42 -0.31
O1 FME V . -21.40 -21.34 -0.36
CA FME V . -22.43 -20.14 -2.77
CB FME V . -23.34 -19.55 -3.81
CG FME V . -24.80 -20.15 -3.73
SD FME V . -24.77 -21.63 -4.77
CE FME V . -26.45 -22.16 -4.63
C FME V . -21.03 -19.58 -2.97
O FME V . -20.43 -19.92 -3.98
N FME W . -29.39 2.82 -3.27
CN FME W . -28.96 1.72 -2.66
O1 FME W . -29.02 0.63 -3.25
CA FME W . -28.91 3.39 -4.52
CB FME W . -29.05 4.86 -4.65
CG FME W . -30.55 5.31 -4.51
SD FME W . -31.38 4.74 -5.99
CE FME W . -32.99 5.39 -5.69
C FME W . -27.46 2.98 -4.74
O FME W . -27.10 2.55 -5.82
N FME X . -18.38 23.14 4.90
CN FME X . -18.57 21.86 5.23
O1 FME X . -18.79 20.99 4.36
CA FME X . -17.42 23.72 3.97
CB FME X . -16.66 24.90 4.47
CG FME X . -17.58 26.12 4.88
SD FME X . -18.02 26.91 3.34
CE FME X . -18.96 28.29 3.94
C FME X . -16.42 22.64 3.56
O FME X . -16.20 22.45 2.39
N FME Y . 2.39 24.36 16.71
CN FME Y . 1.12 24.09 16.47
O1 FME Y . 0.75 23.75 15.34
CA FME Y . 3.55 23.54 16.50
CB FME Y . 4.84 24.11 17.06
CG FME Y . 5.16 25.55 16.50
SD FME Y . 5.41 26.70 17.86
CE FME Y . 5.78 28.18 16.92
C FME Y . 3.32 22.10 17.09
O FME Y . 2.85 21.22 16.39
N FME Z . 17.91 6.41 23.95
CN FME Z . 16.73 7.02 23.92
O1 FME Z . 16.61 8.15 23.41
CA FME Z . 18.71 6.01 22.84
CB FME Z . 19.67 4.87 23.08
CG FME Z . 20.67 5.17 24.28
SD FME Z . 22.01 6.23 23.67
CE FME Z . 23.01 6.39 25.13
C FME Z . 17.80 5.68 21.66
O FME Z . 17.48 6.56 20.91
C1 GOL AA . -32.40 20.01 -6.27
O1 GOL AA . -31.49 20.09 -7.40
C2 GOL AA . -31.71 19.81 -5.07
O2 GOL AA . -32.08 20.69 -4.12
C3 GOL AA . -30.98 18.87 -5.18
O3 GOL AA . -30.31 17.77 -5.74
C1 DIO BA . -16.15 14.64 -11.78
C2 DIO BA . -14.60 13.52 -12.94
C1' DIO BA . -15.11 15.34 -10.89
C2' DIO BA . -13.48 14.13 -12.07
O1 DIO BA . -15.57 14.32 -13.05
O1' DIO BA . -13.90 15.43 -11.61
C1 GOL CA . -8.24 36.86 8.94
O1 GOL CA . -7.37 36.90 7.80
C2 GOL CA . -7.87 35.81 9.78
O2 GOL CA . -7.33 36.25 10.93
C3 GOL CA . -8.13 34.77 9.26
O3 GOL CA . -8.59 33.85 8.31
C1 DIO DA . 1.14 32.27 -4.97
C2 DIO DA . 0.46 31.62 -7.02
C1' DIO DA . 2.21 31.16 -4.89
C2' DIO DA . 1.48 30.47 -7.01
O1 DIO DA . 0.90 32.60 -6.34
O1' DIO DA . 2.62 30.83 -6.22
C1 EDO EA . 1.81 23.88 -3.29
O1 EDO EA . 2.65 23.77 -2.11
C2 EDO EA . 0.52 24.23 -2.91
O2 EDO EA . 0.54 25.09 -1.88
C1 GOL FA . 19.32 24.80 23.17
O1 GOL FA . 20.29 24.67 22.12
C2 GOL FA . 18.77 23.56 23.44
O2 GOL FA . 19.18 23.10 24.64
C3 GOL FA . 18.06 23.22 22.52
O3 GOL FA . 17.38 23.25 21.27
C1 DIO GA . 23.38 20.18 6.37
C2 DIO GA . 24.18 22.12 5.53
C1' DIO GA . 23.68 19.40 5.08
C2' DIO GA . 24.48 21.43 4.18
O1 DIO GA . 24.29 21.29 6.50
O1' DIO GA . 24.76 20.04 4.40
C1 EDO HA . 28.94 19.90 1.14
O1 EDO HA . 28.77 19.35 -0.18
C2 EDO HA . 27.74 19.80 1.85
O2 EDO HA . 27.36 18.52 1.97
#